data_5Z7J
#
_entry.id   5Z7J
#
_cell.length_a   75.335
_cell.length_b   94.759
_cell.length_c   100.449
_cell.angle_alpha   90.730
_cell.angle_beta   92.360
_cell.angle_gamma   91.590
#
_symmetry.space_group_name_H-M   'P 1'
#
loop_
_entity.id
_entity.type
_entity.pdbx_description
1 polymer 'Lactonase for protein'
2 non-polymer (3S,7R,11E)-7,14,16-trihydroxy-3-methyl-3,4,5,6,7,8,9,10-octahydro-1H-2-benzoxacyclotetradecin-1-one
3 non-polymer DI(HYDROXYETHYL)ETHER
4 water water
#
_entity_poly.entity_id   1
_entity_poly.type   'polypeptide(L)'
_entity_poly.pdbx_seq_one_letter_code
;ATRTRGYVTTKDGIKWYYEQEGSGPDVVLIPDGLGECQMFDKPMSLIASNGFRVTTFDMPGMSRSSDAPPETYQDITGRK
LAGYIITLLDTLDIKIASVWGCASGASTVLALCSDYPERVRNGMPHEVPTENPDILLHIHEVDPATISQEMAANSRAASG
NVEAWDALGPEVHARLHDNYPRWAYGYPRTIPPSAPVKTEDLHKVPIDWTVGASTPTKLFFENIVIAAREGINIGTLPGN
HFPYVSHPEEFAKYVVETSRKYLK
;
_entity_poly.pdbx_strand_id   A,B,C,D,E,F,G,H
#
loop_
_chem_comp.id
_chem_comp.type
_chem_comp.name
_chem_comp.formula
36J non-polymer (3S,7R,11E)-7,14,16-trihydroxy-3-methyl-3,4,5,6,7,8,9,10-octahydro-1H-2-benzoxacyclotetradecin-1-one 'C18 H24 O5'
PEG non-polymer DI(HYDROXYETHYL)ETHER 'C4 H10 O3'
#
# COMPACT_ATOMS: atom_id res chain seq x y z
N THR A 2 -9.07 -2.76 -23.90
CA THR A 2 -7.86 -3.19 -23.19
C THR A 2 -8.12 -3.35 -21.69
N ARG A 3 -7.14 -3.86 -20.97
CA ARG A 3 -7.29 -4.09 -19.54
C ARG A 3 -7.37 -2.82 -18.70
N THR A 4 -8.46 -2.67 -17.96
CA THR A 4 -8.63 -1.53 -17.09
C THR A 4 -8.56 -2.00 -15.66
N ARG A 5 -7.97 -1.18 -14.80
CA ARG A 5 -7.82 -1.50 -13.39
C ARG A 5 -8.19 -0.27 -12.58
N GLY A 6 -8.99 -0.44 -11.54
CA GLY A 6 -9.39 0.68 -10.73
C GLY A 6 -10.28 0.35 -9.56
N TYR A 7 -10.95 1.37 -9.03
CA TYR A 7 -11.83 1.21 -7.91
C TYR A 7 -13.21 1.79 -8.15
N VAL A 8 -14.19 1.22 -7.47
CA VAL A 8 -15.55 1.69 -7.55
C VAL A 8 -16.18 1.43 -6.19
N THR A 9 -16.77 2.45 -5.61
CA THR A 9 -17.41 2.35 -4.32
C THR A 9 -18.90 2.15 -4.50
N THR A 10 -19.39 1.00 -4.08
CA THR A 10 -20.79 0.66 -4.21
C THR A 10 -21.56 1.27 -3.05
N LYS A 11 -22.89 1.21 -3.14
CA LYS A 11 -23.75 1.79 -2.10
C LYS A 11 -23.80 1.02 -0.79
N ASP A 12 -23.07 -0.09 -0.73
CA ASP A 12 -23.00 -0.85 0.52
C ASP A 12 -21.72 -0.50 1.28
N GLY A 13 -21.01 0.51 0.78
CA GLY A 13 -19.79 0.98 1.40
C GLY A 13 -18.49 0.33 0.95
N ILE A 14 -18.60 -0.74 0.17
CA ILE A 14 -17.41 -1.45 -0.29
C ILE A 14 -16.66 -0.70 -1.37
N LYS A 15 -15.36 -0.49 -1.16
CA LYS A 15 -14.54 0.15 -2.16
C LYS A 15 -13.85 -0.97 -2.93
N TRP A 16 -14.52 -1.45 -3.96
CA TRP A 16 -14.04 -2.55 -4.75
C TRP A 16 -12.86 -2.24 -5.66
N TYR A 17 -11.90 -3.15 -5.71
CA TYR A 17 -10.82 -3.02 -6.65
C TYR A 17 -11.26 -3.99 -7.73
N TYR A 18 -11.36 -3.53 -8.96
CA TYR A 18 -11.80 -4.42 -10.04
C TYR A 18 -11.05 -4.19 -11.33
N GLU A 19 -11.07 -5.21 -12.18
CA GLU A 19 -10.41 -5.15 -13.46
C GLU A 19 -11.39 -5.60 -14.54
N GLN A 20 -11.20 -5.08 -15.74
CA GLN A 20 -12.04 -5.43 -16.88
C GLN A 20 -11.22 -5.47 -18.16
N GLU A 21 -11.63 -6.31 -19.10
CA GLU A 21 -10.96 -6.43 -20.38
C GLU A 21 -11.89 -7.05 -21.42
N GLY A 22 -11.76 -6.59 -22.66
CA GLY A 22 -12.54 -7.12 -23.75
C GLY A 22 -13.87 -6.47 -24.03
N SER A 23 -14.50 -6.94 -25.09
CA SER A 23 -15.80 -6.45 -25.52
C SER A 23 -16.63 -7.67 -25.94
N GLY A 24 -17.92 -7.62 -25.68
CA GLY A 24 -18.80 -8.72 -26.02
C GLY A 24 -19.59 -9.14 -24.79
N PRO A 25 -20.17 -10.35 -24.83
CA PRO A 25 -20.95 -10.84 -23.68
C PRO A 25 -20.12 -10.88 -22.41
N ASP A 26 -20.78 -10.71 -21.27
CA ASP A 26 -20.09 -10.66 -19.99
C ASP A 26 -19.75 -11.98 -19.33
N VAL A 27 -18.53 -12.02 -18.80
CA VAL A 27 -18.00 -13.17 -18.07
C VAL A 27 -17.45 -12.62 -16.77
N VAL A 28 -17.92 -13.16 -15.66
CA VAL A 28 -17.46 -12.70 -14.35
C VAL A 28 -16.67 -13.80 -13.64
N LEU A 29 -15.47 -13.45 -13.20
CA LEU A 29 -14.60 -14.39 -12.53
C LEU A 29 -14.53 -14.06 -11.05
N ILE A 30 -15.31 -14.79 -10.27
CA ILE A 30 -15.33 -14.58 -8.85
C ILE A 30 -14.20 -15.35 -8.24
N PRO A 31 -13.33 -14.65 -7.52
CA PRO A 31 -12.21 -15.35 -6.91
C PRO A 31 -12.68 -16.30 -5.84
N ASP A 32 -11.73 -17.10 -5.37
CA ASP A 32 -11.98 -18.03 -4.30
C ASP A 32 -11.90 -17.27 -2.97
N GLY A 33 -11.97 -18.01 -1.87
CA GLY A 33 -11.95 -17.47 -0.53
C GLY A 33 -10.87 -16.45 -0.25
N LEU A 34 -9.72 -16.57 -0.90
CA LEU A 34 -8.62 -15.64 -0.69
C LEU A 34 -8.88 -14.25 -1.27
N GLY A 35 -9.87 -14.16 -2.16
CA GLY A 35 -10.30 -12.92 -2.77
C GLY A 35 -9.27 -12.10 -3.52
N GLU A 36 -8.30 -12.78 -4.12
CA GLU A 36 -7.22 -12.14 -4.86
C GLU A 36 -7.42 -12.32 -6.36
N CYS A 37 -7.90 -11.28 -7.03
CA CYS A 37 -8.20 -11.33 -8.46
C CYS A 37 -7.01 -11.33 -9.42
N GLN A 38 -5.81 -11.08 -8.90
CA GLN A 38 -4.60 -11.09 -9.73
C GLN A 38 -4.32 -12.51 -10.22
N MET A 39 -4.94 -13.48 -9.56
CA MET A 39 -4.79 -14.88 -9.93
C MET A 39 -5.41 -15.15 -11.29
N PHE A 40 -6.32 -14.28 -11.70
CA PHE A 40 -7.02 -14.41 -12.98
C PHE A 40 -6.36 -13.67 -14.15
N ASP A 41 -5.33 -12.89 -13.85
CA ASP A 41 -4.64 -12.08 -14.84
C ASP A 41 -4.43 -12.77 -16.19
N LYS A 42 -3.62 -13.83 -16.18
CA LYS A 42 -3.30 -14.58 -17.38
C LYS A 42 -4.52 -15.09 -18.14
N PRO A 43 -5.36 -15.89 -17.49
CA PRO A 43 -6.54 -16.42 -18.18
C PRO A 43 -7.49 -15.31 -18.61
N MET A 44 -7.51 -14.21 -17.88
CA MET A 44 -8.38 -13.10 -18.21
C MET A 44 -8.12 -12.56 -19.61
N SER A 45 -6.85 -12.43 -19.97
CA SER A 45 -6.51 -11.94 -21.29
C SER A 45 -6.96 -12.93 -22.34
N LEU A 46 -6.76 -14.21 -22.07
CA LEU A 46 -7.13 -15.27 -22.99
C LEU A 46 -8.63 -15.29 -23.25
N ILE A 47 -9.41 -15.17 -22.18
CA ILE A 47 -10.85 -15.18 -22.32
C ILE A 47 -11.35 -13.96 -23.07
N ALA A 48 -10.82 -12.79 -22.69
CA ALA A 48 -11.18 -11.50 -23.28
C ALA A 48 -10.91 -11.45 -24.77
N SER A 49 -9.84 -12.11 -25.20
CA SER A 49 -9.46 -12.13 -26.60
C SER A 49 -10.35 -13.05 -27.42
N ASN A 50 -11.28 -13.73 -26.75
CA ASN A 50 -12.17 -14.64 -27.43
C ASN A 50 -13.59 -14.09 -27.58
N GLY A 51 -13.71 -12.76 -27.56
CA GLY A 51 -14.99 -12.11 -27.72
C GLY A 51 -15.87 -11.92 -26.50
N PHE A 52 -15.27 -11.83 -25.33
CA PHE A 52 -16.02 -11.65 -24.09
C PHE A 52 -15.52 -10.46 -23.29
N ARG A 53 -16.42 -9.83 -22.55
CA ARG A 53 -16.01 -8.75 -21.68
C ARG A 53 -15.85 -9.44 -20.33
N VAL A 54 -14.63 -9.50 -19.84
CA VAL A 54 -14.33 -10.14 -18.58
C VAL A 54 -14.21 -9.15 -17.43
N THR A 55 -14.79 -9.51 -16.30
CA THR A 55 -14.75 -8.68 -15.12
C THR A 55 -14.31 -9.50 -13.92
N THR A 56 -13.35 -8.98 -13.17
CA THR A 56 -12.90 -9.62 -11.96
C THR A 56 -12.63 -8.54 -10.92
N PHE A 57 -12.46 -8.96 -9.67
CA PHE A 57 -12.29 -8.03 -8.57
C PHE A 57 -11.85 -8.74 -7.30
N ASP A 58 -11.19 -8.00 -6.42
CA ASP A 58 -10.79 -8.56 -5.14
C ASP A 58 -12.07 -8.58 -4.30
N MET A 59 -12.20 -9.58 -3.45
CA MET A 59 -13.39 -9.71 -2.63
C MET A 59 -13.36 -8.74 -1.45
N PRO A 60 -14.54 -8.38 -0.94
CA PRO A 60 -14.69 -7.43 0.17
C PRO A 60 -13.81 -7.75 1.36
N GLY A 61 -13.01 -6.78 1.75
CA GLY A 61 -12.10 -6.92 2.87
C GLY A 61 -10.78 -7.58 2.53
N MET A 62 -10.69 -8.13 1.34
CA MET A 62 -9.49 -8.83 0.88
C MET A 62 -8.69 -8.02 -0.11
N SER A 63 -7.38 -8.16 0.00
CA SER A 63 -6.43 -7.49 -0.87
C SER A 63 -6.75 -6.03 -1.10
N ARG A 64 -6.84 -5.64 -2.36
CA ARG A 64 -7.12 -4.25 -2.73
C ARG A 64 -8.53 -3.77 -2.48
N SER A 65 -9.42 -4.69 -2.12
CA SER A 65 -10.80 -4.35 -1.81
C SER A 65 -10.95 -4.31 -0.28
N SER A 66 -9.84 -4.07 0.39
CA SER A 66 -9.80 -4.05 1.85
C SER A 66 -10.56 -2.91 2.51
N ASP A 67 -10.76 -1.82 1.80
CA ASP A 67 -11.49 -0.69 2.36
C ASP A 67 -12.98 -0.94 2.24
N ALA A 68 -13.48 -1.79 3.12
CA ALA A 68 -14.88 -2.17 3.13
C ALA A 68 -15.37 -2.32 4.56
N PRO A 69 -16.67 -2.16 4.77
CA PRO A 69 -17.21 -2.30 6.12
C PRO A 69 -16.93 -3.69 6.66
N PRO A 70 -16.65 -3.78 7.98
CA PRO A 70 -16.37 -5.03 8.69
C PRO A 70 -17.40 -6.10 8.40
N GLU A 71 -18.65 -5.68 8.29
CA GLU A 71 -19.76 -6.58 8.03
C GLU A 71 -19.61 -7.38 6.72
N THR A 72 -18.96 -6.78 5.73
CA THR A 72 -18.80 -7.43 4.42
C THR A 72 -17.82 -8.59 4.35
N TYR A 73 -17.14 -8.88 5.46
CA TYR A 73 -16.22 -10.00 5.48
C TYR A 73 -16.34 -10.84 6.74
N GLN A 74 -17.50 -10.79 7.36
CA GLN A 74 -17.76 -11.53 8.58
C GLN A 74 -19.02 -12.37 8.40
N ASP A 75 -19.02 -13.57 8.97
CA ASP A 75 -20.15 -14.49 8.86
C ASP A 75 -20.56 -14.63 7.40
N ILE A 76 -19.58 -14.91 6.56
CA ILE A 76 -19.77 -15.01 5.12
C ILE A 76 -20.45 -16.28 4.65
N THR A 77 -21.36 -16.11 3.71
CA THR A 77 -22.10 -17.18 3.08
C THR A 77 -22.19 -16.89 1.60
N GLY A 78 -22.51 -17.91 0.81
CA GLY A 78 -22.64 -17.73 -0.61
C GLY A 78 -23.66 -16.65 -0.93
N ARG A 79 -24.80 -16.70 -0.27
CA ARG A 79 -25.87 -15.72 -0.50
C ARG A 79 -25.45 -14.31 -0.09
N LYS A 80 -24.71 -14.20 0.99
CA LYS A 80 -24.24 -12.91 1.46
C LYS A 80 -23.34 -12.27 0.40
N LEU A 81 -22.39 -13.06 -0.10
CA LEU A 81 -21.48 -12.58 -1.13
C LEU A 81 -22.26 -12.25 -2.41
N ALA A 82 -23.26 -13.07 -2.71
CA ALA A 82 -24.08 -12.87 -3.90
C ALA A 82 -24.69 -11.47 -3.91
N GLY A 83 -25.22 -11.06 -2.77
CA GLY A 83 -25.83 -9.75 -2.63
C GLY A 83 -24.85 -8.66 -2.99
N TYR A 84 -23.63 -8.76 -2.47
CA TYR A 84 -22.61 -7.77 -2.76
C TYR A 84 -22.29 -7.79 -4.25
N ILE A 85 -22.15 -8.99 -4.82
CA ILE A 85 -21.84 -9.12 -6.24
C ILE A 85 -22.89 -8.43 -7.10
N ILE A 86 -24.16 -8.66 -6.79
CA ILE A 86 -25.25 -8.06 -7.55
C ILE A 86 -25.17 -6.54 -7.54
N THR A 87 -24.89 -5.98 -6.37
CA THR A 87 -24.76 -4.54 -6.24
C THR A 87 -23.64 -4.03 -7.13
N LEU A 88 -22.54 -4.78 -7.16
CA LEU A 88 -21.40 -4.40 -7.97
C LEU A 88 -21.75 -4.49 -9.44
N LEU A 89 -22.40 -5.58 -9.83
CA LEU A 89 -22.82 -5.77 -11.21
C LEU A 89 -23.75 -4.64 -11.63
N ASP A 90 -24.65 -4.25 -10.74
CA ASP A 90 -25.59 -3.17 -11.03
C ASP A 90 -24.85 -1.88 -11.35
N THR A 91 -23.84 -1.56 -10.53
CA THR A 91 -23.06 -0.36 -10.73
C THR A 91 -22.20 -0.38 -11.99
N LEU A 92 -21.81 -1.56 -12.43
CA LEU A 92 -20.97 -1.69 -13.61
C LEU A 92 -21.80 -1.94 -14.86
N ASP A 93 -23.11 -1.92 -14.69
CA ASP A 93 -24.06 -2.15 -15.76
C ASP A 93 -23.89 -3.49 -16.46
N ILE A 94 -23.69 -4.54 -15.68
CA ILE A 94 -23.57 -5.88 -16.22
C ILE A 94 -24.92 -6.51 -15.97
N LYS A 95 -25.74 -6.61 -17.02
CA LYS A 95 -27.08 -7.16 -16.90
C LYS A 95 -27.15 -8.67 -16.71
N ILE A 96 -26.35 -9.39 -17.48
CA ILE A 96 -26.32 -10.84 -17.42
C ILE A 96 -24.91 -11.31 -17.71
N ALA A 97 -24.48 -12.38 -17.04
CA ALA A 97 -23.13 -12.85 -17.24
C ALA A 97 -22.94 -14.33 -16.99
N SER A 98 -21.88 -14.86 -17.58
CA SER A 98 -21.49 -16.24 -17.38
C SER A 98 -20.62 -16.07 -16.15
N VAL A 99 -20.90 -16.80 -15.08
CA VAL A 99 -20.16 -16.63 -13.84
C VAL A 99 -19.34 -17.83 -13.38
N TRP A 100 -18.06 -17.59 -13.12
CA TRP A 100 -17.15 -18.62 -12.65
C TRP A 100 -16.82 -18.39 -11.16
N GLY A 101 -16.67 -19.46 -10.41
CA GLY A 101 -16.31 -19.34 -9.02
C GLY A 101 -15.82 -20.62 -8.36
N CYS A 102 -14.77 -20.50 -7.57
CA CYS A 102 -14.22 -21.64 -6.85
C CYS A 102 -14.39 -21.43 -5.35
N ALA A 103 -14.50 -22.53 -4.62
CA ALA A 103 -14.65 -22.52 -3.17
C ALA A 103 -15.79 -21.61 -2.77
N SER A 104 -15.51 -20.56 -2.01
CA SER A 104 -16.54 -19.62 -1.59
C SER A 104 -17.10 -18.91 -2.81
N GLY A 105 -16.26 -18.79 -3.84
CA GLY A 105 -16.67 -18.18 -5.08
C GLY A 105 -17.72 -19.05 -5.73
N ALA A 106 -17.52 -20.37 -5.62
CA ALA A 106 -18.44 -21.36 -6.17
C ALA A 106 -19.77 -21.29 -5.44
N SER A 107 -19.71 -21.10 -4.12
CA SER A 107 -20.92 -20.98 -3.31
C SER A 107 -21.69 -19.76 -3.77
N THR A 108 -20.96 -18.70 -4.11
CA THR A 108 -21.57 -17.48 -4.57
C THR A 108 -22.27 -17.71 -5.91
N VAL A 109 -21.59 -18.40 -6.81
CA VAL A 109 -22.15 -18.71 -8.12
C VAL A 109 -23.52 -19.39 -7.98
N LEU A 110 -23.57 -20.42 -7.14
CA LEU A 110 -24.79 -21.17 -6.91
C LEU A 110 -25.86 -20.32 -6.25
N ALA A 111 -25.43 -19.39 -5.41
CA ALA A 111 -26.36 -18.49 -4.75
C ALA A 111 -26.95 -17.56 -5.81
N LEU A 112 -26.13 -17.20 -6.78
CA LEU A 112 -26.56 -16.34 -7.88
C LEU A 112 -27.54 -17.07 -8.76
N CYS A 113 -27.25 -18.33 -9.04
CA CYS A 113 -28.11 -19.17 -9.89
C CYS A 113 -29.46 -19.40 -9.25
N SER A 114 -29.46 -19.51 -7.93
CA SER A 114 -30.67 -19.79 -7.17
C SER A 114 -31.53 -18.57 -6.86
N ASP A 115 -30.90 -17.48 -6.43
CA ASP A 115 -31.62 -16.29 -6.04
C ASP A 115 -31.67 -15.15 -7.04
N TYR A 116 -30.77 -15.17 -8.01
CA TYR A 116 -30.71 -14.13 -9.02
C TYR A 116 -30.49 -14.73 -10.41
N PRO A 117 -31.30 -15.73 -10.78
CA PRO A 117 -31.22 -16.46 -12.04
C PRO A 117 -31.29 -15.55 -13.26
N GLU A 118 -31.98 -14.43 -13.10
CA GLU A 118 -32.13 -13.47 -14.17
C GLU A 118 -30.83 -12.76 -14.54
N ARG A 119 -29.84 -12.84 -13.66
CA ARG A 119 -28.55 -12.20 -13.90
C ARG A 119 -27.49 -13.19 -14.36
N VAL A 120 -27.84 -14.47 -14.38
CA VAL A 120 -26.90 -15.50 -14.76
C VAL A 120 -27.23 -16.20 -16.07
N ARG A 121 -26.29 -16.17 -17.01
CA ARG A 121 -26.46 -16.85 -18.28
C ARG A 121 -26.20 -18.34 -18.04
N ASN A 122 -25.15 -18.61 -17.29
CA ASN A 122 -24.75 -19.96 -16.93
C ASN A 122 -23.74 -19.85 -15.80
N GLY A 123 -23.79 -20.80 -14.88
CA GLY A 123 -22.89 -20.80 -13.74
C GLY A 123 -21.81 -21.86 -13.85
N MET A 124 -20.59 -21.50 -13.48
CA MET A 124 -19.48 -22.43 -13.53
C MET A 124 -18.85 -22.54 -12.15
N PRO A 125 -19.47 -23.34 -11.28
CA PRO A 125 -18.95 -23.55 -9.93
C PRO A 125 -17.82 -24.57 -9.93
N HIS A 126 -16.84 -24.35 -9.07
CA HIS A 126 -15.71 -25.24 -8.95
C HIS A 126 -15.42 -25.49 -7.48
N GLU A 127 -15.48 -26.76 -7.09
CA GLU A 127 -15.22 -27.18 -5.72
C GLU A 127 -16.00 -26.38 -4.69
N VAL A 128 -17.30 -26.65 -4.62
CA VAL A 128 -18.17 -25.99 -3.67
C VAL A 128 -17.95 -26.64 -2.30
N PRO A 129 -17.60 -25.84 -1.30
CA PRO A 129 -17.40 -26.43 0.04
C PRO A 129 -18.71 -26.84 0.70
N THR A 130 -18.83 -28.12 1.03
CA THR A 130 -20.02 -28.62 1.69
C THR A 130 -19.68 -29.14 3.09
N GLU A 131 -18.39 -29.36 3.31
CA GLU A 131 -17.87 -29.82 4.58
C GLU A 131 -16.40 -29.46 4.61
N ASN A 132 -16.00 -28.64 5.58
CA ASN A 132 -14.62 -28.21 5.69
C ASN A 132 -13.67 -29.34 6.01
N PRO A 133 -12.50 -29.35 5.35
CA PRO A 133 -11.53 -30.42 5.57
C PRO A 133 -10.95 -30.32 6.97
N ASP A 134 -10.29 -31.40 7.38
CA ASP A 134 -9.67 -31.53 8.69
C ASP A 134 -8.74 -30.37 9.02
N ILE A 135 -7.93 -29.97 8.05
CA ILE A 135 -6.95 -28.90 8.25
C ILE A 135 -7.52 -27.52 8.60
N LEU A 136 -8.81 -27.30 8.36
CA LEU A 136 -9.41 -26.00 8.64
C LEU A 136 -10.30 -25.99 9.89
N LEU A 137 -10.31 -27.08 10.63
CA LEU A 137 -11.14 -27.19 11.83
C LEU A 137 -10.85 -26.16 12.91
N HIS A 138 -9.57 -25.96 13.23
CA HIS A 138 -9.18 -25.05 14.29
C HIS A 138 -8.30 -23.89 13.81
N ILE A 139 -8.33 -23.61 12.51
CA ILE A 139 -7.50 -22.57 11.94
C ILE A 139 -7.54 -21.21 12.66
N HIS A 140 -8.73 -20.80 13.10
CA HIS A 140 -8.90 -19.52 13.78
C HIS A 140 -8.41 -19.51 15.23
N GLU A 141 -8.11 -20.68 15.77
CA GLU A 141 -7.67 -20.78 17.16
C GLU A 141 -6.20 -20.50 17.42
N VAL A 142 -5.46 -20.12 16.39
CA VAL A 142 -4.05 -19.83 16.57
C VAL A 142 -3.73 -18.41 16.22
N ASP A 143 -2.52 -17.97 16.53
CA ASP A 143 -2.07 -16.62 16.24
C ASP A 143 -2.24 -16.32 14.76
N PRO A 144 -2.51 -15.04 14.43
CA PRO A 144 -2.66 -14.63 13.03
C PRO A 144 -1.46 -15.01 12.18
N ALA A 145 -0.25 -14.88 12.72
CA ALA A 145 0.96 -15.22 11.98
C ALA A 145 0.99 -16.71 11.64
N THR A 146 0.49 -17.52 12.56
CA THR A 146 0.43 -18.95 12.37
C THR A 146 -0.61 -19.28 11.31
N ILE A 147 -1.70 -18.53 11.29
CA ILE A 147 -2.75 -18.74 10.32
C ILE A 147 -2.19 -18.49 8.93
N SER A 148 -1.46 -17.39 8.77
CA SER A 148 -0.86 -17.04 7.50
C SER A 148 0.15 -18.09 7.07
N GLN A 149 0.96 -18.55 8.01
CA GLN A 149 1.96 -19.56 7.72
C GLN A 149 1.29 -20.85 7.26
N GLU A 150 0.35 -21.33 8.06
CA GLU A 150 -0.35 -22.58 7.74
C GLU A 150 -1.18 -22.50 6.47
N MET A 151 -1.94 -21.42 6.31
CA MET A 151 -2.78 -21.27 5.13
C MET A 151 -1.97 -21.04 3.87
N ALA A 152 -0.80 -20.43 4.01
CA ALA A 152 0.07 -20.20 2.88
C ALA A 152 0.59 -21.56 2.41
N ALA A 153 0.88 -22.44 3.35
CA ALA A 153 1.34 -23.77 3.03
C ALA A 153 0.19 -24.61 2.49
N ASN A 154 -0.98 -24.53 3.11
CA ASN A 154 -2.14 -25.28 2.67
C ASN A 154 -2.54 -24.91 1.25
N SER A 155 -2.52 -23.62 0.96
CA SER A 155 -2.89 -23.12 -0.36
C SER A 155 -1.89 -23.55 -1.42
N ARG A 156 -0.62 -23.40 -1.11
CA ARG A 156 0.46 -23.78 -2.02
C ARG A 156 0.36 -25.27 -2.34
N ALA A 157 0.02 -26.06 -1.33
CA ALA A 157 -0.11 -27.51 -1.50
C ALA A 157 -1.29 -27.88 -2.39
N ALA A 158 -2.33 -27.06 -2.37
CA ALA A 158 -3.51 -27.31 -3.18
C ALA A 158 -3.51 -26.46 -4.43
N SER A 159 -2.37 -25.86 -4.74
CA SER A 159 -2.25 -24.98 -5.88
C SER A 159 -2.39 -25.67 -7.23
N GLY A 160 -1.96 -26.92 -7.30
CA GLY A 160 -2.03 -27.69 -8.53
C GLY A 160 -0.76 -27.54 -9.36
N ASN A 161 0.08 -26.60 -8.94
CA ASN A 161 1.33 -26.30 -9.61
C ASN A 161 2.06 -25.29 -8.72
N VAL A 162 2.96 -25.78 -7.88
CA VAL A 162 3.70 -24.92 -6.95
C VAL A 162 4.57 -23.86 -7.63
N GLU A 163 5.09 -24.16 -8.80
CA GLU A 163 5.92 -23.20 -9.52
C GLU A 163 5.03 -22.04 -9.99
N ALA A 164 3.86 -22.38 -10.53
CA ALA A 164 2.94 -21.35 -10.99
C ALA A 164 2.42 -20.57 -9.79
N TRP A 165 2.15 -21.28 -8.70
CA TRP A 165 1.66 -20.67 -7.47
C TRP A 165 2.67 -19.63 -7.03
N ASP A 166 3.90 -20.08 -6.87
CA ASP A 166 5.02 -19.25 -6.44
C ASP A 166 5.18 -18.08 -7.39
N ALA A 167 4.97 -18.37 -8.67
CA ALA A 167 5.09 -17.42 -9.76
C ALA A 167 3.98 -16.39 -9.83
N LEU A 168 3.12 -16.38 -8.82
CA LEU A 168 2.09 -15.37 -8.72
C LEU A 168 2.76 -14.04 -8.34
N GLY A 169 3.94 -14.13 -7.75
CA GLY A 169 4.70 -12.95 -7.39
C GLY A 169 4.67 -12.53 -5.94
N PRO A 170 5.66 -11.75 -5.52
CA PRO A 170 5.79 -11.26 -4.15
C PRO A 170 4.65 -10.34 -3.75
N GLU A 171 4.21 -9.50 -4.67
CA GLU A 171 3.11 -8.58 -4.38
C GLU A 171 1.87 -9.36 -3.98
N VAL A 172 1.50 -10.32 -4.81
CA VAL A 172 0.33 -11.13 -4.55
C VAL A 172 0.46 -11.86 -3.23
N HIS A 173 1.59 -12.52 -3.02
CA HIS A 173 1.80 -13.27 -1.79
C HIS A 173 1.83 -12.40 -0.53
N ALA A 174 2.20 -11.14 -0.67
CA ALA A 174 2.20 -10.24 0.46
C ALA A 174 0.73 -9.96 0.79
N ARG A 175 -0.07 -9.70 -0.23
CA ARG A 175 -1.49 -9.43 -0.05
C ARG A 175 -2.19 -10.64 0.56
N LEU A 176 -1.85 -11.82 0.08
CA LEU A 176 -2.44 -13.06 0.59
C LEU A 176 -2.11 -13.25 2.06
N HIS A 177 -0.91 -12.84 2.44
CA HIS A 177 -0.46 -12.94 3.81
C HIS A 177 -1.46 -12.29 4.77
N ASP A 178 -1.87 -11.08 4.45
CA ASP A 178 -2.83 -10.35 5.28
C ASP A 178 -4.25 -10.88 5.13
N ASN A 179 -4.54 -11.54 4.01
CA ASN A 179 -5.87 -12.08 3.78
C ASN A 179 -6.19 -13.34 4.58
N TYR A 180 -5.20 -14.18 4.78
CA TYR A 180 -5.40 -15.45 5.47
C TYR A 180 -6.17 -15.37 6.78
N PRO A 181 -5.72 -14.53 7.72
CA PRO A 181 -6.43 -14.42 9.00
C PRO A 181 -7.87 -13.95 8.83
N ARG A 182 -8.09 -12.93 8.01
CA ARG A 182 -9.42 -12.41 7.77
C ARG A 182 -10.33 -13.49 7.20
N TRP A 183 -9.82 -14.24 6.22
CA TRP A 183 -10.57 -15.31 5.60
C TRP A 183 -10.95 -16.35 6.65
N ALA A 184 -9.98 -16.74 7.47
CA ALA A 184 -10.19 -17.75 8.50
C ALA A 184 -11.32 -17.37 9.47
N TYR A 185 -11.35 -16.11 9.85
CA TYR A 185 -12.35 -15.63 10.80
C TYR A 185 -13.77 -15.54 10.25
N GLY A 186 -13.92 -15.23 8.97
CA GLY A 186 -15.26 -15.09 8.42
C GLY A 186 -15.77 -16.06 7.38
N TYR A 187 -14.93 -16.93 6.86
CA TYR A 187 -15.35 -17.85 5.80
C TYR A 187 -15.59 -19.34 6.12
N PRO A 188 -14.52 -20.07 6.47
CA PRO A 188 -14.59 -21.53 6.69
C PRO A 188 -15.71 -22.07 7.57
N ARG A 189 -16.09 -21.38 8.63
CA ARG A 189 -17.13 -21.88 9.50
C ARG A 189 -18.55 -21.70 8.97
N THR A 190 -18.77 -20.64 8.21
CA THR A 190 -20.09 -20.34 7.69
C THR A 190 -20.33 -20.66 6.21
N ILE A 191 -19.29 -20.75 5.42
CA ILE A 191 -19.44 -21.04 4.00
C ILE A 191 -20.07 -22.41 3.69
N PRO A 192 -19.51 -23.48 4.23
CA PRO A 192 -19.97 -24.85 3.99
C PRO A 192 -21.44 -25.13 4.30
N PRO A 193 -21.91 -24.77 5.49
CA PRO A 193 -23.31 -25.02 5.86
C PRO A 193 -24.31 -24.26 5.02
N SER A 194 -23.88 -23.18 4.39
CA SER A 194 -24.74 -22.35 3.58
C SER A 194 -24.72 -22.68 2.09
N ALA A 195 -24.00 -23.74 1.73
CA ALA A 195 -23.88 -24.12 0.34
C ALA A 195 -25.25 -24.29 -0.31
N PRO A 196 -25.51 -23.54 -1.38
CA PRO A 196 -26.80 -23.66 -2.07
C PRO A 196 -26.77 -24.84 -3.03
N VAL A 197 -26.81 -26.04 -2.47
CA VAL A 197 -26.77 -27.25 -3.26
C VAL A 197 -28.04 -28.08 -3.15
N LYS A 198 -29.11 -27.45 -2.70
CA LYS A 198 -30.40 -28.12 -2.63
C LYS A 198 -30.97 -28.15 -4.05
N THR A 199 -31.89 -29.06 -4.28
CA THR A 199 -32.53 -29.21 -5.57
C THR A 199 -33.11 -27.89 -6.04
N GLU A 200 -33.72 -27.15 -5.13
CA GLU A 200 -34.35 -25.88 -5.44
C GLU A 200 -33.36 -24.81 -5.91
N ASP A 201 -32.07 -25.00 -5.65
CA ASP A 201 -31.07 -24.03 -6.04
C ASP A 201 -30.40 -24.29 -7.38
N LEU A 202 -30.55 -25.51 -7.89
CA LEU A 202 -29.79 -25.89 -9.08
C LEU A 202 -30.47 -26.05 -10.44
N HIS A 203 -31.70 -25.60 -10.62
CA HIS A 203 -32.33 -25.82 -11.91
C HIS A 203 -32.86 -24.59 -12.63
N LYS A 204 -32.61 -23.41 -12.09
CA LYS A 204 -33.09 -22.19 -12.71
C LYS A 204 -32.29 -21.77 -13.93
N VAL A 205 -30.98 -22.02 -13.90
CA VAL A 205 -30.11 -21.66 -15.01
C VAL A 205 -29.11 -22.76 -15.29
N PRO A 206 -28.56 -22.79 -16.50
CA PRO A 206 -27.59 -23.83 -16.84
C PRO A 206 -26.36 -23.78 -15.93
N ILE A 207 -25.90 -24.94 -15.50
CA ILE A 207 -24.74 -25.05 -14.63
C ILE A 207 -23.76 -26.09 -15.15
N ASP A 208 -22.48 -25.75 -15.13
CA ASP A 208 -21.43 -26.68 -15.54
C ASP A 208 -20.47 -26.73 -14.36
N TRP A 209 -20.54 -27.85 -13.64
CA TRP A 209 -19.77 -28.08 -12.42
C TRP A 209 -18.43 -28.76 -12.65
N THR A 210 -17.42 -28.33 -11.90
CA THR A 210 -16.10 -28.92 -12.00
C THR A 210 -15.42 -29.11 -10.64
N VAL A 211 -14.45 -30.01 -10.61
CA VAL A 211 -13.65 -30.29 -9.43
C VAL A 211 -12.23 -30.55 -9.93
N GLY A 212 -11.24 -30.31 -9.09
CA GLY A 212 -9.86 -30.50 -9.48
C GLY A 212 -9.56 -31.94 -9.80
N ALA A 213 -8.89 -32.15 -10.93
CA ALA A 213 -8.53 -33.49 -11.36
C ALA A 213 -7.57 -34.17 -10.40
N SER A 214 -6.69 -33.38 -9.79
CA SER A 214 -5.70 -33.89 -8.85
C SER A 214 -6.11 -33.71 -7.39
N THR A 215 -7.26 -33.08 -7.18
CA THR A 215 -7.77 -32.87 -5.85
C THR A 215 -8.14 -34.23 -5.28
N PRO A 216 -7.74 -34.50 -4.04
CA PRO A 216 -8.10 -35.78 -3.42
C PRO A 216 -9.59 -35.96 -3.48
N THR A 217 -10.04 -37.12 -3.95
CA THR A 217 -11.45 -37.45 -4.10
C THR A 217 -12.38 -36.98 -2.98
N LYS A 218 -12.07 -37.33 -1.75
CA LYS A 218 -12.92 -36.99 -0.61
C LYS A 218 -13.27 -35.52 -0.45
N LEU A 219 -12.31 -34.65 -0.70
CA LEU A 219 -12.49 -33.21 -0.55
C LEU A 219 -13.78 -32.64 -1.14
N PHE A 220 -14.03 -32.90 -2.41
CA PHE A 220 -15.23 -32.39 -3.04
C PHE A 220 -16.09 -33.48 -3.66
N PHE A 221 -15.95 -34.67 -3.09
CA PHE A 221 -16.68 -35.86 -3.49
C PHE A 221 -18.16 -35.58 -3.61
N GLU A 222 -18.72 -34.92 -2.60
CA GLU A 222 -20.14 -34.61 -2.58
C GLU A 222 -20.59 -33.73 -3.76
N ASN A 223 -19.69 -32.89 -4.26
CA ASN A 223 -19.99 -32.04 -5.41
C ASN A 223 -20.38 -32.92 -6.59
N ILE A 224 -19.55 -33.92 -6.85
CA ILE A 224 -19.76 -34.84 -7.96
C ILE A 224 -21.07 -35.60 -7.85
N VAL A 225 -21.32 -36.16 -6.67
CA VAL A 225 -22.54 -36.92 -6.44
C VAL A 225 -23.77 -36.03 -6.58
N ILE A 226 -23.73 -34.83 -6.02
CA ILE A 226 -24.85 -33.92 -6.10
C ILE A 226 -25.16 -33.55 -7.55
N ALA A 227 -24.13 -33.20 -8.30
CA ALA A 227 -24.30 -32.83 -9.70
C ALA A 227 -24.89 -33.99 -10.51
N ALA A 228 -24.31 -35.17 -10.36
CA ALA A 228 -24.75 -36.35 -11.07
C ALA A 228 -26.19 -36.68 -10.75
N ARG A 229 -26.54 -36.62 -9.47
CA ARG A 229 -27.89 -36.91 -9.03
C ARG A 229 -28.92 -35.92 -9.59
N GLU A 230 -28.50 -34.66 -9.73
CA GLU A 230 -29.38 -33.62 -10.25
C GLU A 230 -29.31 -33.48 -11.76
N GLY A 231 -28.53 -34.33 -12.41
CA GLY A 231 -28.39 -34.29 -13.85
C GLY A 231 -27.70 -33.05 -14.38
N ILE A 232 -26.73 -32.55 -13.63
CA ILE A 232 -25.97 -31.37 -14.00
C ILE A 232 -24.61 -31.80 -14.54
N ASN A 233 -24.16 -31.12 -15.59
CA ASN A 233 -22.87 -31.41 -16.19
C ASN A 233 -21.78 -31.34 -15.13
N ILE A 234 -20.99 -32.39 -15.03
CA ILE A 234 -19.92 -32.44 -14.05
C ILE A 234 -18.69 -33.08 -14.65
N GLY A 235 -17.55 -32.43 -14.43
CA GLY A 235 -16.29 -32.92 -14.95
C GLY A 235 -15.14 -32.39 -14.14
N THR A 236 -13.94 -32.63 -14.61
CA THR A 236 -12.76 -32.17 -13.92
C THR A 236 -11.96 -31.20 -14.76
N LEU A 237 -11.17 -30.39 -14.08
CA LEU A 237 -10.25 -29.47 -14.72
C LEU A 237 -8.87 -29.86 -14.22
N PRO A 238 -7.85 -29.64 -15.05
CA PRO A 238 -6.50 -30.01 -14.57
C PRO A 238 -6.17 -29.24 -13.31
N GLY A 239 -5.30 -29.80 -12.49
CA GLY A 239 -4.90 -29.14 -11.27
C GLY A 239 -5.76 -29.46 -10.07
N ASN A 240 -5.79 -28.53 -9.13
CA ASN A 240 -6.55 -28.72 -7.91
C ASN A 240 -7.58 -27.62 -7.63
N HIS A 241 -7.28 -26.77 -6.66
CA HIS A 241 -8.16 -25.71 -6.22
C HIS A 241 -8.05 -24.39 -6.99
N PHE A 242 -6.94 -24.19 -7.67
CA PHE A 242 -6.72 -22.96 -8.41
C PHE A 242 -6.34 -23.23 -9.87
N PRO A 243 -7.29 -23.76 -10.66
CA PRO A 243 -7.09 -24.09 -12.06
C PRO A 243 -6.72 -22.88 -12.90
N TYR A 244 -7.13 -21.70 -12.46
CA TYR A 244 -6.81 -20.47 -13.19
C TYR A 244 -5.36 -20.05 -13.03
N VAL A 245 -4.69 -20.63 -12.04
CA VAL A 245 -3.29 -20.34 -11.78
C VAL A 245 -2.44 -21.48 -12.29
N SER A 246 -2.83 -22.70 -11.96
CA SER A 246 -2.08 -23.87 -12.36
C SER A 246 -2.13 -24.14 -13.86
N HIS A 247 -3.31 -23.99 -14.46
CA HIS A 247 -3.49 -24.25 -15.88
C HIS A 247 -4.32 -23.17 -16.55
N PRO A 248 -3.77 -21.96 -16.66
CA PRO A 248 -4.49 -20.83 -17.24
C PRO A 248 -5.02 -21.07 -18.65
N GLU A 249 -4.24 -21.72 -19.50
CA GLU A 249 -4.66 -21.99 -20.87
C GLU A 249 -5.90 -22.90 -20.91
N GLU A 250 -5.84 -23.99 -20.16
CA GLU A 250 -6.92 -24.96 -20.09
C GLU A 250 -8.14 -24.34 -19.41
N PHE A 251 -7.88 -23.50 -18.41
CA PHE A 251 -8.95 -22.84 -17.68
C PHE A 251 -9.69 -21.89 -18.63
N ALA A 252 -8.93 -21.05 -19.33
CA ALA A 252 -9.50 -20.09 -20.27
C ALA A 252 -10.33 -20.79 -21.34
N LYS A 253 -9.80 -21.89 -21.87
CA LYS A 253 -10.50 -22.65 -22.88
C LYS A 253 -11.84 -23.14 -22.35
N TYR A 254 -11.85 -23.65 -21.14
CA TYR A 254 -13.08 -24.16 -20.53
C TYR A 254 -14.12 -23.07 -20.35
N VAL A 255 -13.70 -21.92 -19.81
CA VAL A 255 -14.61 -20.82 -19.60
C VAL A 255 -15.18 -20.31 -20.92
N VAL A 256 -14.32 -20.21 -21.93
CA VAL A 256 -14.76 -19.73 -23.23
C VAL A 256 -15.78 -20.67 -23.88
N GLU A 257 -15.40 -21.93 -24.05
CA GLU A 257 -16.27 -22.92 -24.67
C GLU A 257 -17.59 -23.10 -23.92
N THR A 258 -17.50 -23.25 -22.61
CA THR A 258 -18.69 -23.44 -21.78
C THR A 258 -19.64 -22.26 -21.90
N SER A 259 -19.10 -21.05 -21.79
CA SER A 259 -19.93 -19.85 -21.88
C SER A 259 -20.48 -19.66 -23.28
N ARG A 260 -19.63 -19.89 -24.26
CA ARG A 260 -19.98 -19.73 -25.67
C ARG A 260 -21.18 -20.56 -26.08
N LYS A 261 -21.31 -21.75 -25.51
CA LYS A 261 -22.41 -22.64 -25.88
C LYS A 261 -23.80 -22.19 -25.44
N TYR A 262 -23.88 -21.23 -24.53
CA TYR A 262 -25.17 -20.75 -24.07
C TYR A 262 -25.56 -19.42 -24.69
N LEU A 263 -24.64 -18.83 -25.46
CA LEU A 263 -24.90 -17.55 -26.10
C LEU A 263 -26.01 -17.65 -27.13
N LYS A 264 -26.80 -16.59 -27.25
CA LYS A 264 -27.88 -16.57 -28.21
C LYS A 264 -28.18 -15.16 -28.69
N THR B 2 -23.43 -28.12 47.40
CA THR B 2 -23.46 -27.11 48.45
C THR B 2 -22.26 -26.20 48.33
N ARG B 3 -22.39 -24.98 48.83
CA ARG B 3 -21.30 -24.02 48.74
C ARG B 3 -20.13 -24.32 49.66
N THR B 4 -18.96 -24.44 49.07
CA THR B 4 -17.75 -24.66 49.83
C THR B 4 -16.99 -23.35 49.87
N ARG B 5 -16.36 -23.09 51.01
CA ARG B 5 -15.59 -21.87 51.20
C ARG B 5 -14.28 -22.25 51.86
N GLY B 6 -13.17 -21.74 51.36
CA GLY B 6 -11.88 -22.08 51.93
C GLY B 6 -10.69 -21.43 51.29
N TYR B 7 -9.51 -21.95 51.61
CA TYR B 7 -8.26 -21.42 51.10
C TYR B 7 -7.39 -22.47 50.44
N VAL B 8 -6.54 -22.02 49.53
CA VAL B 8 -5.61 -22.89 48.83
C VAL B 8 -4.41 -22.06 48.41
N THR B 9 -3.22 -22.55 48.75
CA THR B 9 -1.99 -21.86 48.41
C THR B 9 -1.37 -22.46 47.16
N THR B 10 -1.29 -21.67 46.11
CA THR B 10 -0.75 -22.16 44.87
C THR B 10 0.77 -22.02 44.83
N LYS B 11 1.37 -22.58 43.79
CA LYS B 11 2.82 -22.60 43.55
C LYS B 11 3.45 -21.22 43.52
N ASP B 12 2.65 -20.21 43.22
CA ASP B 12 3.15 -18.85 43.14
C ASP B 12 3.09 -18.12 44.49
N GLY B 13 2.71 -18.84 45.53
CA GLY B 13 2.65 -18.26 46.86
C GLY B 13 1.37 -17.58 47.29
N ILE B 14 0.42 -17.47 46.37
CA ILE B 14 -0.85 -16.84 46.70
C ILE B 14 -1.72 -17.73 47.56
N LYS B 15 -2.12 -17.25 48.73
CA LYS B 15 -3.02 -18.00 49.57
C LYS B 15 -4.41 -17.54 49.16
N TRP B 16 -4.96 -18.19 48.14
CA TRP B 16 -6.25 -17.84 47.60
C TRP B 16 -7.44 -18.17 48.49
N TYR B 17 -8.38 -17.24 48.57
CA TYR B 17 -9.62 -17.52 49.25
C TYR B 17 -10.55 -17.76 48.08
N TYR B 18 -11.18 -18.92 48.03
CA TYR B 18 -12.07 -19.24 46.94
C TYR B 18 -13.34 -19.96 47.38
N GLU B 19 -14.34 -19.95 46.52
CA GLU B 19 -15.61 -20.61 46.78
C GLU B 19 -16.05 -21.40 45.57
N GLN B 20 -16.77 -22.49 45.81
CA GLN B 20 -17.29 -23.34 44.75
C GLN B 20 -18.69 -23.84 45.09
N GLU B 21 -19.51 -24.00 44.07
CA GLU B 21 -20.87 -24.51 44.24
C GLU B 21 -21.38 -25.14 42.96
N GLY B 22 -22.03 -26.29 43.10
CA GLY B 22 -22.61 -26.99 41.98
C GLY B 22 -21.78 -28.08 41.32
N SER B 23 -22.39 -28.73 40.33
CA SER B 23 -21.75 -29.79 39.56
C SER B 23 -22.04 -29.59 38.08
N GLY B 24 -21.13 -30.04 37.24
CA GLY B 24 -21.29 -29.92 35.80
C GLY B 24 -20.17 -29.11 35.18
N PRO B 25 -20.41 -28.57 33.98
CA PRO B 25 -19.41 -27.76 33.29
C PRO B 25 -18.99 -26.58 34.16
N ASP B 26 -17.72 -26.23 34.09
CA ASP B 26 -17.18 -25.16 34.91
C ASP B 26 -17.47 -23.74 34.44
N VAL B 27 -17.83 -22.91 35.40
CA VAL B 27 -18.08 -21.50 35.19
C VAL B 27 -17.19 -20.77 36.19
N VAL B 28 -16.36 -19.86 35.71
CA VAL B 28 -15.47 -19.12 36.59
C VAL B 28 -15.85 -17.65 36.62
N LEU B 29 -16.04 -17.13 37.82
CA LEU B 29 -16.42 -15.75 38.01
C LEU B 29 -15.25 -14.93 38.55
N ILE B 30 -14.58 -14.24 37.65
CA ILE B 30 -13.45 -13.43 38.05
C ILE B 30 -13.96 -12.09 38.49
N PRO B 31 -13.63 -11.70 39.72
CA PRO B 31 -14.09 -10.40 40.20
C PRO B 31 -13.48 -9.26 39.42
N ASP B 32 -14.03 -8.09 39.66
CA ASP B 32 -13.54 -6.85 39.08
C ASP B 32 -12.29 -6.43 39.86
N GLY B 33 -11.81 -5.22 39.61
CA GLY B 33 -10.63 -4.68 40.24
C GLY B 33 -10.56 -4.73 41.75
N LEU B 34 -11.72 -4.65 42.40
CA LEU B 34 -11.78 -4.67 43.86
C LEU B 34 -11.54 -6.06 44.44
N GLY B 35 -11.52 -7.07 43.58
CA GLY B 35 -11.25 -8.45 43.95
C GLY B 35 -12.03 -9.07 45.09
N GLU B 36 -13.27 -8.62 45.27
CA GLU B 36 -14.13 -9.10 46.33
C GLU B 36 -15.19 -10.07 45.77
N CYS B 37 -14.98 -11.36 45.99
CA CYS B 37 -15.86 -12.40 45.46
C CYS B 37 -17.20 -12.61 46.15
N GLN B 38 -17.43 -11.94 47.28
CA GLN B 38 -18.72 -12.05 47.97
C GLN B 38 -19.80 -11.33 47.17
N MET B 39 -19.37 -10.58 46.17
CA MET B 39 -20.29 -9.86 45.30
C MET B 39 -21.01 -10.82 44.38
N PHE B 40 -20.47 -12.03 44.24
CA PHE B 40 -21.04 -13.06 43.38
C PHE B 40 -21.90 -14.06 44.14
N ASP B 41 -22.00 -13.91 45.46
CA ASP B 41 -22.75 -14.83 46.31
C ASP B 41 -24.13 -15.22 45.77
N LYS B 42 -24.99 -14.23 45.57
CA LYS B 42 -26.35 -14.47 45.09
C LYS B 42 -26.41 -15.14 43.73
N PRO B 43 -25.78 -14.53 42.71
CA PRO B 43 -25.81 -15.12 41.37
C PRO B 43 -25.13 -16.48 41.31
N MET B 44 -24.14 -16.69 42.16
CA MET B 44 -23.42 -17.96 42.17
C MET B 44 -24.36 -19.13 42.45
N SER B 45 -25.26 -18.94 43.40
CA SER B 45 -26.22 -19.98 43.74
C SER B 45 -27.14 -20.24 42.56
N LEU B 46 -27.59 -19.19 41.91
CA LEU B 46 -28.48 -19.29 40.76
C LEU B 46 -27.84 -20.05 39.62
N ILE B 47 -26.64 -19.65 39.23
CA ILE B 47 -25.93 -20.29 38.14
C ILE B 47 -25.70 -21.76 38.43
N ALA B 48 -25.23 -22.03 39.66
CA ALA B 48 -24.92 -23.37 40.13
C ALA B 48 -26.13 -24.27 40.07
N SER B 49 -27.30 -23.71 40.33
CA SER B 49 -28.54 -24.48 40.31
C SER B 49 -28.95 -24.84 38.90
N ASN B 50 -28.25 -24.31 37.92
CA ASN B 50 -28.55 -24.59 36.52
C ASN B 50 -27.63 -25.60 35.87
N GLY B 51 -26.98 -26.43 36.68
CA GLY B 51 -26.10 -27.46 36.16
C GLY B 51 -24.68 -27.09 35.83
N PHE B 52 -24.11 -26.16 36.59
CA PHE B 52 -22.73 -25.75 36.37
C PHE B 52 -21.98 -25.78 37.68
N ARG B 53 -20.69 -26.07 37.62
CA ARG B 53 -19.89 -26.00 38.82
C ARG B 53 -19.31 -24.61 38.74
N VAL B 54 -19.63 -23.78 39.72
CA VAL B 54 -19.17 -22.41 39.72
C VAL B 54 -18.03 -22.17 40.71
N THR B 55 -17.01 -21.47 40.24
CA THR B 55 -15.88 -21.15 41.08
C THR B 55 -15.59 -19.67 41.08
N THR B 56 -15.39 -19.11 42.27
CA THR B 56 -15.06 -17.71 42.43
C THR B 56 -14.02 -17.58 43.52
N PHE B 57 -13.40 -16.41 43.62
CA PHE B 57 -12.33 -16.20 44.57
C PHE B 57 -11.96 -14.73 44.70
N ASP B 58 -11.36 -14.38 45.84
CA ASP B 58 -10.90 -13.01 46.05
C ASP B 58 -9.60 -12.92 45.26
N MET B 59 -9.35 -11.79 44.62
CA MET B 59 -8.14 -11.64 43.82
C MET B 59 -6.90 -11.44 44.69
N PRO B 60 -5.73 -11.78 44.15
CA PRO B 60 -4.45 -11.72 44.86
C PRO B 60 -4.21 -10.39 45.57
N GLY B 61 -3.99 -10.46 46.87
CA GLY B 61 -3.74 -9.28 47.66
C GLY B 61 -4.99 -8.54 48.12
N MET B 62 -6.15 -8.97 47.62
CA MET B 62 -7.42 -8.34 47.96
C MET B 62 -8.25 -9.18 48.90
N SER B 63 -8.96 -8.50 49.79
CA SER B 63 -9.85 -9.14 50.74
C SER B 63 -9.22 -10.34 51.43
N ARG B 64 -9.88 -11.48 51.35
CA ARG B 64 -9.42 -12.70 52.02
C ARG B 64 -8.25 -13.40 51.34
N SER B 65 -7.91 -12.93 50.14
CA SER B 65 -6.79 -13.49 49.41
C SER B 65 -5.59 -12.56 49.62
N SER B 66 -5.60 -11.84 50.74
CA SER B 66 -4.56 -10.87 51.07
C SER B 66 -3.20 -11.44 51.40
N ASP B 67 -3.13 -12.71 51.78
CA ASP B 67 -1.85 -13.32 52.08
C ASP B 67 -1.21 -13.76 50.77
N ALA B 68 -0.66 -12.80 50.05
CA ALA B 68 -0.05 -13.07 48.76
C ALA B 68 1.19 -12.24 48.59
N PRO B 69 2.12 -12.72 47.76
CA PRO B 69 3.34 -11.94 47.57
C PRO B 69 3.00 -10.59 46.98
N PRO B 70 3.80 -9.57 47.34
CA PRO B 70 3.61 -8.20 46.88
C PRO B 70 3.54 -8.09 45.37
N GLU B 71 4.30 -8.95 44.68
CA GLU B 71 4.35 -8.94 43.22
C GLU B 71 3.03 -9.26 42.54
N THR B 72 2.18 -10.01 43.21
CA THR B 72 0.90 -10.41 42.64
C THR B 72 -0.19 -9.34 42.65
N TYR B 73 0.12 -8.16 43.17
CA TYR B 73 -0.84 -7.07 43.18
C TYR B 73 -0.23 -5.74 42.78
N GLN B 74 0.87 -5.81 42.05
CA GLN B 74 1.60 -4.64 41.58
C GLN B 74 1.85 -4.71 40.09
N ASP B 75 1.77 -3.57 39.40
CA ASP B 75 1.95 -3.50 37.96
C ASP B 75 1.08 -4.55 37.28
N ILE B 76 -0.18 -4.57 37.66
CA ILE B 76 -1.15 -5.54 37.16
C ILE B 76 -1.64 -5.30 35.73
N THR B 77 -1.73 -6.40 35.00
CA THR B 77 -2.24 -6.42 33.64
C THR B 77 -3.13 -7.64 33.50
N GLY B 78 -3.92 -7.69 32.44
CA GLY B 78 -4.78 -8.82 32.20
C GLY B 78 -3.98 -10.11 32.12
N ARG B 79 -2.88 -10.06 31.39
CA ARG B 79 -2.03 -11.22 31.22
C ARG B 79 -1.41 -11.69 32.53
N LYS B 80 -0.97 -10.75 33.35
CA LYS B 80 -0.37 -11.10 34.62
C LYS B 80 -1.38 -11.85 35.48
N LEU B 81 -2.59 -11.30 35.57
CA LEU B 81 -3.65 -11.92 36.33
C LEU B 81 -4.02 -13.29 35.76
N ALA B 82 -4.06 -13.38 34.44
CA ALA B 82 -4.39 -14.63 33.77
C ALA B 82 -3.44 -15.73 34.17
N GLY B 83 -2.17 -15.41 34.28
CA GLY B 83 -1.17 -16.39 34.69
C GLY B 83 -1.51 -16.96 36.04
N TYR B 84 -1.93 -16.09 36.95
CA TYR B 84 -2.30 -16.49 38.29
C TYR B 84 -3.55 -17.36 38.27
N ILE B 85 -4.55 -16.94 37.50
CA ILE B 85 -5.78 -17.71 37.40
C ILE B 85 -5.49 -19.10 36.87
N ILE B 86 -4.67 -19.17 35.83
CA ILE B 86 -4.30 -20.45 35.23
C ILE B 86 -3.72 -21.38 36.28
N THR B 87 -2.79 -20.88 37.07
CA THR B 87 -2.18 -21.69 38.12
C THR B 87 -3.24 -22.18 39.09
N LEU B 88 -4.17 -21.30 39.43
CA LEU B 88 -5.24 -21.65 40.36
C LEU B 88 -6.15 -22.72 39.77
N LEU B 89 -6.52 -22.55 38.51
CA LEU B 89 -7.38 -23.51 37.83
C LEU B 89 -6.72 -24.87 37.78
N ASP B 90 -5.41 -24.87 37.56
CA ASP B 90 -4.63 -26.11 37.48
C ASP B 90 -4.74 -26.87 38.80
N THR B 91 -4.55 -26.16 39.91
CA THR B 91 -4.61 -26.78 41.22
C THR B 91 -6.02 -27.21 41.61
N LEU B 92 -7.02 -26.57 41.03
CA LEU B 92 -8.41 -26.89 41.31
C LEU B 92 -8.95 -27.91 40.30
N ASP B 93 -8.06 -28.37 39.44
CA ASP B 93 -8.41 -29.36 38.42
C ASP B 93 -9.52 -28.90 37.49
N ILE B 94 -9.48 -27.63 37.11
CA ILE B 94 -10.47 -27.08 36.19
C ILE B 94 -9.78 -27.00 34.83
N LYS B 95 -10.17 -27.88 33.93
CA LYS B 95 -9.56 -27.94 32.60
C LYS B 95 -10.03 -26.89 31.62
N ILE B 96 -11.34 -26.68 31.55
CA ILE B 96 -11.93 -25.72 30.63
C ILE B 96 -13.13 -25.09 31.31
N ALA B 97 -13.37 -23.82 31.06
CA ALA B 97 -14.49 -23.14 31.70
C ALA B 97 -15.00 -21.92 30.96
N SER B 98 -16.23 -21.55 31.27
CA SER B 98 -16.85 -20.36 30.73
C SER B 98 -16.42 -19.29 31.72
N VAL B 99 -15.69 -18.29 31.25
CA VAL B 99 -15.17 -17.27 32.16
C VAL B 99 -15.79 -15.88 32.07
N TRP B 100 -16.26 -15.39 33.21
CA TRP B 100 -16.85 -14.07 33.32
C TRP B 100 -15.85 -13.12 34.01
N GLY B 101 -15.83 -11.87 33.59
CA GLY B 101 -14.97 -10.89 34.20
C GLY B 101 -15.31 -9.46 33.84
N CYS B 102 -15.31 -8.58 34.84
CA CYS B 102 -15.57 -7.17 34.61
C CYS B 102 -14.30 -6.39 34.91
N ALA B 103 -14.16 -5.24 34.26
CA ALA B 103 -13.03 -4.35 34.43
C ALA B 103 -11.72 -5.09 34.25
N SER B 104 -10.90 -5.14 35.29
CA SER B 104 -9.63 -5.87 35.20
C SER B 104 -9.90 -7.36 35.06
N GLY B 105 -11.03 -7.80 35.58
CA GLY B 105 -11.43 -9.19 35.48
C GLY B 105 -11.70 -9.48 34.03
N ALA B 106 -12.25 -8.48 33.34
CA ALA B 106 -12.57 -8.57 31.91
C ALA B 106 -11.29 -8.62 31.10
N SER B 107 -10.29 -7.83 31.51
CA SER B 107 -9.00 -7.83 30.82
C SER B 107 -8.38 -9.21 30.95
N THR B 108 -8.62 -9.83 32.10
CA THR B 108 -8.11 -11.16 32.39
C THR B 108 -8.80 -12.19 31.50
N VAL B 109 -10.10 -12.06 31.32
CA VAL B 109 -10.85 -12.95 30.46
C VAL B 109 -10.25 -12.91 29.05
N LEU B 110 -10.04 -11.71 28.53
CA LEU B 110 -9.49 -11.52 27.20
C LEU B 110 -8.08 -12.09 27.10
N ALA B 111 -7.30 -11.94 28.15
CA ALA B 111 -5.95 -12.47 28.19
C ALA B 111 -6.03 -14.00 28.11
N LEU B 112 -7.01 -14.56 28.80
CA LEU B 112 -7.22 -16.00 28.80
C LEU B 112 -7.63 -16.49 27.41
N CYS B 113 -8.52 -15.76 26.75
CA CYS B 113 -8.98 -16.12 25.42
C CYS B 113 -7.85 -16.06 24.41
N SER B 114 -6.95 -15.13 24.61
CA SER B 114 -5.84 -14.90 23.70
C SER B 114 -4.63 -15.80 23.93
N ASP B 115 -4.23 -15.97 25.19
CA ASP B 115 -3.06 -16.76 25.52
C ASP B 115 -3.31 -18.20 25.97
N TYR B 116 -4.49 -18.46 26.50
CA TYR B 116 -4.83 -19.80 26.97
C TYR B 116 -6.20 -20.25 26.46
N PRO B 117 -6.41 -20.16 25.14
CA PRO B 117 -7.67 -20.49 24.47
C PRO B 117 -8.13 -21.90 24.80
N GLU B 118 -7.19 -22.80 25.02
CA GLU B 118 -7.51 -24.19 25.33
C GLU B 118 -8.21 -24.37 26.67
N ARG B 119 -8.13 -23.37 27.55
CA ARG B 119 -8.75 -23.43 28.86
C ARG B 119 -10.08 -22.70 28.90
N VAL B 120 -10.44 -22.06 27.79
CA VAL B 120 -11.67 -21.30 27.74
C VAL B 120 -12.72 -21.82 26.78
N ARG B 121 -13.90 -22.09 27.32
CA ARG B 121 -15.02 -22.54 26.50
C ARG B 121 -15.57 -21.32 25.79
N ASN B 122 -15.79 -20.26 26.55
CA ASN B 122 -16.30 -19.00 26.03
C ASN B 122 -16.01 -17.90 27.05
N GLY B 123 -15.67 -16.72 26.55
CA GLY B 123 -15.36 -15.60 27.41
C GLY B 123 -16.46 -14.58 27.50
N MET B 124 -16.70 -14.09 28.71
CA MET B 124 -17.73 -13.09 28.93
C MET B 124 -17.15 -11.84 29.59
N PRO B 125 -16.51 -10.99 28.78
CA PRO B 125 -15.92 -9.75 29.28
C PRO B 125 -16.98 -8.68 29.42
N HIS B 126 -16.86 -7.89 30.48
CA HIS B 126 -17.79 -6.80 30.74
C HIS B 126 -16.98 -5.59 31.11
N GLU B 127 -17.18 -4.50 30.37
CA GLU B 127 -16.49 -3.23 30.60
C GLU B 127 -14.97 -3.38 30.75
N VAL B 128 -14.32 -3.68 29.63
CA VAL B 128 -12.87 -3.81 29.59
C VAL B 128 -12.27 -2.41 29.56
N PRO B 129 -11.40 -2.10 30.52
CA PRO B 129 -10.77 -0.79 30.57
C PRO B 129 -9.76 -0.58 29.44
N THR B 130 -9.99 0.43 28.60
CA THR B 130 -9.07 0.74 27.51
C THR B 130 -8.58 2.18 27.65
N GLU B 131 -9.34 2.96 28.40
CA GLU B 131 -9.02 4.35 28.65
C GLU B 131 -9.69 4.72 29.98
N ASN B 132 -8.86 4.95 30.99
CA ASN B 132 -9.36 5.29 32.31
C ASN B 132 -10.11 6.61 32.32
N PRO B 133 -11.17 6.69 33.13
CA PRO B 133 -11.90 7.94 33.24
C PRO B 133 -11.07 8.93 34.04
N ASP B 134 -11.44 10.20 33.97
CA ASP B 134 -10.70 11.26 34.64
C ASP B 134 -10.72 11.17 36.16
N ILE B 135 -11.71 10.51 36.72
CA ILE B 135 -11.81 10.37 38.16
C ILE B 135 -10.69 9.54 38.76
N LEU B 136 -10.04 8.72 37.94
CA LEU B 136 -8.97 7.86 38.43
C LEU B 136 -7.58 8.33 38.01
N LEU B 137 -7.52 9.46 37.32
CA LEU B 137 -6.24 9.98 36.85
C LEU B 137 -5.19 10.21 37.92
N HIS B 138 -5.60 10.68 39.09
CA HIS B 138 -4.65 10.96 40.16
C HIS B 138 -4.96 10.21 41.44
N ILE B 139 -5.78 9.18 41.34
CA ILE B 139 -6.20 8.43 42.52
C ILE B 139 -5.07 7.93 43.43
N HIS B 140 -3.91 7.67 42.87
CA HIS B 140 -2.77 7.19 43.66
C HIS B 140 -1.97 8.29 44.35
N GLU B 141 -2.27 9.54 44.03
CA GLU B 141 -1.50 10.64 44.58
C GLU B 141 -2.02 11.25 45.87
N VAL B 142 -3.04 10.63 46.46
CA VAL B 142 -3.59 11.16 47.69
C VAL B 142 -3.48 10.13 48.80
N ASP B 143 -3.70 10.57 50.04
CA ASP B 143 -3.61 9.68 51.19
C ASP B 143 -4.51 8.46 50.98
N PRO B 144 -4.13 7.32 51.58
CA PRO B 144 -4.91 6.09 51.48
C PRO B 144 -6.34 6.27 51.98
N ALA B 145 -6.52 7.10 53.00
CA ALA B 145 -7.85 7.34 53.54
C ALA B 145 -8.69 8.06 52.50
N THR B 146 -8.06 8.95 51.74
CA THR B 146 -8.76 9.68 50.70
C THR B 146 -9.11 8.74 49.56
N ILE B 147 -8.18 7.86 49.22
CA ILE B 147 -8.39 6.90 48.16
C ILE B 147 -9.61 6.06 48.50
N SER B 148 -9.65 5.55 49.71
CA SER B 148 -10.76 4.72 50.16
C SER B 148 -12.08 5.48 50.14
N GLN B 149 -12.05 6.75 50.53
CA GLN B 149 -13.24 7.56 50.53
C GLN B 149 -13.73 7.80 49.12
N GLU B 150 -12.82 8.25 48.26
CA GLU B 150 -13.16 8.54 46.88
C GLU B 150 -13.60 7.29 46.13
N MET B 151 -12.84 6.21 46.26
CA MET B 151 -13.17 4.97 45.57
C MET B 151 -14.45 4.33 46.08
N ALA B 152 -14.74 4.49 47.36
CA ALA B 152 -15.97 3.95 47.92
C ALA B 152 -17.14 4.65 47.26
N ALA B 153 -17.02 5.97 47.12
CA ALA B 153 -18.04 6.78 46.50
C ALA B 153 -18.17 6.46 45.01
N ASN B 154 -17.05 6.40 44.32
CA ASN B 154 -17.03 6.11 42.89
C ASN B 154 -17.66 4.75 42.60
N SER B 155 -17.33 3.76 43.42
CA SER B 155 -17.86 2.42 43.24
C SER B 155 -19.37 2.38 43.47
N ARG B 156 -19.83 3.00 44.54
CA ARG B 156 -21.24 3.03 44.87
C ARG B 156 -22.03 3.69 43.75
N ALA B 157 -21.47 4.78 43.22
CA ALA B 157 -22.10 5.51 42.14
C ALA B 157 -22.19 4.69 40.85
N ALA B 158 -21.25 3.76 40.69
CA ALA B 158 -21.21 2.91 39.51
C ALA B 158 -21.77 1.52 39.81
N SER B 159 -22.47 1.40 40.93
CA SER B 159 -23.01 0.12 41.36
C SER B 159 -24.21 -0.35 40.57
N GLY B 160 -25.00 0.60 40.05
CA GLY B 160 -26.19 0.24 39.30
C GLY B 160 -27.40 0.03 40.19
N ASN B 161 -27.17 0.07 41.49
CA ASN B 161 -28.21 -0.13 42.50
C ASN B 161 -27.57 0.09 43.87
N VAL B 162 -27.62 1.32 44.36
CA VAL B 162 -27.00 1.63 45.65
C VAL B 162 -27.51 0.83 46.83
N GLU B 163 -28.79 0.47 46.81
CA GLU B 163 -29.38 -0.30 47.90
C GLU B 163 -28.72 -1.67 47.96
N ALA B 164 -28.66 -2.33 46.81
CA ALA B 164 -28.03 -3.63 46.73
C ALA B 164 -26.54 -3.52 47.08
N TRP B 165 -25.91 -2.44 46.61
CA TRP B 165 -24.49 -2.19 46.88
C TRP B 165 -24.28 -2.13 48.38
N ASP B 166 -25.04 -1.27 49.04
CA ASP B 166 -24.98 -1.07 50.48
C ASP B 166 -25.22 -2.38 51.19
N ALA B 167 -26.16 -3.15 50.65
CA ALA B 167 -26.60 -4.44 51.17
C ALA B 167 -25.59 -5.56 50.99
N LEU B 168 -24.39 -5.22 50.53
CA LEU B 168 -23.32 -6.19 50.41
C LEU B 168 -22.86 -6.55 51.83
N GLY B 169 -23.13 -5.65 52.77
CA GLY B 169 -22.78 -5.88 54.16
C GLY B 169 -21.53 -5.18 54.64
N PRO B 170 -21.45 -4.94 55.96
CA PRO B 170 -20.32 -4.26 56.59
C PRO B 170 -19.03 -5.05 56.45
N GLU B 171 -19.10 -6.37 56.48
CA GLU B 171 -17.90 -7.17 56.33
C GLU B 171 -17.27 -6.90 54.97
N VAL B 172 -18.07 -6.96 53.93
CA VAL B 172 -17.60 -6.72 52.58
C VAL B 172 -17.00 -5.33 52.45
N HIS B 173 -17.75 -4.33 52.89
CA HIS B 173 -17.30 -2.95 52.78
C HIS B 173 -16.06 -2.64 53.62
N ALA B 174 -15.88 -3.36 54.71
CA ALA B 174 -14.70 -3.19 55.53
C ALA B 174 -13.51 -3.73 54.75
N ARG B 175 -13.71 -4.85 54.07
CA ARG B 175 -12.66 -5.46 53.27
C ARG B 175 -12.33 -4.56 52.08
N LEU B 176 -13.36 -4.01 51.46
CA LEU B 176 -13.21 -3.13 50.31
C LEU B 176 -12.44 -1.88 50.70
N HIS B 177 -12.69 -1.40 51.91
CA HIS B 177 -12.03 -0.22 52.42
C HIS B 177 -10.51 -0.36 52.34
N ASP B 178 -10.01 -1.53 52.73
CA ASP B 178 -8.58 -1.79 52.70
C ASP B 178 -8.06 -2.07 51.29
N ASN B 179 -8.94 -2.59 50.44
CA ASN B 179 -8.58 -2.92 49.06
C ASN B 179 -8.32 -1.72 48.16
N TYR B 180 -9.14 -0.68 48.30
CA TYR B 180 -9.04 0.51 47.47
C TYR B 180 -7.63 1.04 47.22
N PRO B 181 -6.88 1.36 48.27
CA PRO B 181 -5.52 1.88 48.08
C PRO B 181 -4.64 0.88 47.35
N ARG B 182 -4.68 -0.38 47.74
CA ARG B 182 -3.89 -1.41 47.09
C ARG B 182 -4.23 -1.51 45.60
N TRP B 183 -5.52 -1.41 45.30
CA TRP B 183 -5.99 -1.46 43.91
C TRP B 183 -5.48 -0.25 43.15
N ALA B 184 -5.57 0.91 43.77
CA ALA B 184 -5.15 2.16 43.15
C ALA B 184 -3.67 2.14 42.75
N TYR B 185 -2.84 1.56 43.60
CA TYR B 185 -1.41 1.49 43.37
C TYR B 185 -0.99 0.55 42.24
N GLY B 186 -1.69 -0.56 42.07
CA GLY B 186 -1.29 -1.51 41.05
C GLY B 186 -2.20 -1.83 39.89
N TYR B 187 -3.36 -1.21 39.81
CA TYR B 187 -4.30 -1.53 38.73
C TYR B 187 -4.57 -0.50 37.62
N PRO B 188 -5.17 0.64 37.97
CA PRO B 188 -5.59 1.68 37.00
C PRO B 188 -4.54 2.17 36.00
N ARG B 189 -3.28 2.27 36.40
CA ARG B 189 -2.26 2.76 35.48
C ARG B 189 -1.81 1.74 34.45
N THR B 190 -1.74 0.49 34.85
CA THR B 190 -1.25 -0.58 33.98
C THR B 190 -2.30 -1.47 33.29
N ILE B 191 -3.51 -1.50 33.82
CA ILE B 191 -4.56 -2.33 33.25
C ILE B 191 -5.03 -1.92 31.86
N PRO B 192 -5.40 -0.64 31.69
CA PRO B 192 -5.90 -0.12 30.41
C PRO B 192 -4.96 -0.32 29.23
N PRO B 193 -3.70 0.06 29.36
CA PRO B 193 -2.73 -0.06 28.27
C PRO B 193 -2.47 -1.50 27.85
N SER B 194 -2.70 -2.44 28.74
CA SER B 194 -2.45 -3.85 28.48
C SER B 194 -3.69 -4.62 28.02
N ALA B 195 -4.77 -3.89 27.76
CA ALA B 195 -6.00 -4.53 27.34
C ALA B 195 -5.76 -5.38 26.12
N PRO B 196 -6.08 -6.67 26.20
CA PRO B 196 -5.92 -7.57 25.05
C PRO B 196 -7.11 -7.44 24.10
N VAL B 197 -7.21 -6.29 23.45
CA VAL B 197 -8.30 -6.03 22.53
C VAL B 197 -7.86 -5.91 21.08
N LYS B 198 -6.69 -6.44 20.78
CA LYS B 198 -6.20 -6.44 19.41
C LYS B 198 -6.90 -7.57 18.68
N THR B 199 -6.92 -7.48 17.36
CA THR B 199 -7.54 -8.49 16.52
C THR B 199 -7.02 -9.88 16.84
N GLU B 200 -5.72 -9.97 17.10
CA GLU B 200 -5.05 -11.23 17.42
C GLU B 200 -5.47 -11.84 18.75
N ASP B 201 -6.16 -11.09 19.59
CA ASP B 201 -6.57 -11.60 20.89
C ASP B 201 -8.00 -12.06 20.94
N LEU B 202 -8.79 -11.69 19.93
CA LEU B 202 -10.23 -11.94 19.98
C LEU B 202 -10.91 -13.02 19.14
N HIS B 203 -10.17 -13.86 18.43
CA HIS B 203 -10.86 -14.84 17.58
C HIS B 203 -10.59 -16.31 17.86
N LYS B 204 -9.85 -16.61 18.91
CA LYS B 204 -9.53 -18.00 19.23
C LYS B 204 -10.67 -18.76 19.89
N VAL B 205 -11.47 -18.08 20.69
CA VAL B 205 -12.59 -18.72 21.36
C VAL B 205 -13.82 -17.83 21.30
N PRO B 206 -15.02 -18.41 21.49
CA PRO B 206 -16.22 -17.59 21.45
C PRO B 206 -16.20 -16.51 22.54
N ILE B 207 -16.66 -15.32 22.21
CA ILE B 207 -16.71 -14.23 23.17
C ILE B 207 -18.07 -13.53 23.11
N ASP B 208 -18.62 -13.24 24.27
CA ASP B 208 -19.88 -12.52 24.35
C ASP B 208 -19.60 -11.34 25.26
N TRP B 209 -19.51 -10.17 24.65
CA TRP B 209 -19.14 -8.93 25.30
C TRP B 209 -20.31 -8.09 25.79
N THR B 210 -20.18 -7.54 26.99
CA THR B 210 -21.22 -6.69 27.55
C THR B 210 -20.70 -5.37 28.14
N VAL B 211 -21.63 -4.44 28.32
CA VAL B 211 -21.38 -3.13 28.89
C VAL B 211 -22.66 -2.77 29.68
N GLY B 212 -22.53 -2.02 30.75
CA GLY B 212 -23.69 -1.66 31.55
C GLY B 212 -24.68 -0.81 30.78
N ALA B 213 -25.96 -1.18 30.89
CA ALA B 213 -27.02 -0.45 30.22
C ALA B 213 -27.09 1.01 30.65
N SER B 214 -26.80 1.26 31.93
CA SER B 214 -26.86 2.62 32.47
C SER B 214 -25.52 3.33 32.54
N THR B 215 -24.45 2.63 32.19
CA THR B 215 -23.12 3.21 32.20
C THR B 215 -23.10 4.35 31.21
N PRO B 216 -22.49 5.49 31.57
CA PRO B 216 -22.41 6.59 30.61
C PRO B 216 -21.69 6.10 29.37
N THR B 217 -22.29 6.32 28.21
CA THR B 217 -21.77 5.88 26.92
C THR B 217 -20.26 5.96 26.74
N LYS B 218 -19.69 7.13 27.03
CA LYS B 218 -18.27 7.34 26.84
C LYS B 218 -17.34 6.41 27.61
N LEU B 219 -17.74 6.02 28.81
CA LEU B 219 -16.91 5.16 29.65
C LEU B 219 -16.36 3.92 28.95
N PHE B 220 -17.23 3.16 28.33
CA PHE B 220 -16.79 1.95 27.66
C PHE B 220 -17.18 1.89 26.19
N PHE B 221 -17.30 3.09 25.63
CA PHE B 221 -17.65 3.31 24.23
C PHE B 221 -16.79 2.47 23.31
N GLU B 222 -15.48 2.47 23.54
CA GLU B 222 -14.55 1.72 22.71
C GLU B 222 -14.75 0.21 22.75
N ASN B 223 -15.35 -0.29 23.82
CA ASN B 223 -15.62 -1.71 23.95
C ASN B 223 -16.61 -2.07 22.85
N ILE B 224 -17.64 -1.25 22.71
CA ILE B 224 -18.68 -1.49 21.71
C ILE B 224 -18.14 -1.44 20.30
N VAL B 225 -17.32 -0.45 20.01
CA VAL B 225 -16.75 -0.29 18.69
C VAL B 225 -15.82 -1.44 18.32
N ILE B 226 -14.97 -1.85 19.26
CA ILE B 226 -14.06 -2.95 19.00
C ILE B 226 -14.84 -4.23 18.74
N ALA B 227 -15.79 -4.53 19.61
CA ALA B 227 -16.61 -5.71 19.48
C ALA B 227 -17.27 -5.77 18.10
N ALA B 228 -18.01 -4.72 17.77
CA ALA B 228 -18.72 -4.62 16.51
C ALA B 228 -17.80 -4.74 15.30
N ARG B 229 -16.66 -4.07 15.35
CA ARG B 229 -15.70 -4.11 14.26
C ARG B 229 -15.10 -5.49 14.06
N GLU B 230 -15.00 -6.26 15.13
CA GLU B 230 -14.42 -7.60 15.08
C GLU B 230 -15.47 -8.68 14.89
N GLY B 231 -16.73 -8.29 14.78
CA GLY B 231 -17.80 -9.26 14.62
C GLY B 231 -18.03 -10.12 15.85
N ILE B 232 -17.91 -9.52 17.02
CA ILE B 232 -18.10 -10.23 18.26
C ILE B 232 -19.42 -9.79 18.91
N ASN B 233 -20.17 -10.75 19.43
CA ASN B 233 -21.45 -10.45 20.08
C ASN B 233 -21.26 -9.38 21.15
N ILE B 234 -22.07 -8.33 21.07
CA ILE B 234 -21.98 -7.24 22.01
C ILE B 234 -23.38 -6.78 22.38
N GLY B 235 -23.60 -6.61 23.68
CA GLY B 235 -24.88 -6.17 24.17
C GLY B 235 -24.74 -5.51 25.52
N THR B 236 -25.86 -5.16 26.13
CA THR B 236 -25.83 -4.53 27.41
C THR B 236 -26.45 -5.44 28.47
N LEU B 237 -26.15 -5.12 29.71
CA LEU B 237 -26.71 -5.82 30.85
C LEU B 237 -27.31 -4.72 31.73
N PRO B 238 -28.36 -5.04 32.48
CA PRO B 238 -28.93 -3.99 33.32
C PRO B 238 -27.88 -3.49 34.29
N GLY B 239 -28.01 -2.25 34.72
CA GLY B 239 -27.09 -1.69 35.68
C GLY B 239 -25.89 -0.99 35.08
N ASN B 240 -24.80 -1.00 35.83
CA ASN B 240 -23.57 -0.36 35.42
C ASN B 240 -22.35 -1.28 35.46
N HIS B 241 -21.47 -1.02 36.41
CA HIS B 241 -20.22 -1.76 36.55
C HIS B 241 -20.31 -3.10 37.30
N PHE B 242 -21.36 -3.27 38.10
CA PHE B 242 -21.51 -4.48 38.88
C PHE B 242 -22.87 -5.12 38.69
N PRO B 243 -23.12 -5.68 37.49
CA PRO B 243 -24.39 -6.34 37.17
C PRO B 243 -24.65 -7.52 38.10
N TYR B 244 -23.58 -8.12 38.62
CA TYR B 244 -23.72 -9.26 39.51
C TYR B 244 -24.25 -8.85 40.88
N VAL B 245 -24.14 -7.56 41.19
CA VAL B 245 -24.63 -7.04 42.44
C VAL B 245 -25.98 -6.33 42.24
N SER B 246 -26.06 -5.51 41.20
CA SER B 246 -27.28 -4.77 40.94
C SER B 246 -28.44 -5.64 40.48
N HIS B 247 -28.18 -6.56 39.56
CA HIS B 247 -29.20 -7.43 39.03
C HIS B 247 -28.77 -8.88 39.01
N PRO B 248 -28.66 -9.51 40.18
CA PRO B 248 -28.21 -10.89 40.30
C PRO B 248 -28.98 -11.87 39.42
N GLU B 249 -30.31 -11.76 39.39
CA GLU B 249 -31.13 -12.66 38.57
C GLU B 249 -30.82 -12.52 37.09
N GLU B 250 -30.83 -11.29 36.58
CA GLU B 250 -30.55 -11.05 35.18
C GLU B 250 -29.12 -11.50 34.83
N PHE B 251 -28.17 -11.21 35.73
CA PHE B 251 -26.78 -11.58 35.52
C PHE B 251 -26.63 -13.10 35.43
N ALA B 252 -27.27 -13.79 36.36
CA ALA B 252 -27.21 -15.24 36.39
C ALA B 252 -27.83 -15.81 35.13
N LYS B 253 -28.90 -15.20 34.68
CA LYS B 253 -29.59 -15.63 33.47
C LYS B 253 -28.67 -15.49 32.26
N TYR B 254 -27.94 -14.39 32.21
CA TYR B 254 -27.04 -14.13 31.11
C TYR B 254 -25.89 -15.13 31.06
N VAL B 255 -25.31 -15.42 32.21
CA VAL B 255 -24.20 -16.36 32.30
C VAL B 255 -24.65 -17.77 31.93
N VAL B 256 -25.78 -18.19 32.47
CA VAL B 256 -26.31 -19.50 32.19
C VAL B 256 -26.57 -19.70 30.69
N GLU B 257 -27.41 -18.83 30.13
CA GLU B 257 -27.76 -18.93 28.71
C GLU B 257 -26.59 -18.78 27.75
N THR B 258 -25.69 -17.84 28.03
CA THR B 258 -24.55 -17.63 27.17
C THR B 258 -23.61 -18.84 27.18
N SER B 259 -23.31 -19.33 28.37
CA SER B 259 -22.42 -20.47 28.52
C SER B 259 -23.07 -21.72 27.95
N ARG B 260 -24.36 -21.85 28.17
CA ARG B 260 -25.14 -22.99 27.73
C ARG B 260 -25.11 -23.24 26.24
N LYS B 261 -25.05 -22.18 25.44
CA LYS B 261 -25.05 -22.34 24.00
C LYS B 261 -23.73 -22.89 23.42
N TYR B 262 -22.70 -22.98 24.24
CA TYR B 262 -21.42 -23.49 23.76
C TYR B 262 -21.13 -24.90 24.26
N LEU B 263 -22.03 -25.45 25.06
CA LEU B 263 -21.84 -26.80 25.59
C LEU B 263 -21.77 -27.84 24.46
N LYS B 264 -20.82 -28.76 24.63
CA LYS B 264 -20.49 -29.85 23.70
C LYS B 264 -19.89 -29.39 22.37
N ALA C 1 -11.55 -67.74 14.70
CA ALA C 1 -10.53 -67.56 15.71
C ALA C 1 -9.17 -68.01 15.21
N THR C 2 -9.17 -69.01 14.35
CA THR C 2 -7.93 -69.52 13.79
C THR C 2 -7.92 -69.41 12.27
N ARG C 3 -6.78 -69.05 11.71
CA ARG C 3 -6.66 -68.89 10.28
C ARG C 3 -6.36 -70.22 9.59
N THR C 4 -7.19 -70.54 8.61
CA THR C 4 -7.05 -71.74 7.82
C THR C 4 -6.31 -71.36 6.56
N ARG C 5 -5.25 -72.08 6.25
CA ARG C 5 -4.46 -71.83 5.06
C ARG C 5 -4.33 -73.10 4.25
N GLY C 6 -4.49 -73.00 2.94
CA GLY C 6 -4.40 -74.18 2.12
C GLY C 6 -4.29 -73.99 0.62
N TYR C 7 -4.32 -75.12 -0.08
CA TYR C 7 -4.22 -75.16 -1.52
C TYR C 7 -5.32 -76.07 -2.03
N VAL C 8 -5.80 -75.78 -3.23
CA VAL C 8 -6.82 -76.60 -3.86
C VAL C 8 -6.76 -76.42 -5.37
N THR C 9 -6.85 -77.53 -6.08
CA THR C 9 -6.80 -77.50 -7.53
C THR C 9 -8.21 -77.62 -8.09
N THR C 10 -8.62 -76.61 -8.82
CA THR C 10 -9.94 -76.58 -9.39
C THR C 10 -9.94 -77.29 -10.73
N LYS C 11 -11.13 -77.56 -11.24
CA LYS C 11 -11.32 -78.26 -12.52
C LYS C 11 -10.70 -77.54 -13.72
N ASP C 12 -10.44 -76.25 -13.58
CA ASP C 12 -9.85 -75.48 -14.66
C ASP C 12 -8.33 -75.57 -14.65
N GLY C 13 -7.77 -76.34 -13.73
CA GLY C 13 -6.33 -76.49 -13.65
C GLY C 13 -5.58 -75.51 -12.79
N ILE C 14 -6.29 -74.64 -12.09
CA ILE C 14 -5.62 -73.66 -11.25
C ILE C 14 -5.35 -74.22 -9.86
N LYS C 15 -4.09 -74.14 -9.42
CA LYS C 15 -3.75 -74.59 -8.08
C LYS C 15 -3.81 -73.36 -7.20
N TRP C 16 -4.99 -73.12 -6.65
CA TRP C 16 -5.24 -71.96 -5.82
C TRP C 16 -4.63 -72.02 -4.44
N TYR C 17 -4.15 -70.87 -3.96
CA TYR C 17 -3.70 -70.76 -2.60
C TYR C 17 -4.79 -69.91 -1.98
N TYR C 18 -5.34 -70.34 -0.87
CA TYR C 18 -6.40 -69.60 -0.22
C TYR C 18 -6.32 -69.66 1.29
N GLU C 19 -7.05 -68.76 1.93
CA GLU C 19 -7.10 -68.69 3.38
C GLU C 19 -8.54 -68.47 3.79
N GLN C 20 -8.87 -68.87 5.00
CA GLN C 20 -10.21 -68.73 5.54
C GLN C 20 -10.16 -68.54 7.04
N GLU C 21 -11.15 -67.84 7.58
CA GLU C 21 -11.24 -67.59 9.00
C GLU C 21 -12.66 -67.25 9.42
N GLY C 22 -13.04 -67.75 10.58
CA GLY C 22 -14.35 -67.49 11.14
C GLY C 22 -15.41 -68.45 10.64
N SER C 23 -16.63 -68.25 11.14
CA SER C 23 -17.77 -69.06 10.74
C SER C 23 -19.01 -68.18 10.65
N GLY C 24 -19.95 -68.60 9.81
CA GLY C 24 -21.17 -67.85 9.62
C GLY C 24 -21.30 -67.41 8.17
N PRO C 25 -22.05 -66.35 7.91
CA PRO C 25 -22.25 -65.85 6.55
C PRO C 25 -20.93 -65.59 5.86
N ASP C 26 -20.85 -65.96 4.60
CA ASP C 26 -19.62 -65.83 3.83
C ASP C 26 -19.27 -64.45 3.32
N VAL C 27 -18.00 -64.10 3.46
CA VAL C 27 -17.46 -62.86 2.99
C VAL C 27 -16.22 -63.23 2.18
N VAL C 28 -16.17 -62.76 0.94
CA VAL C 28 -15.06 -63.06 0.06
C VAL C 28 -14.27 -61.80 -0.30
N LEU C 29 -12.96 -61.85 -0.05
CA LEU C 29 -12.09 -60.72 -0.32
C LEU C 29 -11.22 -60.94 -1.55
N ILE C 30 -11.67 -60.41 -2.67
CA ILE C 30 -10.93 -60.58 -3.90
C ILE C 30 -9.83 -59.57 -3.94
N PRO C 31 -8.59 -60.05 -4.11
CA PRO C 31 -7.49 -59.12 -4.16
C PRO C 31 -7.58 -58.24 -5.38
N ASP C 32 -6.72 -57.22 -5.36
CA ASP C 32 -6.58 -56.30 -6.48
C ASP C 32 -5.73 -56.98 -7.54
N GLY C 33 -5.37 -56.22 -8.57
CA GLY C 33 -4.59 -56.72 -9.69
C GLY C 33 -3.34 -57.50 -9.36
N LEU C 34 -2.67 -57.11 -8.28
CA LEU C 34 -1.45 -57.78 -7.86
C LEU C 34 -1.71 -59.19 -7.34
N GLY C 35 -2.96 -59.47 -7.01
CA GLY C 35 -3.39 -60.78 -6.55
C GLY C 35 -2.69 -61.37 -5.34
N GLU C 36 -2.26 -60.51 -4.44
CA GLU C 36 -1.57 -60.93 -3.22
C GLU C 36 -2.52 -60.86 -2.03
N CYS C 37 -3.01 -62.02 -1.60
CA CYS C 37 -3.97 -62.10 -0.51
C CYS C 37 -3.45 -61.89 0.91
N GLN C 38 -2.14 -61.75 1.07
CA GLN C 38 -1.58 -61.51 2.39
C GLN C 38 -1.87 -60.08 2.82
N MET C 39 -2.31 -59.26 1.87
CA MET C 39 -2.67 -57.87 2.14
C MET C 39 -3.93 -57.79 3.01
N PHE C 40 -4.73 -58.86 3.02
CA PHE C 40 -5.96 -58.92 3.77
C PHE C 40 -5.82 -59.56 5.15
N ASP C 41 -4.61 -59.97 5.50
CA ASP C 41 -4.35 -60.65 6.77
C ASP C 41 -4.98 -59.99 7.99
N LYS C 42 -4.64 -58.73 8.24
CA LYS C 42 -5.14 -57.99 9.38
C LYS C 42 -6.66 -57.85 9.43
N PRO C 43 -7.26 -57.29 8.37
CA PRO C 43 -8.72 -57.10 8.30
C PRO C 43 -9.47 -58.43 8.27
N MET C 44 -8.82 -59.47 7.76
CA MET C 44 -9.43 -60.78 7.70
C MET C 44 -9.87 -61.24 9.09
N SER C 45 -9.00 -61.04 10.07
CA SER C 45 -9.31 -61.44 11.43
C SER C 45 -10.41 -60.56 12.01
N LEU C 46 -10.29 -59.27 11.78
CA LEU C 46 -11.28 -58.31 12.26
C LEU C 46 -12.68 -58.65 11.78
N ILE C 47 -12.82 -58.88 10.48
CA ILE C 47 -14.12 -59.20 9.91
C ILE C 47 -14.68 -60.52 10.44
N ALA C 48 -13.84 -61.54 10.46
CA ALA C 48 -14.21 -62.87 10.93
C ALA C 48 -14.68 -62.85 12.36
N SER C 49 -14.14 -61.93 13.15
CA SER C 49 -14.50 -61.81 14.55
C SER C 49 -15.92 -61.31 14.75
N ASN C 50 -16.55 -60.80 13.69
CA ASN C 50 -17.91 -60.29 13.79
C ASN C 50 -18.97 -61.26 13.29
N GLY C 51 -18.64 -62.54 13.27
CA GLY C 51 -19.59 -63.56 12.86
C GLY C 51 -19.67 -63.86 11.38
N PHE C 52 -18.55 -63.78 10.68
CA PHE C 52 -18.50 -64.05 9.26
C PHE C 52 -17.41 -65.05 8.94
N ARG C 53 -17.65 -65.88 7.94
CA ARG C 53 -16.61 -66.79 7.50
C ARG C 53 -15.96 -66.05 6.35
N VAL C 54 -14.73 -65.60 6.55
CA VAL C 54 -14.04 -64.84 5.52
C VAL C 54 -13.09 -65.70 4.71
N THR C 55 -13.14 -65.53 3.40
CA THR C 55 -12.31 -66.28 2.48
C THR C 55 -11.58 -65.36 1.52
N THR C 56 -10.29 -65.61 1.37
CA THR C 56 -9.47 -64.84 0.44
C THR C 56 -8.51 -65.79 -0.25
N PHE C 57 -7.84 -65.31 -1.28
CA PHE C 57 -6.95 -66.14 -2.06
C PHE C 57 -6.03 -65.35 -2.97
N ASP C 58 -4.91 -65.96 -3.35
CA ASP C 58 -4.00 -65.35 -4.28
C ASP C 58 -4.66 -65.59 -5.63
N MET C 59 -4.63 -64.59 -6.50
CA MET C 59 -5.25 -64.72 -7.82
C MET C 59 -4.42 -65.59 -8.75
N PRO C 60 -5.09 -66.26 -9.71
CA PRO C 60 -4.50 -67.19 -10.66
C PRO C 60 -3.24 -66.65 -11.31
N GLY C 61 -2.17 -67.41 -11.17
CA GLY C 61 -0.88 -67.04 -11.73
C GLY C 61 -0.08 -66.11 -10.83
N MET C 62 -0.73 -65.60 -9.78
CA MET C 62 -0.08 -64.68 -8.88
C MET C 62 0.28 -65.30 -7.54
N SER C 63 1.43 -64.87 -7.04
CA SER C 63 1.95 -65.30 -5.75
C SER C 63 1.90 -66.81 -5.58
N ARG C 64 1.21 -67.26 -4.55
CA ARG C 64 1.12 -68.69 -4.24
C ARG C 64 0.17 -69.48 -5.13
N SER C 65 -0.57 -68.77 -5.98
CA SER C 65 -1.49 -69.39 -6.90
C SER C 65 -0.87 -69.39 -8.29
N SER C 66 0.45 -69.30 -8.34
CA SER C 66 1.19 -69.22 -9.60
C SER C 66 1.08 -70.44 -10.48
N ASP C 67 0.85 -71.61 -9.89
CA ASP C 67 0.72 -72.83 -10.68
C ASP C 67 -0.64 -72.87 -11.33
N ALA C 68 -0.77 -72.16 -12.43
CA ALA C 68 -2.02 -72.08 -13.17
C ALA C 68 -1.74 -71.95 -14.64
N PRO C 69 -2.68 -72.37 -15.48
CA PRO C 69 -2.50 -72.27 -16.93
C PRO C 69 -2.38 -70.82 -17.31
N PRO C 70 -1.55 -70.52 -18.31
CA PRO C 70 -1.28 -69.17 -18.80
C PRO C 70 -2.51 -68.38 -19.20
N GLU C 71 -3.57 -69.07 -19.62
CA GLU C 71 -4.78 -68.38 -20.03
C GLU C 71 -5.53 -67.75 -18.87
N THR C 72 -5.23 -68.19 -17.65
CA THR C 72 -5.88 -67.66 -16.46
C THR C 72 -5.25 -66.36 -15.98
N TYR C 73 -4.17 -65.94 -16.62
CA TYR C 73 -3.52 -64.68 -16.28
C TYR C 73 -3.15 -63.86 -17.52
N GLN C 74 -3.80 -64.16 -18.63
CA GLN C 74 -3.56 -63.47 -19.89
C GLN C 74 -4.89 -63.02 -20.47
N ASP C 75 -4.90 -61.83 -21.06
CA ASP C 75 -6.13 -61.26 -21.63
C ASP C 75 -7.25 -61.30 -20.61
N ILE C 76 -6.90 -60.86 -19.40
CA ILE C 76 -7.81 -60.86 -18.27
C ILE C 76 -8.90 -59.80 -18.31
N THR C 77 -10.10 -60.24 -18.01
CA THR C 77 -11.26 -59.36 -17.92
C THR C 77 -11.98 -59.70 -16.62
N GLY C 78 -12.85 -58.81 -16.19
CA GLY C 78 -13.61 -59.05 -14.97
C GLY C 78 -14.40 -60.33 -15.06
N ARG C 79 -14.96 -60.59 -16.23
CA ARG C 79 -15.76 -61.79 -16.45
C ARG C 79 -14.94 -63.08 -16.41
N LYS C 80 -13.73 -63.03 -16.97
CA LYS C 80 -12.87 -64.20 -16.96
C LYS C 80 -12.56 -64.57 -15.52
N LEU C 81 -12.15 -63.58 -14.73
CA LEU C 81 -11.83 -63.80 -13.34
C LEU C 81 -13.04 -64.33 -12.57
N ALA C 82 -14.21 -63.80 -12.87
CA ALA C 82 -15.44 -64.21 -12.22
C ALA C 82 -15.70 -65.70 -12.43
N GLY C 83 -15.43 -66.17 -13.64
CA GLY C 83 -15.63 -67.57 -13.95
C GLY C 83 -14.77 -68.43 -13.06
N TYR C 84 -13.50 -68.07 -12.94
CA TYR C 84 -12.57 -68.82 -12.10
C TYR C 84 -13.03 -68.80 -10.64
N ILE C 85 -13.38 -67.62 -10.15
CA ILE C 85 -13.82 -67.47 -8.77
C ILE C 85 -15.03 -68.36 -8.48
N ILE C 86 -15.98 -68.36 -9.40
CA ILE C 86 -17.19 -69.16 -9.24
C ILE C 86 -16.83 -70.64 -9.08
N THR C 87 -15.89 -71.10 -9.90
CA THR C 87 -15.46 -72.48 -9.84
C THR C 87 -14.82 -72.77 -8.48
N LEU C 88 -14.04 -71.81 -8.00
CA LEU C 88 -13.37 -71.97 -6.71
C LEU C 88 -14.40 -71.98 -5.60
N LEU C 89 -15.35 -71.07 -5.67
CA LEU C 89 -16.41 -70.97 -4.67
C LEU C 89 -17.20 -72.27 -4.61
N ASP C 90 -17.40 -72.90 -5.76
CA ASP C 90 -18.12 -74.16 -5.84
C ASP C 90 -17.32 -75.21 -5.09
N THR C 91 -16.02 -75.26 -5.41
CA THR C 91 -15.09 -76.20 -4.80
C THR C 91 -15.00 -76.06 -3.30
N LEU C 92 -15.11 -74.82 -2.81
CA LEU C 92 -15.05 -74.54 -1.37
C LEU C 92 -16.42 -74.54 -0.75
N ASP C 93 -17.42 -74.90 -1.55
CA ASP C 93 -18.81 -74.94 -1.09
C ASP C 93 -19.32 -73.64 -0.48
N ILE C 94 -19.11 -72.54 -1.20
CA ILE C 94 -19.59 -71.24 -0.77
C ILE C 94 -20.74 -70.93 -1.73
N LYS C 95 -21.95 -70.94 -1.21
CA LYS C 95 -23.14 -70.75 -2.02
C LYS C 95 -23.44 -69.30 -2.36
N ILE C 96 -23.35 -68.42 -1.38
CA ILE C 96 -23.60 -67.01 -1.58
C ILE C 96 -22.68 -66.23 -0.65
N ALA C 97 -22.29 -65.03 -1.06
CA ALA C 97 -21.37 -64.25 -0.25
C ALA C 97 -21.40 -62.74 -0.49
N SER C 98 -20.83 -62.03 0.47
CA SER C 98 -20.68 -60.60 0.39
C SER C 98 -19.30 -60.50 -0.22
N VAL C 99 -19.20 -59.93 -1.42
CA VAL C 99 -17.93 -59.87 -2.14
C VAL C 99 -17.27 -58.50 -2.30
N TRP C 100 -16.02 -58.41 -1.87
CA TRP C 100 -15.21 -57.19 -1.97
C TRP C 100 -14.14 -57.33 -3.05
N GLY C 101 -13.81 -56.23 -3.71
CA GLY C 101 -12.79 -56.24 -4.73
C GLY C 101 -12.35 -54.87 -5.18
N CYS C 102 -11.04 -54.68 -5.31
CA CYS C 102 -10.50 -53.41 -5.78
C CYS C 102 -9.87 -53.62 -7.14
N ALA C 103 -9.90 -52.56 -7.95
CA ALA C 103 -9.33 -52.56 -9.31
C ALA C 103 -9.90 -53.73 -10.09
N SER C 104 -9.03 -54.63 -10.52
CA SER C 104 -9.47 -55.80 -11.27
C SER C 104 -10.39 -56.65 -10.41
N GLY C 105 -10.16 -56.60 -9.10
CA GLY C 105 -11.00 -57.33 -8.17
C GLY C 105 -12.38 -56.72 -8.22
N ALA C 106 -12.44 -55.41 -8.38
CA ALA C 106 -13.69 -54.68 -8.46
C ALA C 106 -14.42 -55.02 -9.76
N SER C 107 -13.68 -55.19 -10.84
CA SER C 107 -14.26 -55.57 -12.13
C SER C 107 -14.87 -56.95 -11.98
N THR C 108 -14.20 -57.79 -11.20
CA THR C 108 -14.66 -59.14 -10.95
C THR C 108 -15.94 -59.10 -10.13
N VAL C 109 -15.99 -58.24 -9.13
CA VAL C 109 -17.17 -58.11 -8.31
C VAL C 109 -18.37 -57.75 -9.18
N LEU C 110 -18.20 -56.76 -10.05
CA LEU C 110 -19.27 -56.34 -10.92
C LEU C 110 -19.69 -57.46 -11.88
N ALA C 111 -18.72 -58.23 -12.36
CA ALA C 111 -19.01 -59.34 -13.25
C ALA C 111 -19.86 -60.37 -12.53
N LEU C 112 -19.51 -60.63 -11.28
CA LEU C 112 -20.24 -61.58 -10.44
C LEU C 112 -21.66 -61.06 -10.23
N CYS C 113 -21.77 -59.77 -9.95
CA CYS C 113 -23.05 -59.14 -9.72
C CYS C 113 -23.94 -59.21 -10.95
N SER C 114 -23.33 -59.09 -12.12
CA SER C 114 -24.06 -59.08 -13.37
C SER C 114 -24.40 -60.46 -13.91
N ASP C 115 -23.42 -61.36 -13.89
CA ASP C 115 -23.57 -62.69 -14.46
C ASP C 115 -23.89 -63.82 -13.49
N TYR C 116 -23.56 -63.66 -12.22
CA TYR C 116 -23.84 -64.68 -11.23
C TYR C 116 -24.48 -64.06 -10.00
N PRO C 117 -25.60 -63.36 -10.19
CA PRO C 117 -26.35 -62.66 -9.14
C PRO C 117 -26.77 -63.58 -8.01
N GLU C 118 -27.04 -64.83 -8.35
CA GLU C 118 -27.48 -65.83 -7.37
C GLU C 118 -26.40 -66.16 -6.34
N ARG C 119 -25.14 -65.89 -6.67
CA ARG C 119 -24.04 -66.17 -5.78
C ARG C 119 -23.61 -64.97 -4.92
N VAL C 120 -24.16 -63.81 -5.22
CA VAL C 120 -23.78 -62.60 -4.51
C VAL C 120 -24.86 -62.01 -3.60
N ARG C 121 -24.55 -61.88 -2.32
CA ARG C 121 -25.48 -61.30 -1.37
C ARG C 121 -25.45 -59.78 -1.54
N ASN C 122 -24.26 -59.24 -1.74
CA ASN C 122 -24.04 -57.83 -1.97
C ASN C 122 -22.63 -57.64 -2.51
N GLY C 123 -22.45 -56.68 -3.40
CA GLY C 123 -21.16 -56.42 -3.99
C GLY C 123 -20.53 -55.14 -3.46
N MET C 124 -19.23 -55.20 -3.21
CA MET C 124 -18.50 -54.05 -2.70
C MET C 124 -17.31 -53.73 -3.59
N PRO C 125 -17.57 -53.11 -4.74
CA PRO C 125 -16.49 -52.75 -5.67
C PRO C 125 -15.77 -51.50 -5.21
N HIS C 126 -14.47 -51.45 -5.43
CA HIS C 126 -13.65 -50.31 -5.06
C HIS C 126 -12.71 -49.96 -6.20
N GLU C 127 -12.86 -48.74 -6.72
CA GLU C 127 -12.03 -48.25 -7.80
C GLU C 127 -11.98 -49.17 -9.02
N VAL C 128 -13.11 -49.24 -9.73
CA VAL C 128 -13.21 -50.06 -10.92
C VAL C 128 -12.51 -49.33 -12.06
N PRO C 129 -11.52 -49.99 -12.68
CA PRO C 129 -10.78 -49.37 -13.78
C PRO C 129 -11.64 -49.24 -15.03
N THR C 130 -11.81 -48.03 -15.52
CA THR C 130 -12.57 -47.80 -16.75
C THR C 130 -11.73 -47.00 -17.72
N GLU C 131 -10.75 -46.29 -17.20
CA GLU C 131 -9.85 -45.47 -17.99
C GLU C 131 -8.48 -45.46 -17.32
N ASN C 132 -7.56 -46.21 -17.89
CA ASN C 132 -6.20 -46.33 -17.37
C ASN C 132 -5.43 -45.03 -17.31
N PRO C 133 -4.67 -44.83 -16.22
CA PRO C 133 -3.84 -43.63 -16.12
C PRO C 133 -2.68 -43.75 -17.11
N ASP C 134 -2.03 -42.64 -17.40
CA ASP C 134 -0.94 -42.62 -18.37
C ASP C 134 0.30 -43.38 -17.93
N ILE C 135 0.46 -43.57 -16.62
CA ILE C 135 1.61 -44.30 -16.11
C ILE C 135 1.59 -45.75 -16.58
N LEU C 136 0.43 -46.24 -16.98
CA LEU C 136 0.28 -47.62 -17.42
C LEU C 136 0.15 -47.81 -18.92
N LEU C 137 0.09 -46.72 -19.67
CA LEU C 137 -0.09 -46.79 -21.12
C LEU C 137 0.84 -47.73 -21.90
N HIS C 138 2.11 -47.80 -21.51
CA HIS C 138 3.06 -48.65 -22.20
C HIS C 138 3.80 -49.59 -21.26
N ILE C 139 3.20 -49.90 -20.12
CA ILE C 139 3.84 -50.78 -19.13
C ILE C 139 4.02 -52.23 -19.56
N HIS C 140 3.21 -52.69 -20.50
CA HIS C 140 3.29 -54.06 -20.98
C HIS C 140 4.39 -54.30 -21.99
N GLU C 141 5.01 -53.23 -22.48
CA GLU C 141 6.04 -53.36 -23.50
C GLU C 141 7.48 -53.33 -22.99
N VAL C 142 7.67 -53.00 -21.73
CA VAL C 142 9.01 -52.94 -21.17
C VAL C 142 9.42 -54.27 -20.53
N ASP C 143 10.71 -54.42 -20.25
CA ASP C 143 11.23 -55.64 -19.66
C ASP C 143 10.79 -55.82 -18.21
N PRO C 144 10.64 -57.09 -17.79
CA PRO C 144 10.20 -57.48 -16.45
C PRO C 144 10.83 -56.69 -15.33
N ALA C 145 12.16 -56.55 -15.33
CA ALA C 145 12.83 -55.80 -14.28
C ALA C 145 12.35 -54.36 -14.20
N THR C 146 12.19 -53.73 -15.36
CA THR C 146 11.72 -52.36 -15.41
C THR C 146 10.27 -52.30 -14.93
N ILE C 147 9.48 -53.28 -15.34
CA ILE C 147 8.09 -53.33 -14.93
C ILE C 147 8.04 -53.42 -13.41
N SER C 148 8.79 -54.36 -12.86
CA SER C 148 8.81 -54.53 -11.41
C SER C 148 9.26 -53.27 -10.69
N GLN C 149 10.29 -52.63 -11.21
CA GLN C 149 10.80 -51.40 -10.62
C GLN C 149 9.71 -50.34 -10.61
N GLU C 150 9.14 -50.07 -11.78
CA GLU C 150 8.10 -49.06 -11.93
C GLU C 150 6.83 -49.36 -11.13
N MET C 151 6.28 -50.55 -11.30
CA MET C 151 5.06 -50.94 -10.61
C MET C 151 5.23 -50.97 -9.09
N ALA C 152 6.43 -51.31 -8.63
CA ALA C 152 6.68 -51.35 -7.20
C ALA C 152 6.56 -49.95 -6.61
N ALA C 153 7.12 -48.97 -7.30
CA ALA C 153 7.04 -47.59 -6.86
C ALA C 153 5.63 -47.06 -7.08
N ASN C 154 5.06 -47.40 -8.23
CA ASN C 154 3.71 -46.98 -8.55
C ASN C 154 2.75 -47.44 -7.48
N SER C 155 2.83 -48.73 -7.15
CA SER C 155 1.97 -49.32 -6.15
C SER C 155 2.17 -48.70 -4.78
N ARG C 156 3.43 -48.51 -4.40
CA ARG C 156 3.75 -47.91 -3.11
C ARG C 156 3.19 -46.51 -3.02
N ALA C 157 3.20 -45.79 -4.12
CA ALA C 157 2.69 -44.42 -4.15
C ALA C 157 1.18 -44.38 -4.01
N ALA C 158 0.53 -45.45 -4.44
CA ALA C 158 -0.91 -45.56 -4.36
C ALA C 158 -1.33 -46.37 -3.14
N SER C 159 -0.39 -46.65 -2.26
CA SER C 159 -0.66 -47.47 -1.09
C SER C 159 -1.58 -46.82 -0.07
N GLY C 160 -1.52 -45.50 0.03
CA GLY C 160 -2.36 -44.79 0.97
C GLY C 160 -1.78 -44.72 2.37
N ASN C 161 -0.61 -45.34 2.52
CA ASN C 161 0.12 -45.39 3.78
C ASN C 161 1.39 -46.17 3.46
N VAL C 162 2.44 -45.45 3.11
CA VAL C 162 3.70 -46.07 2.76
C VAL C 162 4.30 -46.94 3.85
N GLU C 163 4.04 -46.59 5.10
CA GLU C 163 4.57 -47.35 6.23
C GLU C 163 3.94 -48.73 6.31
N ALA C 164 2.62 -48.78 6.24
CA ALA C 164 1.90 -50.04 6.29
C ALA C 164 2.22 -50.89 5.07
N TRP C 165 2.43 -50.23 3.94
CA TRP C 165 2.77 -50.91 2.69
C TRP C 165 4.10 -51.62 2.86
N ASP C 166 5.09 -50.86 3.30
CA ASP C 166 6.44 -51.35 3.52
C ASP C 166 6.44 -52.50 4.51
N ALA C 167 5.58 -52.35 5.52
CA ALA C 167 5.44 -53.31 6.61
C ALA C 167 4.73 -54.60 6.24
N LEU C 168 4.47 -54.78 4.95
CA LEU C 168 3.85 -56.02 4.48
C LEU C 168 4.89 -57.13 4.60
N GLY C 169 6.16 -56.76 4.52
CA GLY C 169 7.24 -57.74 4.67
C GLY C 169 8.00 -58.10 3.42
N PRO C 170 9.21 -58.64 3.61
CA PRO C 170 10.09 -59.06 2.53
C PRO C 170 9.50 -60.20 1.69
N GLU C 171 8.84 -61.14 2.35
CA GLU C 171 8.22 -62.25 1.65
C GLU C 171 7.20 -61.71 0.67
N VAL C 172 6.27 -60.91 1.16
CA VAL C 172 5.22 -60.32 0.34
C VAL C 172 5.79 -59.56 -0.83
N HIS C 173 6.74 -58.66 -0.57
CA HIS C 173 7.30 -57.86 -1.64
C HIS C 173 8.09 -58.68 -2.66
N ALA C 174 8.64 -59.81 -2.23
CA ALA C 174 9.37 -60.68 -3.15
C ALA C 174 8.36 -61.38 -4.05
N ARG C 175 7.18 -61.68 -3.51
CA ARG C 175 6.12 -62.32 -4.28
C ARG C 175 5.57 -61.29 -5.25
N LEU C 176 5.39 -60.07 -4.75
CA LEU C 176 4.88 -58.96 -5.55
C LEU C 176 5.82 -58.66 -6.71
N HIS C 177 7.11 -58.76 -6.44
CA HIS C 177 8.13 -58.52 -7.44
C HIS C 177 7.90 -59.35 -8.69
N ASP C 178 7.58 -60.62 -8.50
CA ASP C 178 7.35 -61.49 -9.64
C ASP C 178 5.97 -61.31 -10.28
N ASN C 179 5.01 -60.85 -9.49
CA ASN C 179 3.66 -60.65 -9.99
C ASN C 179 3.56 -59.47 -10.95
N TYR C 180 4.33 -58.42 -10.68
CA TYR C 180 4.30 -57.20 -11.49
C TYR C 180 4.33 -57.44 -13.00
N PRO C 181 5.37 -58.13 -13.50
CA PRO C 181 5.45 -58.36 -14.94
C PRO C 181 4.24 -59.11 -15.46
N ARG C 182 3.88 -60.19 -14.78
CA ARG C 182 2.74 -60.99 -15.17
C ARG C 182 1.46 -60.17 -15.21
N TRP C 183 1.27 -59.34 -14.19
CA TRP C 183 0.10 -58.48 -14.14
C TRP C 183 0.06 -57.58 -15.35
N ALA C 184 1.16 -56.86 -15.58
CA ALA C 184 1.27 -55.93 -16.68
C ALA C 184 0.96 -56.53 -18.06
N TYR C 185 1.41 -57.76 -18.28
CA TYR C 185 1.19 -58.40 -19.57
C TYR C 185 -0.24 -58.83 -19.80
N GLY C 186 -0.99 -59.11 -18.73
CA GLY C 186 -2.34 -59.57 -18.91
C GLY C 186 -3.50 -58.79 -18.31
N TYR C 187 -3.25 -57.68 -17.64
CA TYR C 187 -4.34 -56.95 -17.01
C TYR C 187 -4.70 -55.55 -17.55
N PRO C 188 -3.77 -54.61 -17.45
CA PRO C 188 -4.00 -53.21 -17.83
C PRO C 188 -4.61 -52.98 -19.20
N ARG C 189 -4.24 -53.76 -20.20
CA ARG C 189 -4.77 -53.58 -21.54
C ARG C 189 -6.21 -54.03 -21.71
N THR C 190 -6.57 -55.14 -21.06
CA THR C 190 -7.91 -55.69 -21.21
C THR C 190 -8.92 -55.48 -20.08
N ILE C 191 -8.46 -55.15 -18.89
CA ILE C 191 -9.37 -54.96 -17.75
C ILE C 191 -10.33 -53.78 -17.92
N PRO C 192 -9.78 -52.58 -18.18
CA PRO C 192 -10.56 -51.34 -18.34
C PRO C 192 -11.71 -51.42 -19.32
N PRO C 193 -11.45 -51.83 -20.58
CA PRO C 193 -12.50 -51.90 -21.59
C PRO C 193 -13.56 -52.96 -21.30
N SER C 194 -13.25 -53.89 -20.40
CA SER C 194 -14.18 -54.95 -20.05
C SER C 194 -15.02 -54.64 -18.81
N ALA C 195 -14.76 -53.48 -18.22
CA ALA C 195 -15.46 -53.07 -17.02
C ALA C 195 -16.96 -53.28 -17.16
N PRO C 196 -17.53 -54.11 -16.29
CA PRO C 196 -18.97 -54.37 -16.30
C PRO C 196 -19.74 -53.24 -15.62
N VAL C 197 -19.70 -52.06 -16.23
CA VAL C 197 -20.37 -50.89 -15.68
C VAL C 197 -21.56 -50.46 -16.52
N LYS C 198 -22.05 -51.36 -17.35
CA LYS C 198 -23.23 -51.06 -18.15
C LYS C 198 -24.42 -51.06 -17.22
N THR C 199 -25.46 -50.34 -17.60
CA THR C 199 -26.67 -50.25 -16.80
C THR C 199 -27.19 -51.61 -16.34
N GLU C 200 -27.20 -52.59 -17.23
CA GLU C 200 -27.73 -53.90 -16.88
C GLU C 200 -26.80 -54.79 -16.05
N ASP C 201 -25.61 -54.29 -15.75
CA ASP C 201 -24.66 -55.03 -14.94
C ASP C 201 -24.80 -54.67 -13.48
N LEU C 202 -25.45 -53.56 -13.19
CA LEU C 202 -25.50 -53.04 -11.83
C LEU C 202 -26.76 -53.14 -10.99
N HIS C 203 -27.80 -53.81 -11.44
CA HIS C 203 -29.02 -53.83 -10.64
C HIS C 203 -29.66 -55.17 -10.30
N LYS C 204 -28.87 -56.24 -10.28
CA LYS C 204 -29.43 -57.54 -9.95
C LYS C 204 -29.26 -57.84 -8.46
N VAL C 205 -28.25 -57.24 -7.85
CA VAL C 205 -27.99 -57.42 -6.43
C VAL C 205 -27.55 -56.10 -5.82
N PRO C 206 -27.61 -55.98 -4.50
CA PRO C 206 -27.19 -54.73 -3.85
C PRO C 206 -25.71 -54.47 -4.06
N ILE C 207 -25.36 -53.21 -4.30
CA ILE C 207 -23.98 -52.82 -4.53
C ILE C 207 -23.65 -51.59 -3.70
N ASP C 208 -22.47 -51.60 -3.11
CA ASP C 208 -21.97 -50.48 -2.32
C ASP C 208 -20.58 -50.19 -2.87
N TRP C 209 -20.52 -49.14 -3.68
CA TRP C 209 -19.33 -48.70 -4.39
C TRP C 209 -18.49 -47.71 -3.60
N THR C 210 -17.17 -47.85 -3.67
CA THR C 210 -16.26 -46.95 -2.98
C THR C 210 -15.05 -46.57 -3.83
N VAL C 211 -14.44 -45.44 -3.46
CA VAL C 211 -13.25 -44.91 -4.12
C VAL C 211 -12.35 -44.37 -3.00
N GLY C 212 -11.05 -44.45 -3.19
CA GLY C 212 -10.12 -43.97 -2.19
C GLY C 212 -10.31 -42.49 -1.89
N ALA C 213 -10.34 -42.16 -0.61
CA ALA C 213 -10.52 -40.78 -0.18
C ALA C 213 -9.37 -39.88 -0.60
N SER C 214 -8.16 -40.44 -0.69
CA SER C 214 -7.00 -39.67 -1.06
C SER C 214 -6.60 -39.83 -2.52
N THR C 215 -7.29 -40.71 -3.23
CA THR C 215 -7.03 -40.94 -4.63
C THR C 215 -7.35 -39.66 -5.39
N PRO C 216 -6.49 -39.28 -6.33
CA PRO C 216 -6.77 -38.09 -7.13
C PRO C 216 -8.13 -38.26 -7.80
N THR C 217 -8.98 -37.25 -7.68
CA THR C 217 -10.33 -37.27 -8.22
C THR C 217 -10.49 -37.86 -9.61
N LYS C 218 -9.66 -37.44 -10.54
CA LYS C 218 -9.75 -37.91 -11.91
C LYS C 218 -9.60 -39.41 -12.13
N LEU C 219 -8.76 -40.06 -11.32
CA LEU C 219 -8.50 -41.49 -11.50
C LEU C 219 -9.75 -42.35 -11.58
N PHE C 220 -10.67 -42.18 -10.64
CA PHE C 220 -11.89 -42.97 -10.63
C PHE C 220 -13.14 -42.12 -10.62
N PHE C 221 -13.02 -40.95 -11.22
CA PHE C 221 -14.10 -39.99 -11.34
C PHE C 221 -15.32 -40.62 -11.99
N GLU C 222 -15.09 -41.43 -13.02
CA GLU C 222 -16.17 -42.10 -13.72
C GLU C 222 -16.96 -43.05 -12.82
N ASN C 223 -16.28 -43.69 -11.89
CA ASN C 223 -16.93 -44.60 -10.95
C ASN C 223 -18.03 -43.85 -10.21
N ILE C 224 -17.66 -42.67 -9.71
CA ILE C 224 -18.57 -41.84 -8.94
C ILE C 224 -19.79 -41.39 -9.75
N VAL C 225 -19.55 -40.94 -10.97
CA VAL C 225 -20.63 -40.48 -11.82
C VAL C 225 -21.56 -41.63 -12.19
N ILE C 226 -20.99 -42.76 -12.56
CA ILE C 226 -21.79 -43.93 -12.91
C ILE C 226 -22.68 -44.34 -11.75
N ALA C 227 -22.07 -44.47 -10.58
CA ALA C 227 -22.79 -44.86 -9.38
C ALA C 227 -23.94 -43.90 -9.09
N ALA C 228 -23.63 -42.62 -9.00
CA ALA C 228 -24.62 -41.59 -8.71
C ALA C 228 -25.78 -41.63 -9.70
N ARG C 229 -25.45 -41.65 -10.99
CA ARG C 229 -26.47 -41.66 -12.02
C ARG C 229 -27.31 -42.95 -12.03
N GLU C 230 -26.71 -44.05 -11.61
CA GLU C 230 -27.42 -45.32 -11.57
C GLU C 230 -28.11 -45.56 -10.23
N GLY C 231 -27.97 -44.61 -9.31
CA GLY C 231 -28.59 -44.74 -8.01
C GLY C 231 -27.99 -45.81 -7.11
N ILE C 232 -26.70 -46.04 -7.26
CA ILE C 232 -25.99 -47.02 -6.47
C ILE C 232 -25.23 -46.30 -5.35
N ASN C 233 -25.29 -46.86 -4.14
CA ASN C 233 -24.60 -46.27 -3.00
C ASN C 233 -23.14 -46.05 -3.36
N ILE C 234 -22.66 -44.85 -3.10
CA ILE C 234 -21.29 -44.53 -3.44
C ILE C 234 -20.66 -43.66 -2.36
N GLY C 235 -19.44 -43.99 -1.99
CA GLY C 235 -18.71 -43.26 -0.97
C GLY C 235 -17.22 -43.48 -1.04
N THR C 236 -16.51 -43.00 -0.02
CA THR C 236 -15.06 -43.16 0.01
C THR C 236 -14.60 -43.95 1.23
N LEU C 237 -13.40 -44.46 1.10
CA LEU C 237 -12.74 -45.17 2.18
C LEU C 237 -11.42 -44.45 2.38
N PRO C 238 -10.97 -44.36 3.63
CA PRO C 238 -9.68 -43.67 3.84
C PRO C 238 -8.62 -44.37 3.02
N GLY C 239 -7.60 -43.63 2.61
CA GLY C 239 -6.54 -44.21 1.82
C GLY C 239 -6.73 -44.04 0.33
N ASN C 240 -6.05 -44.88 -0.42
CA ASN C 240 -6.10 -44.82 -1.87
C ASN C 240 -6.63 -46.11 -2.51
N HIS C 241 -5.69 -46.87 -3.07
CA HIS C 241 -5.97 -48.11 -3.78
C HIS C 241 -5.93 -49.36 -2.92
N PHE C 242 -5.37 -49.26 -1.73
CA PHE C 242 -5.24 -50.40 -0.86
C PHE C 242 -5.74 -50.13 0.55
N PRO C 243 -7.05 -49.81 0.69
CA PRO C 243 -7.63 -49.51 2.00
C PRO C 243 -7.45 -50.64 3.01
N TYR C 244 -7.38 -51.88 2.51
CA TYR C 244 -7.19 -53.03 3.39
C TYR C 244 -5.79 -53.10 4.00
N VAL C 245 -4.87 -52.36 3.42
CA VAL C 245 -3.50 -52.34 3.91
C VAL C 245 -3.27 -51.05 4.70
N SER C 246 -3.71 -49.93 4.13
CA SER C 246 -3.52 -48.64 4.76
C SER C 246 -4.39 -48.41 5.99
N HIS C 247 -5.66 -48.80 5.91
CA HIS C 247 -6.57 -48.62 7.03
C HIS C 247 -7.39 -49.86 7.32
N PRO C 248 -6.73 -50.91 7.81
CA PRO C 248 -7.39 -52.19 8.10
C PRO C 248 -8.60 -52.07 9.01
N GLU C 249 -8.51 -51.28 10.07
CA GLU C 249 -9.64 -51.13 10.99
C GLU C 249 -10.85 -50.53 10.30
N GLU C 250 -10.65 -49.43 9.58
CA GLU C 250 -11.74 -48.78 8.88
C GLU C 250 -12.29 -49.67 7.77
N PHE C 251 -11.40 -50.34 7.05
CA PHE C 251 -11.79 -51.24 5.99
C PHE C 251 -12.67 -52.36 6.55
N ALA C 252 -12.22 -52.96 7.64
CA ALA C 252 -12.95 -54.04 8.28
C ALA C 252 -14.32 -53.59 8.72
N LYS C 253 -14.40 -52.39 9.29
CA LYS C 253 -15.67 -51.84 9.76
C LYS C 253 -16.63 -51.67 8.60
N TYR C 254 -16.13 -51.16 7.48
CA TYR C 254 -16.94 -50.95 6.30
C TYR C 254 -17.51 -52.27 5.78
N VAL C 255 -16.65 -53.26 5.61
CA VAL C 255 -17.08 -54.55 5.10
C VAL C 255 -18.11 -55.20 6.01
N VAL C 256 -17.87 -55.16 7.31
CA VAL C 256 -18.78 -55.76 8.27
C VAL C 256 -20.13 -55.05 8.27
N GLU C 257 -20.11 -53.73 8.41
CA GLU C 257 -21.35 -52.97 8.44
C GLU C 257 -22.17 -53.06 7.16
N THR C 258 -21.52 -52.99 6.01
CA THR C 258 -22.26 -53.07 4.75
C THR C 258 -22.86 -54.45 4.55
N SER C 259 -22.10 -55.48 4.89
CA SER C 259 -22.57 -56.84 4.74
C SER C 259 -23.76 -57.12 5.66
N ARG C 260 -23.65 -56.61 6.88
CA ARG C 260 -24.67 -56.77 7.90
C ARG C 260 -26.01 -56.27 7.40
N LYS C 261 -25.97 -55.20 6.61
CA LYS C 261 -27.16 -54.58 6.05
C LYS C 261 -28.05 -55.52 5.28
N TYR C 262 -27.45 -56.53 4.65
CA TYR C 262 -28.21 -57.44 3.82
C TYR C 262 -28.47 -58.82 4.40
N LEU C 263 -28.19 -58.97 5.69
CA LEU C 263 -28.43 -60.23 6.36
C LEU C 263 -29.76 -60.16 7.07
N LYS C 264 -30.51 -61.26 7.04
CA LYS C 264 -31.79 -61.29 7.70
C LYS C 264 -31.60 -61.22 9.20
N ALA D 1 -24.38 40.14 16.57
CA ALA D 1 -24.33 39.20 15.45
C ALA D 1 -25.30 39.59 14.33
N THR D 2 -24.77 39.74 13.12
CA THR D 2 -25.60 40.09 11.98
C THR D 2 -26.24 38.81 11.46
N ARG D 3 -27.36 38.45 12.07
CA ARG D 3 -28.06 37.24 11.68
C ARG D 3 -29.42 37.59 11.11
N THR D 4 -29.78 36.91 10.04
CA THR D 4 -31.07 37.13 9.41
C THR D 4 -32.10 36.29 10.14
N ARG D 5 -33.21 36.92 10.49
CA ARG D 5 -34.30 36.25 11.16
C ARG D 5 -35.53 36.56 10.32
N GLY D 6 -36.15 35.53 9.77
CA GLY D 6 -37.31 35.76 8.93
C GLY D 6 -38.27 34.61 8.74
N TYR D 7 -39.17 34.78 7.80
CA TYR D 7 -40.19 33.77 7.49
C TYR D 7 -40.31 33.54 6.00
N VAL D 8 -40.73 32.33 5.65
CA VAL D 8 -40.93 31.95 4.27
C VAL D 8 -41.95 30.83 4.21
N THR D 9 -42.96 30.99 3.37
CA THR D 9 -43.98 29.98 3.23
C THR D 9 -43.70 29.13 2.00
N THR D 10 -43.28 27.90 2.24
CA THR D 10 -42.94 27.00 1.17
C THR D 10 -44.21 26.51 0.50
N LYS D 11 -44.06 25.85 -0.64
CA LYS D 11 -45.19 25.35 -1.41
C LYS D 11 -45.98 24.23 -0.75
N ASP D 12 -45.50 23.73 0.38
CA ASP D 12 -46.20 22.68 1.10
C ASP D 12 -47.10 23.26 2.20
N GLY D 13 -47.16 24.59 2.27
CA GLY D 13 -48.00 25.25 3.25
C GLY D 13 -47.34 25.60 4.57
N ILE D 14 -46.12 25.14 4.77
CA ILE D 14 -45.41 25.42 6.01
C ILE D 14 -44.93 26.87 6.06
N LYS D 15 -45.27 27.58 7.11
CA LYS D 15 -44.77 28.93 7.26
C LYS D 15 -43.54 28.81 8.16
N TRP D 16 -42.39 28.66 7.55
CA TRP D 16 -41.14 28.49 8.27
C TRP D 16 -40.59 29.74 8.91
N TYR D 17 -40.01 29.58 10.09
CA TYR D 17 -39.29 30.67 10.74
C TYR D 17 -37.87 30.18 10.60
N TYR D 18 -36.99 31.00 10.06
CA TYR D 18 -35.62 30.58 9.87
C TYR D 18 -34.62 31.65 10.26
N GLU D 19 -33.38 31.21 10.48
CA GLU D 19 -32.30 32.10 10.83
C GLU D 19 -31.11 31.72 9.97
N GLN D 20 -30.30 32.72 9.63
CA GLN D 20 -29.11 32.51 8.82
C GLN D 20 -28.02 33.49 9.23
N GLU D 21 -26.79 33.01 9.32
CA GLU D 21 -25.67 33.85 9.70
C GLU D 21 -24.38 33.41 9.01
N GLY D 22 -23.60 34.39 8.58
CA GLY D 22 -22.34 34.14 7.92
C GLY D 22 -22.40 33.94 6.43
N SER D 23 -21.23 33.69 5.84
CA SER D 23 -21.10 33.44 4.41
C SER D 23 -20.04 32.38 4.18
N GLY D 24 -20.15 31.67 3.07
CA GLY D 24 -19.22 30.62 2.74
C GLY D 24 -19.97 29.31 2.58
N PRO D 25 -19.27 28.17 2.75
CA PRO D 25 -19.91 26.87 2.61
C PRO D 25 -21.09 26.74 3.57
N ASP D 26 -22.17 26.13 3.09
CA ASP D 26 -23.37 25.98 3.88
C ASP D 26 -23.36 24.91 4.95
N VAL D 27 -23.84 25.28 6.12
CA VAL D 27 -23.96 24.40 7.25
C VAL D 27 -25.40 24.54 7.73
N VAL D 28 -26.12 23.43 7.79
CA VAL D 28 -27.52 23.44 8.21
C VAL D 28 -27.65 22.74 9.56
N LEU D 29 -28.31 23.38 10.50
CA LEU D 29 -28.50 22.83 11.83
C LEU D 29 -29.94 22.44 12.04
N ILE D 30 -30.22 21.15 11.88
CA ILE D 30 -31.56 20.66 12.06
C ILE D 30 -31.77 20.41 13.53
N PRO D 31 -32.79 21.04 14.09
CA PRO D 31 -33.06 20.85 15.51
C PRO D 31 -33.51 19.45 15.81
N ASP D 32 -33.57 19.14 17.10
CA ASP D 32 -34.04 17.86 17.57
C ASP D 32 -35.57 17.85 17.49
N GLY D 33 -36.17 16.81 18.05
CA GLY D 33 -37.61 16.63 18.03
C GLY D 33 -38.42 17.82 18.47
N LEU D 34 -37.90 18.59 19.41
CA LEU D 34 -38.58 19.77 19.95
C LEU D 34 -38.66 20.92 18.95
N GLY D 35 -37.88 20.82 17.88
CA GLY D 35 -37.86 21.79 16.80
C GLY D 35 -37.69 23.25 17.15
N GLU D 36 -36.96 23.52 18.21
CA GLU D 36 -36.72 24.87 18.68
C GLU D 36 -35.30 25.27 18.31
N CYS D 37 -35.17 26.09 17.27
CA CYS D 37 -33.88 26.51 16.74
C CYS D 37 -33.12 27.55 17.57
N GLN D 38 -33.77 28.04 18.62
CA GLN D 38 -33.13 29.00 19.51
C GLN D 38 -32.02 28.34 20.33
N MET D 39 -32.03 27.02 20.32
CA MET D 39 -31.02 26.23 21.02
C MET D 39 -29.67 26.31 20.33
N PHE D 40 -29.67 26.72 19.08
CA PHE D 40 -28.44 26.85 18.30
C PHE D 40 -27.87 28.25 18.29
N ASP D 41 -28.53 29.17 18.99
CA ASP D 41 -28.15 30.57 19.05
C ASP D 41 -26.64 30.78 19.21
N LYS D 42 -26.09 30.30 20.32
CA LYS D 42 -24.67 30.46 20.60
C LYS D 42 -23.75 29.80 19.58
N PRO D 43 -23.89 28.47 19.40
CA PRO D 43 -23.01 27.75 18.47
C PRO D 43 -23.14 28.25 17.03
N MET D 44 -24.31 28.74 16.66
CA MET D 44 -24.53 29.24 15.32
C MET D 44 -23.50 30.33 15.00
N SER D 45 -23.34 31.28 15.91
CA SER D 45 -22.38 32.35 15.72
C SER D 45 -20.97 31.82 15.66
N LEU D 46 -20.65 30.89 16.54
CA LEU D 46 -19.32 30.30 16.60
C LEU D 46 -18.95 29.65 15.28
N ILE D 47 -19.86 28.85 14.74
CA ILE D 47 -19.62 28.18 13.48
C ILE D 47 -19.53 29.19 12.35
N ALA D 48 -20.47 30.13 12.34
CA ALA D 48 -20.56 31.17 11.32
C ALA D 48 -19.27 31.96 11.20
N SER D 49 -18.65 32.23 12.34
CA SER D 49 -17.42 33.00 12.37
C SER D 49 -16.22 32.22 11.86
N ASN D 50 -16.42 30.96 11.51
CA ASN D 50 -15.33 30.14 11.03
C ASN D 50 -15.34 30.03 9.52
N GLY D 51 -16.14 30.87 8.86
CA GLY D 51 -16.22 30.88 7.42
C GLY D 51 -17.30 30.03 6.79
N PHE D 52 -18.43 29.89 7.46
CA PHE D 52 -19.53 29.11 6.93
C PHE D 52 -20.82 29.91 7.01
N ARG D 53 -21.72 29.67 6.08
CA ARG D 53 -23.03 30.29 6.12
C ARG D 53 -23.87 29.28 6.85
N VAL D 54 -24.31 29.63 8.06
CA VAL D 54 -25.10 28.73 8.88
C VAL D 54 -26.59 29.03 8.83
N THR D 55 -27.37 27.99 8.58
CA THR D 55 -28.81 28.10 8.50
C THR D 55 -29.51 27.18 9.49
N THR D 56 -30.49 27.73 10.18
CA THR D 56 -31.30 26.96 11.11
C THR D 56 -32.74 27.44 11.02
N PHE D 57 -33.64 26.69 11.66
CA PHE D 57 -35.05 26.98 11.60
C PHE D 57 -35.87 26.18 12.60
N ASP D 58 -37.04 26.68 12.94
CA ASP D 58 -37.94 25.97 13.82
C ASP D 58 -38.59 24.91 12.94
N MET D 59 -38.80 23.71 13.46
CA MET D 59 -39.41 22.66 12.67
C MET D 59 -40.91 22.86 12.52
N PRO D 60 -41.50 22.31 11.45
CA PRO D 60 -42.91 22.43 11.13
C PRO D 60 -43.81 22.12 12.31
N GLY D 61 -44.66 23.07 12.65
CA GLY D 61 -45.59 22.92 13.77
C GLY D 61 -45.03 23.33 15.11
N MET D 62 -43.71 23.46 15.19
CA MET D 62 -43.05 23.83 16.43
C MET D 62 -42.65 25.28 16.48
N SER D 63 -42.73 25.83 17.69
CA SER D 63 -42.36 27.20 17.99
C SER D 63 -42.84 28.19 16.93
N ARG D 64 -41.91 28.97 16.41
CA ARG D 64 -42.20 29.99 15.42
C ARG D 64 -42.68 29.46 14.07
N SER D 65 -42.53 28.16 13.83
CA SER D 65 -42.95 27.56 12.59
C SER D 65 -44.27 26.81 12.78
N SER D 66 -45.02 27.22 13.80
CA SER D 66 -46.29 26.59 14.14
C SER D 66 -47.40 26.71 13.10
N ASP D 67 -47.30 27.69 12.22
CA ASP D 67 -48.32 27.84 11.20
C ASP D 67 -48.04 26.92 10.04
N ALA D 68 -48.37 25.65 10.22
CA ALA D 68 -48.14 24.64 9.20
C ALA D 68 -49.25 23.61 9.18
N PRO D 69 -49.46 22.99 8.03
CA PRO D 69 -50.51 21.98 7.91
C PRO D 69 -50.23 20.85 8.90
N PRO D 70 -51.28 20.28 9.48
CA PRO D 70 -51.24 19.20 10.48
C PRO D 70 -50.41 18.01 10.02
N GLU D 71 -50.41 17.73 8.73
CA GLU D 71 -49.65 16.58 8.26
C GLU D 71 -48.14 16.77 8.35
N THR D 72 -47.69 18.02 8.46
CA THR D 72 -46.26 18.27 8.59
C THR D 72 -45.72 18.03 9.99
N TYR D 73 -46.60 17.68 10.92
CA TYR D 73 -46.17 17.39 12.27
C TYR D 73 -46.89 16.17 12.88
N GLN D 74 -47.41 15.33 11.99
CA GLN D 74 -48.12 14.12 12.38
C GLN D 74 -47.57 12.95 11.59
N ASP D 75 -47.50 11.78 12.21
CA ASP D 75 -46.94 10.59 11.57
C ASP D 75 -45.58 10.91 10.97
N ILE D 76 -44.75 11.59 11.76
CA ILE D 76 -43.44 12.04 11.34
C ILE D 76 -42.37 10.97 11.20
N THR D 77 -41.63 11.06 10.10
CA THR D 77 -40.52 10.16 9.80
C THR D 77 -39.35 11.00 9.30
N GLY D 78 -38.16 10.42 9.28
CA GLY D 78 -36.99 11.12 8.80
C GLY D 78 -37.16 11.53 7.35
N ARG D 79 -37.70 10.65 6.54
CA ARG D 79 -37.89 10.94 5.12
C ARG D 79 -38.90 12.05 4.91
N LYS D 80 -39.94 12.09 5.74
CA LYS D 80 -40.95 13.12 5.64
C LYS D 80 -40.30 14.48 5.89
N LEU D 81 -39.60 14.60 7.02
CA LEU D 81 -38.92 15.82 7.40
C LEU D 81 -37.93 16.25 6.33
N ALA D 82 -37.18 15.29 5.81
CA ALA D 82 -36.19 15.56 4.78
C ALA D 82 -36.84 16.20 3.57
N GLY D 83 -38.04 15.73 3.22
CA GLY D 83 -38.79 16.27 2.11
C GLY D 83 -39.03 17.76 2.30
N TYR D 84 -39.54 18.12 3.47
CA TYR D 84 -39.81 19.51 3.78
C TYR D 84 -38.53 20.33 3.77
N ILE D 85 -37.49 19.80 4.39
CA ILE D 85 -36.21 20.49 4.46
C ILE D 85 -35.68 20.81 3.08
N ILE D 86 -35.75 19.82 2.18
CA ILE D 86 -35.29 20.00 0.82
C ILE D 86 -36.01 21.17 0.16
N THR D 87 -37.32 21.21 0.33
CA THR D 87 -38.13 22.28 -0.23
C THR D 87 -37.67 23.62 0.35
N LEU D 88 -37.39 23.63 1.64
CA LEU D 88 -36.95 24.83 2.33
C LEU D 88 -35.60 25.29 1.80
N LEU D 89 -34.70 24.34 1.61
CA LEU D 89 -33.37 24.63 1.11
C LEU D 89 -33.44 25.25 -0.28
N ASP D 90 -34.35 24.74 -1.10
CA ASP D 90 -34.54 25.25 -2.46
C ASP D 90 -34.90 26.73 -2.40
N THR D 91 -35.83 27.05 -1.51
CA THR D 91 -36.30 28.41 -1.34
C THR D 91 -35.24 29.35 -0.80
N LEU D 92 -34.34 28.81 0.00
CA LEU D 92 -33.26 29.59 0.59
C LEU D 92 -32.01 29.63 -0.29
N ASP D 93 -32.11 29.04 -1.47
CA ASP D 93 -31.01 28.99 -2.42
C ASP D 93 -29.77 28.31 -1.87
N ILE D 94 -29.96 27.22 -1.15
CA ILE D 94 -28.85 26.45 -0.60
C ILE D 94 -28.76 25.18 -1.45
N LYS D 95 -27.65 25.03 -2.17
CA LYS D 95 -27.49 23.88 -3.06
C LYS D 95 -26.98 22.61 -2.36
N ILE D 96 -25.89 22.75 -1.63
CA ILE D 96 -25.27 21.64 -0.92
C ILE D 96 -24.87 22.13 0.45
N ALA D 97 -24.93 21.26 1.46
CA ALA D 97 -24.60 21.68 2.81
C ALA D 97 -24.14 20.57 3.74
N SER D 98 -23.48 20.98 4.82
CA SER D 98 -23.04 20.08 5.86
C SER D 98 -24.23 20.10 6.79
N VAL D 99 -24.82 18.93 7.05
CA VAL D 99 -26.02 18.88 7.87
C VAL D 99 -25.89 18.19 9.24
N TRP D 100 -26.32 18.89 10.27
CA TRP D 100 -26.31 18.37 11.63
C TRP D 100 -27.74 18.09 12.07
N GLY D 101 -27.93 17.01 12.82
CA GLY D 101 -29.22 16.67 13.33
C GLY D 101 -29.19 15.67 14.48
N CYS D 102 -29.96 15.97 15.52
CA CYS D 102 -30.06 15.09 16.67
C CYS D 102 -31.47 14.51 16.74
N ALA D 103 -31.58 13.29 17.25
CA ALA D 103 -32.85 12.59 17.41
C ALA D 103 -33.58 12.56 16.09
N SER D 104 -34.76 13.15 16.03
CA SER D 104 -35.52 13.18 14.79
C SER D 104 -34.73 13.97 13.74
N GLY D 105 -33.92 14.90 14.21
CA GLY D 105 -33.08 15.68 13.32
C GLY D 105 -32.05 14.77 12.69
N ALA D 106 -31.54 13.84 13.50
CA ALA D 106 -30.57 12.86 13.06
C ALA D 106 -31.19 11.92 12.03
N SER D 107 -32.45 11.56 12.25
CA SER D 107 -33.18 10.70 11.32
C SER D 107 -33.30 11.43 9.99
N THR D 108 -33.49 12.74 10.07
CA THR D 108 -33.62 13.55 8.88
C THR D 108 -32.30 13.58 8.12
N VAL D 109 -31.20 13.74 8.84
CA VAL D 109 -29.89 13.75 8.22
C VAL D 109 -29.68 12.48 7.41
N LEU D 110 -29.94 11.34 8.03
CA LEU D 110 -29.77 10.05 7.37
C LEU D 110 -30.66 9.96 6.14
N ALA D 111 -31.90 10.42 6.26
CA ALA D 111 -32.82 10.42 5.14
C ALA D 111 -32.24 11.24 4.00
N LEU D 112 -31.71 12.41 4.34
CA LEU D 112 -31.10 13.30 3.35
C LEU D 112 -29.89 12.63 2.69
N CYS D 113 -29.08 11.97 3.49
CA CYS D 113 -27.89 11.29 2.97
C CYS D 113 -28.28 10.14 2.06
N SER D 114 -29.37 9.47 2.38
CA SER D 114 -29.82 8.33 1.60
C SER D 114 -30.62 8.68 0.35
N ASP D 115 -31.53 9.63 0.45
CA ASP D 115 -32.40 9.99 -0.67
C ASP D 115 -32.04 11.26 -1.44
N TYR D 116 -31.27 12.14 -0.82
CA TYR D 116 -30.87 13.39 -1.44
C TYR D 116 -29.38 13.62 -1.28
N PRO D 117 -28.58 12.61 -1.64
CA PRO D 117 -27.12 12.65 -1.51
C PRO D 117 -26.52 13.85 -2.19
N GLU D 118 -27.13 14.29 -3.28
CA GLU D 118 -26.62 15.42 -4.04
C GLU D 118 -26.65 16.74 -3.30
N ARG D 119 -27.50 16.84 -2.28
CA ARG D 119 -27.62 18.06 -1.50
C ARG D 119 -26.77 18.03 -0.23
N VAL D 120 -26.13 16.90 0.03
CA VAL D 120 -25.34 16.74 1.25
C VAL D 120 -23.83 16.57 1.05
N ARG D 121 -23.08 17.49 1.61
CA ARG D 121 -21.63 17.45 1.55
C ARG D 121 -21.16 16.39 2.55
N ASN D 122 -21.78 16.39 3.72
CA ASN D 122 -21.47 15.45 4.78
C ASN D 122 -22.58 15.50 5.83
N GLY D 123 -22.91 14.35 6.39
CA GLY D 123 -23.96 14.25 7.40
C GLY D 123 -23.42 14.03 8.80
N MET D 124 -24.01 14.73 9.75
CA MET D 124 -23.59 14.62 11.13
C MET D 124 -24.78 14.26 12.01
N PRO D 125 -25.17 13.00 12.00
CA PRO D 125 -26.30 12.56 12.81
C PRO D 125 -25.87 12.38 14.25
N HIS D 126 -26.77 12.67 15.17
CA HIS D 126 -26.50 12.53 16.59
C HIS D 126 -27.67 11.87 17.28
N GLU D 127 -27.40 10.72 17.89
CA GLU D 127 -28.41 9.97 18.61
C GLU D 127 -29.65 9.69 17.78
N VAL D 128 -29.50 8.81 16.80
CA VAL D 128 -30.60 8.42 15.93
C VAL D 128 -31.51 7.48 16.70
N PRO D 129 -32.78 7.86 16.84
CA PRO D 129 -33.73 7.00 17.54
C PRO D 129 -34.03 5.73 16.76
N THR D 130 -33.80 4.58 17.39
CA THR D 130 -34.11 3.30 16.75
C THR D 130 -34.96 2.45 17.68
N GLU D 131 -35.01 2.84 18.94
CA GLU D 131 -35.79 2.15 19.96
C GLU D 131 -36.07 3.09 21.12
N ASN D 132 -37.33 3.42 21.31
CA ASN D 132 -37.72 4.34 22.37
C ASN D 132 -37.52 3.76 23.75
N PRO D 133 -37.07 4.59 24.68
CA PRO D 133 -36.95 4.08 26.04
C PRO D 133 -38.35 3.93 26.61
N ASP D 134 -38.49 3.22 27.72
CA ASP D 134 -39.80 3.01 28.31
C ASP D 134 -40.46 4.34 28.68
N ILE D 135 -39.65 5.36 28.91
CA ILE D 135 -40.17 6.67 29.31
C ILE D 135 -41.09 7.34 28.29
N LEU D 136 -41.03 6.91 27.03
CA LEU D 136 -41.86 7.51 25.99
C LEU D 136 -42.92 6.57 25.43
N LEU D 137 -43.02 5.37 25.98
CA LEU D 137 -43.98 4.39 25.48
C LEU D 137 -45.45 4.83 25.44
N HIS D 138 -45.88 5.62 26.42
CA HIS D 138 -47.27 6.05 26.48
C HIS D 138 -47.45 7.55 26.54
N ILE D 139 -46.44 8.29 26.09
CA ILE D 139 -46.50 9.75 26.15
C ILE D 139 -47.56 10.35 25.23
N HIS D 140 -47.97 9.61 24.22
CA HIS D 140 -48.96 10.10 23.27
C HIS D 140 -50.38 9.84 23.73
N GLU D 141 -50.54 9.25 24.90
CA GLU D 141 -51.87 8.93 25.41
C GLU D 141 -52.40 9.86 26.49
N VAL D 142 -51.52 10.64 27.11
CA VAL D 142 -51.94 11.53 28.18
C VAL D 142 -52.29 12.93 27.71
N ASP D 143 -52.86 13.70 28.62
CA ASP D 143 -53.26 15.08 28.35
C ASP D 143 -52.07 16.01 28.15
N PRO D 144 -52.22 17.00 27.28
CA PRO D 144 -51.18 17.99 26.98
C PRO D 144 -50.47 18.50 28.22
N ALA D 145 -51.22 18.87 29.25
CA ALA D 145 -50.64 19.39 30.47
C ALA D 145 -49.66 18.40 31.08
N THR D 146 -50.03 17.12 31.10
CA THR D 146 -49.16 16.10 31.65
C THR D 146 -47.94 15.91 30.76
N ILE D 147 -48.20 15.83 29.46
CA ILE D 147 -47.14 15.65 28.47
C ILE D 147 -46.08 16.72 28.65
N SER D 148 -46.51 17.97 28.73
CA SER D 148 -45.60 19.08 28.90
C SER D 148 -44.83 18.94 30.19
N GLN D 149 -45.55 18.59 31.25
CA GLN D 149 -44.95 18.40 32.56
C GLN D 149 -43.90 17.32 32.48
N GLU D 150 -44.30 16.16 31.98
CA GLU D 150 -43.39 15.02 31.87
C GLU D 150 -42.21 15.31 30.95
N MET D 151 -42.51 15.75 29.73
CA MET D 151 -41.47 16.04 28.75
C MET D 151 -40.51 17.17 29.12
N ALA D 152 -40.98 18.13 29.91
CA ALA D 152 -40.12 19.22 30.31
C ALA D 152 -39.03 18.73 31.26
N ALA D 153 -39.42 17.81 32.14
CA ALA D 153 -38.48 17.23 33.09
C ALA D 153 -37.51 16.31 32.37
N ASN D 154 -38.07 15.43 31.55
CA ASN D 154 -37.27 14.50 30.77
C ASN D 154 -36.22 15.23 29.97
N SER D 155 -36.64 16.26 29.24
CA SER D 155 -35.71 17.03 28.44
C SER D 155 -34.65 17.69 29.28
N ARG D 156 -35.06 18.25 30.41
CA ARG D 156 -34.12 18.93 31.30
C ARG D 156 -33.10 17.94 31.85
N ALA D 157 -33.58 16.75 32.17
CA ALA D 157 -32.73 15.70 32.73
C ALA D 157 -31.72 15.21 31.69
N ALA D 158 -32.15 15.16 30.44
CA ALA D 158 -31.28 14.73 29.36
C ALA D 158 -30.60 15.89 28.66
N SER D 159 -30.53 17.02 29.35
CA SER D 159 -29.93 18.22 28.80
C SER D 159 -28.41 18.21 28.80
N GLY D 160 -27.82 17.57 29.79
CA GLY D 160 -26.38 17.51 29.89
C GLY D 160 -25.78 18.69 30.63
N ASN D 161 -26.63 19.65 30.97
CA ASN D 161 -26.23 20.83 31.69
C ASN D 161 -27.51 21.58 32.00
N VAL D 162 -28.14 21.22 33.11
CA VAL D 162 -29.40 21.83 33.50
C VAL D 162 -29.27 23.34 33.66
N GLU D 163 -28.08 23.79 34.01
CA GLU D 163 -27.83 25.21 34.17
C GLU D 163 -28.01 25.90 32.83
N ALA D 164 -27.33 25.37 31.81
CA ALA D 164 -27.42 25.92 30.48
C ALA D 164 -28.82 25.76 29.92
N TRP D 165 -29.46 24.65 30.27
CA TRP D 165 -30.82 24.35 29.82
C TRP D 165 -31.78 25.41 30.30
N ASP D 166 -31.74 25.66 31.61
CA ASP D 166 -32.60 26.64 32.28
C ASP D 166 -32.35 28.03 31.76
N ALA D 167 -31.09 28.28 31.41
CA ALA D 167 -30.63 29.56 30.92
C ALA D 167 -31.04 29.86 29.49
N LEU D 168 -31.88 28.99 28.93
CA LEU D 168 -32.37 29.19 27.58
C LEU D 168 -33.38 30.32 27.58
N GLY D 169 -34.01 30.55 28.72
CA GLY D 169 -34.98 31.62 28.86
C GLY D 169 -36.42 31.17 28.98
N PRO D 170 -37.26 32.02 29.59
CA PRO D 170 -38.67 31.71 29.77
C PRO D 170 -39.41 31.74 28.44
N GLU D 171 -38.95 32.57 27.51
CA GLU D 171 -39.58 32.64 26.21
C GLU D 171 -39.41 31.29 25.52
N VAL D 172 -38.18 30.82 25.45
CA VAL D 172 -37.87 29.56 24.83
C VAL D 172 -38.69 28.45 25.46
N HIS D 173 -38.62 28.35 26.78
CA HIS D 173 -39.34 27.32 27.52
C HIS D 173 -40.84 27.41 27.34
N ALA D 174 -41.35 28.62 27.13
CA ALA D 174 -42.77 28.79 26.92
C ALA D 174 -43.14 28.15 25.59
N ARG D 175 -42.28 28.34 24.60
CA ARG D 175 -42.50 27.78 23.27
C ARG D 175 -42.40 26.27 23.35
N LEU D 176 -41.41 25.79 24.11
CA LEU D 176 -41.20 24.36 24.29
C LEU D 176 -42.43 23.74 24.95
N HIS D 177 -43.03 24.49 25.87
CA HIS D 177 -44.20 24.03 26.59
C HIS D 177 -45.32 23.63 25.62
N ASP D 178 -45.53 24.44 24.60
CA ASP D 178 -46.56 24.16 23.60
C ASP D 178 -46.10 23.10 22.62
N ASN D 179 -44.79 22.99 22.42
CA ASN D 179 -44.25 22.01 21.50
C ASN D 179 -44.37 20.57 21.96
N TYR D 180 -44.12 20.33 23.25
CA TYR D 180 -44.15 18.99 23.83
C TYR D 180 -45.33 18.13 23.40
N PRO D 181 -46.56 18.59 23.62
CA PRO D 181 -47.70 17.77 23.23
C PRO D 181 -47.70 17.43 21.75
N ARG D 182 -47.36 18.40 20.91
CA ARG D 182 -47.33 18.21 19.47
C ARG D 182 -46.27 17.19 19.07
N TRP D 183 -45.11 17.27 19.69
CA TRP D 183 -44.04 16.35 19.40
C TRP D 183 -44.47 14.94 19.79
N ALA D 184 -45.06 14.83 20.97
CA ALA D 184 -45.50 13.55 21.50
C ALA D 184 -46.50 12.84 20.61
N TYR D 185 -47.43 13.58 20.04
CA TYR D 185 -48.46 12.98 19.18
C TYR D 185 -47.99 12.49 17.83
N GLY D 186 -47.01 13.17 17.24
CA GLY D 186 -46.54 12.77 15.93
C GLY D 186 -45.10 12.33 15.73
N TYR D 187 -44.33 12.21 16.80
CA TYR D 187 -42.92 11.85 16.67
C TYR D 187 -42.46 10.48 17.19
N PRO D 188 -42.52 10.27 18.52
CA PRO D 188 -42.03 9.06 19.18
C PRO D 188 -42.52 7.72 18.63
N ARG D 189 -43.74 7.68 18.12
CA ARG D 189 -44.27 6.43 17.60
C ARG D 189 -43.78 6.07 16.20
N THR D 190 -43.62 7.07 15.35
CA THR D 190 -43.21 6.82 13.97
C THR D 190 -41.76 7.09 13.61
N ILE D 191 -41.06 7.90 14.40
CA ILE D 191 -39.67 8.20 14.08
C ILE D 191 -38.72 7.01 14.14
N PRO D 192 -38.69 6.29 15.28
CA PRO D 192 -37.80 5.15 15.51
C PRO D 192 -37.86 4.07 14.44
N PRO D 193 -39.05 3.58 14.10
CA PRO D 193 -39.19 2.52 13.09
C PRO D 193 -38.83 2.98 11.69
N SER D 194 -38.83 4.29 11.48
CA SER D 194 -38.52 4.84 10.16
C SER D 194 -37.05 5.20 10.01
N ALA D 195 -36.27 4.97 11.05
CA ALA D 195 -34.85 5.26 11.05
C ALA D 195 -34.19 4.74 9.80
N PRO D 196 -33.59 5.63 9.00
CA PRO D 196 -32.89 5.22 7.78
C PRO D 196 -31.49 4.73 8.11
N VAL D 197 -31.42 3.59 8.79
CA VAL D 197 -30.15 3.04 9.19
C VAL D 197 -29.81 1.76 8.44
N LYS D 198 -30.46 1.54 7.32
CA LYS D 198 -30.19 0.36 6.51
C LYS D 198 -28.87 0.57 5.79
N THR D 199 -28.25 -0.53 5.38
CA THR D 199 -26.97 -0.48 4.70
C THR D 199 -26.93 0.50 3.54
N GLU D 200 -27.95 0.47 2.70
CA GLU D 200 -28.01 1.35 1.54
C GLU D 200 -28.29 2.83 1.84
N ASP D 201 -28.60 3.14 3.08
CA ASP D 201 -28.87 4.52 3.48
C ASP D 201 -27.61 5.24 3.91
N LEU D 202 -26.58 4.49 4.27
CA LEU D 202 -25.37 5.06 4.85
C LEU D 202 -24.09 5.23 4.04
N HIS D 203 -24.10 4.96 2.75
CA HIS D 203 -22.84 5.06 2.02
C HIS D 203 -22.82 5.92 0.76
N LYS D 204 -23.71 6.88 0.66
CA LYS D 204 -23.73 7.74 -0.51
C LYS D 204 -22.90 9.00 -0.31
N VAL D 205 -22.84 9.47 0.93
CA VAL D 205 -22.08 10.66 1.27
C VAL D 205 -21.34 10.43 2.58
N PRO D 206 -20.33 11.23 2.87
CA PRO D 206 -19.60 11.06 4.12
C PRO D 206 -20.48 11.28 5.33
N ILE D 207 -20.31 10.45 6.35
CA ILE D 207 -21.11 10.54 7.56
C ILE D 207 -20.24 10.46 8.82
N ASP D 208 -20.49 11.34 9.77
CA ASP D 208 -19.76 11.35 11.02
C ASP D 208 -20.81 11.29 12.13
N TRP D 209 -20.98 10.10 12.69
CA TRP D 209 -21.99 9.79 13.70
C TRP D 209 -21.55 10.07 15.13
N THR D 210 -22.45 10.60 15.95
CA THR D 210 -22.14 10.85 17.36
C THR D 210 -23.26 10.46 18.30
N VAL D 211 -22.88 10.23 19.54
CA VAL D 211 -23.78 9.88 20.63
C VAL D 211 -23.27 10.65 21.85
N GLY D 212 -24.17 11.02 22.75
CA GLY D 212 -23.79 11.76 23.93
C GLY D 212 -22.85 11.00 24.84
N ALA D 213 -21.80 11.67 25.29
CA ALA D 213 -20.82 11.06 26.18
C ALA D 213 -21.44 10.60 27.51
N SER D 214 -22.41 11.35 28.01
CA SER D 214 -23.05 11.03 29.28
C SER D 214 -24.38 10.30 29.14
N THR D 215 -24.85 10.12 27.92
CA THR D 215 -26.10 9.42 27.68
C THR D 215 -25.92 7.97 28.12
N PRO D 216 -26.92 7.41 28.83
CA PRO D 216 -26.81 6.02 29.24
C PRO D 216 -26.56 5.15 28.02
N THR D 217 -25.57 4.29 28.11
CA THR D 217 -25.16 3.41 27.03
C THR D 217 -26.30 2.77 26.22
N LYS D 218 -27.25 2.16 26.90
CA LYS D 218 -28.35 1.49 26.22
C LYS D 218 -29.22 2.35 25.31
N LEU D 219 -29.37 3.62 25.64
CA LEU D 219 -30.22 4.51 24.86
C LEU D 219 -29.91 4.53 23.37
N PHE D 220 -28.66 4.71 23.01
CA PHE D 220 -28.28 4.76 21.61
C PHE D 220 -27.20 3.75 21.26
N PHE D 221 -27.22 2.65 22.00
CA PHE D 221 -26.28 1.56 21.83
C PHE D 221 -26.25 1.07 20.39
N GLU D 222 -27.44 0.90 19.82
CA GLU D 222 -27.57 0.44 18.45
C GLU D 222 -26.90 1.36 17.42
N ASN D 223 -26.88 2.65 17.71
CA ASN D 223 -26.25 3.63 16.84
C ASN D 223 -24.79 3.27 16.66
N ILE D 224 -24.14 2.99 17.78
CA ILE D 224 -22.72 2.66 17.79
C ILE D 224 -22.42 1.37 17.04
N VAL D 225 -23.20 0.33 17.30
CA VAL D 225 -23.03 -0.94 16.65
C VAL D 225 -23.19 -0.82 15.13
N ILE D 226 -24.28 -0.20 14.71
CA ILE D 226 -24.55 0.00 13.30
C ILE D 226 -23.40 0.72 12.63
N ALA D 227 -22.99 1.85 13.19
CA ALA D 227 -21.90 2.63 12.66
C ALA D 227 -20.62 1.80 12.54
N ALA D 228 -20.27 1.12 13.62
CA ALA D 228 -19.07 0.30 13.65
C ALA D 228 -19.10 -0.80 12.59
N ARG D 229 -20.22 -1.50 12.50
CA ARG D 229 -20.36 -2.57 11.53
C ARG D 229 -20.36 -2.06 10.08
N GLU D 230 -20.86 -0.86 9.87
CA GLU D 230 -20.93 -0.29 8.54
C GLU D 230 -19.69 0.51 8.16
N GLY D 231 -18.73 0.61 9.08
CA GLY D 231 -17.51 1.34 8.82
C GLY D 231 -17.71 2.85 8.76
N ILE D 232 -18.65 3.34 9.54
CA ILE D 232 -18.96 4.76 9.60
C ILE D 232 -18.28 5.37 10.82
N ASN D 233 -17.67 6.53 10.63
CA ASN D 233 -17.01 7.24 11.72
C ASN D 233 -18.00 7.38 12.85
N ILE D 234 -17.59 7.02 14.04
CA ILE D 234 -18.46 7.07 15.19
C ILE D 234 -17.69 7.54 16.42
N GLY D 235 -18.32 8.39 17.20
CA GLY D 235 -17.71 8.93 18.40
C GLY D 235 -18.72 9.57 19.32
N THR D 236 -18.23 10.21 20.37
CA THR D 236 -19.10 10.87 21.32
C THR D 236 -18.83 12.36 21.37
N LEU D 237 -19.78 13.07 21.92
CA LEU D 237 -19.69 14.50 22.14
C LEU D 237 -20.04 14.70 23.60
N PRO D 238 -19.44 15.71 24.24
CA PRO D 238 -19.76 15.96 25.64
C PRO D 238 -21.24 16.20 25.81
N GLY D 239 -21.76 15.88 26.98
CA GLY D 239 -23.17 16.09 27.24
C GLY D 239 -24.04 14.89 26.93
N ASN D 240 -25.33 15.17 26.73
CA ASN D 240 -26.28 14.14 26.43
C ASN D 240 -26.97 14.35 25.08
N HIS D 241 -28.23 14.73 25.15
CA HIS D 241 -29.07 14.92 23.99
C HIS D 241 -28.99 16.28 23.31
N PHE D 242 -28.51 17.27 24.04
CA PHE D 242 -28.42 18.60 23.50
C PHE D 242 -27.05 19.21 23.66
N PRO D 243 -26.05 18.64 22.97
CA PRO D 243 -24.67 19.12 23.04
C PRO D 243 -24.55 20.58 22.59
N TYR D 244 -25.48 21.02 21.76
CA TYR D 244 -25.46 22.40 21.28
C TYR D 244 -25.88 23.37 22.37
N VAL D 245 -26.57 22.86 23.38
CA VAL D 245 -27.01 23.69 24.49
C VAL D 245 -26.07 23.52 25.69
N SER D 246 -25.74 22.29 26.00
CA SER D 246 -24.88 22.00 27.13
C SER D 246 -23.42 22.36 26.91
N HIS D 247 -22.91 22.15 25.71
CA HIS D 247 -21.51 22.44 25.40
C HIS D 247 -21.33 23.12 24.06
N PRO D 248 -21.86 24.34 23.91
CA PRO D 248 -21.80 25.13 22.68
C PRO D 248 -20.44 25.22 22.03
N GLU D 249 -19.38 25.42 22.81
CA GLU D 249 -18.05 25.54 22.24
C GLU D 249 -17.55 24.25 21.62
N GLU D 250 -17.65 23.16 22.35
CA GLU D 250 -17.21 21.88 21.84
C GLU D 250 -18.05 21.46 20.64
N PHE D 251 -19.36 21.68 20.74
CA PHE D 251 -20.26 21.34 19.65
C PHE D 251 -19.87 22.09 18.39
N ALA D 252 -19.64 23.38 18.52
CA ALA D 252 -19.27 24.22 17.39
C ALA D 252 -17.96 23.78 16.78
N LYS D 253 -17.01 23.43 17.63
CA LYS D 253 -15.71 22.98 17.15
C LYS D 253 -15.91 21.74 16.30
N TYR D 254 -16.69 20.80 16.83
CA TYR D 254 -16.97 19.56 16.13
C TYR D 254 -17.56 19.79 14.76
N VAL D 255 -18.63 20.57 14.69
CA VAL D 255 -19.26 20.87 13.41
C VAL D 255 -18.27 21.50 12.45
N VAL D 256 -17.52 22.47 12.94
CA VAL D 256 -16.54 23.15 12.11
C VAL D 256 -15.45 22.17 11.63
N GLU D 257 -14.84 21.47 12.57
CA GLU D 257 -13.79 20.51 12.26
C GLU D 257 -14.25 19.51 11.20
N THR D 258 -15.31 18.78 11.52
CA THR D 258 -15.86 17.76 10.64
C THR D 258 -16.21 18.25 9.24
N SER D 259 -16.89 19.38 9.16
CA SER D 259 -17.28 19.92 7.86
C SER D 259 -16.07 20.36 7.05
N ARG D 260 -15.08 20.90 7.75
CA ARG D 260 -13.86 21.40 7.12
C ARG D 260 -13.12 20.35 6.32
N LYS D 261 -13.12 19.11 6.79
CA LYS D 261 -12.39 18.05 6.10
C LYS D 261 -13.00 17.59 4.77
N TYR D 262 -14.23 17.99 4.49
CA TYR D 262 -14.86 17.58 3.25
C TYR D 262 -14.93 18.72 2.24
N LEU D 263 -14.53 19.90 2.67
CA LEU D 263 -14.53 21.05 1.78
C LEU D 263 -13.58 20.77 0.64
N LYS D 264 -14.11 20.77 -0.57
CA LYS D 264 -13.28 20.51 -1.75
C LYS D 264 -12.28 21.63 -1.93
N ALA E 1 22.58 -39.71 -11.11
CA ALA E 1 23.35 -39.78 -9.88
C ALA E 1 22.59 -39.12 -8.74
N THR E 2 23.21 -39.06 -7.57
CA THR E 2 22.58 -38.44 -6.42
C THR E 2 23.46 -37.35 -5.82
N ARG E 3 22.83 -36.39 -5.15
CA ARG E 3 23.54 -35.24 -4.62
C ARG E 3 23.87 -35.25 -3.12
N THR E 4 25.11 -34.90 -2.81
CA THR E 4 25.56 -34.82 -1.43
C THR E 4 25.42 -33.37 -0.99
N ARG E 5 24.97 -33.17 0.24
CA ARG E 5 24.80 -31.85 0.78
C ARG E 5 25.38 -31.84 2.18
N GLY E 6 26.42 -31.04 2.39
CA GLY E 6 27.05 -30.99 3.68
C GLY E 6 27.81 -29.73 4.01
N TYR E 7 28.45 -29.76 5.17
CA TYR E 7 29.22 -28.63 5.67
C TYR E 7 30.65 -29.02 5.98
N VAL E 8 31.55 -28.07 5.81
CA VAL E 8 32.96 -28.28 6.09
C VAL E 8 33.57 -26.93 6.41
N THR E 9 34.31 -26.88 7.51
CA THR E 9 34.96 -25.66 7.93
C THR E 9 36.41 -25.69 7.51
N THR E 10 36.77 -24.83 6.58
CA THR E 10 38.12 -24.78 6.07
C THR E 10 39.01 -24.07 7.08
N LYS E 11 40.31 -24.08 6.81
CA LYS E 11 41.29 -23.47 7.70
C LYS E 11 41.14 -21.96 7.89
N ASP E 12 40.38 -21.31 7.01
CA ASP E 12 40.18 -19.87 7.12
C ASP E 12 38.99 -19.50 7.99
N GLY E 13 38.39 -20.49 8.64
CA GLY E 13 37.25 -20.25 9.50
C GLY E 13 35.90 -20.24 8.81
N ILE E 14 35.90 -20.43 7.50
CA ILE E 14 34.64 -20.43 6.77
C ILE E 14 33.92 -21.77 6.87
N LYS E 15 32.71 -21.77 7.39
CA LYS E 15 31.93 -22.98 7.49
C LYS E 15 31.09 -23.09 6.22
N TRP E 16 31.66 -23.71 5.21
CA TRP E 16 31.02 -23.86 3.90
C TRP E 16 29.90 -24.87 3.85
N TYR E 17 28.87 -24.52 3.09
CA TYR E 17 27.80 -25.44 2.82
C TYR E 17 28.07 -25.72 1.35
N TYR E 18 28.22 -26.99 1.00
CA TYR E 18 28.50 -27.33 -0.38
C TYR E 18 27.78 -28.60 -0.84
N GLU E 19 27.59 -28.71 -2.14
CA GLU E 19 26.93 -29.86 -2.74
C GLU E 19 27.78 -30.42 -3.87
N GLN E 20 27.64 -31.73 -4.10
CA GLN E 20 28.38 -32.41 -5.14
C GLN E 20 27.54 -33.52 -5.75
N GLU E 21 27.68 -33.69 -7.06
CA GLU E 21 26.95 -34.73 -7.77
C GLU E 21 27.69 -35.19 -9.03
N GLY E 22 27.71 -36.50 -9.24
CA GLY E 22 28.34 -37.07 -10.40
C GLY E 22 29.79 -37.45 -10.27
N SER E 23 30.32 -38.01 -11.36
CA SER E 23 31.71 -38.40 -11.42
C SER E 23 32.26 -38.11 -12.80
N GLY E 24 33.55 -37.84 -12.87
CA GLY E 24 34.22 -37.51 -14.11
C GLY E 24 34.99 -36.22 -13.89
N PRO E 25 35.34 -35.52 -14.98
CA PRO E 25 36.08 -34.28 -14.78
C PRO E 25 35.30 -33.31 -13.91
N ASP E 26 36.01 -32.54 -13.10
CA ASP E 26 35.38 -31.60 -12.19
C ASP E 26 34.84 -30.33 -12.85
N VAL E 27 33.65 -29.94 -12.43
CA VAL E 27 33.01 -28.73 -12.89
C VAL E 27 32.56 -27.98 -11.65
N VAL E 28 33.02 -26.74 -11.52
CA VAL E 28 32.70 -25.90 -10.37
C VAL E 28 31.80 -24.73 -10.75
N LEU E 29 30.65 -24.67 -10.11
CA LEU E 29 29.68 -23.62 -10.38
C LEU E 29 29.68 -22.59 -9.25
N ILE E 30 30.39 -21.50 -9.48
CA ILE E 30 30.47 -20.46 -8.50
C ILE E 30 29.25 -19.59 -8.66
N PRO E 31 28.52 -19.39 -7.57
CA PRO E 31 27.33 -18.57 -7.63
C PRO E 31 27.68 -17.13 -7.91
N ASP E 32 26.64 -16.36 -8.19
CA ASP E 32 26.78 -14.93 -8.40
C ASP E 32 26.92 -14.25 -7.04
N GLY E 33 26.86 -12.93 -7.05
CA GLY E 33 27.01 -12.12 -5.85
C GLY E 33 26.14 -12.52 -4.68
N LEU E 34 24.94 -13.02 -4.95
CA LEU E 34 24.03 -13.44 -3.90
C LEU E 34 24.44 -14.72 -3.18
N GLY E 35 25.43 -15.42 -3.73
CA GLY E 35 25.99 -16.62 -3.15
C GLY E 35 25.05 -17.74 -2.74
N GLU E 36 23.94 -17.89 -3.46
CA GLU E 36 22.96 -18.91 -3.18
C GLU E 36 23.05 -20.04 -4.20
N CYS E 37 23.58 -21.17 -3.77
CA CYS E 37 23.81 -22.30 -4.67
C CYS E 37 22.62 -23.17 -5.04
N GLN E 38 21.46 -22.89 -4.45
CA GLN E 38 20.25 -23.64 -4.79
C GLN E 38 19.75 -23.23 -6.18
N MET E 39 20.31 -22.15 -6.70
CA MET E 39 19.98 -21.66 -8.03
C MET E 39 20.54 -22.58 -9.10
N PHE E 40 21.50 -23.41 -8.72
CA PHE E 40 22.14 -24.34 -9.64
C PHE E 40 21.55 -25.75 -9.57
N ASP E 41 20.60 -25.97 -8.68
CA ASP E 41 20.00 -27.28 -8.48
C ASP E 41 19.65 -28.03 -9.76
N LYS E 42 18.78 -27.46 -10.59
CA LYS E 42 18.35 -28.10 -11.82
C LYS E 42 19.48 -28.40 -12.81
N PRO E 43 20.25 -27.37 -13.19
CA PRO E 43 21.34 -27.59 -14.15
C PRO E 43 22.44 -28.50 -13.62
N MET E 44 22.66 -28.50 -12.32
CA MET E 44 23.69 -29.33 -11.71
C MET E 44 23.45 -30.80 -12.02
N SER E 45 22.20 -31.23 -11.89
CA SER E 45 21.85 -32.62 -12.17
C SER E 45 22.01 -32.90 -13.64
N LEU E 46 21.67 -31.92 -14.48
CA LEU E 46 21.79 -32.10 -15.92
C LEU E 46 23.26 -32.23 -16.31
N ILE E 47 24.08 -31.32 -15.81
CA ILE E 47 25.50 -31.33 -16.11
C ILE E 47 26.15 -32.62 -15.64
N ALA E 48 25.88 -32.97 -14.38
CA ALA E 48 26.43 -34.17 -13.77
C ALA E 48 26.02 -35.42 -14.53
N SER E 49 24.88 -35.38 -15.19
CA SER E 49 24.39 -36.52 -15.94
C SER E 49 25.11 -36.71 -17.28
N ASN E 50 26.01 -35.78 -17.60
CA ASN E 50 26.77 -35.85 -18.83
C ASN E 50 28.21 -36.30 -18.59
N GLY E 51 28.45 -36.91 -17.43
CA GLY E 51 29.77 -37.41 -17.10
C GLY E 51 30.73 -36.45 -16.42
N PHE E 52 30.21 -35.55 -15.60
CA PHE E 52 31.03 -34.60 -14.88
C PHE E 52 30.75 -34.66 -13.40
N ARG E 53 31.76 -34.32 -12.59
CA ARG E 53 31.59 -34.25 -11.15
C ARG E 53 31.35 -32.77 -10.90
N VAL E 54 30.13 -32.42 -10.56
CA VAL E 54 29.78 -31.02 -10.31
C VAL E 54 29.82 -30.65 -8.83
N THR E 55 30.44 -29.51 -8.56
CA THR E 55 30.56 -29.01 -7.21
C THR E 55 30.03 -27.58 -7.13
N THR E 56 29.21 -27.31 -6.13
CA THR E 56 28.69 -25.96 -5.92
C THR E 56 28.62 -25.70 -4.42
N PHE E 57 28.39 -24.45 -4.06
CA PHE E 57 28.37 -24.07 -2.67
C PHE E 57 27.85 -22.66 -2.45
N ASP E 58 27.36 -22.40 -1.24
CA ASP E 58 26.91 -21.06 -0.89
C ASP E 58 28.18 -20.29 -0.61
N MET E 59 28.25 -19.03 -1.03
CA MET E 59 29.45 -18.22 -0.82
C MET E 59 29.57 -17.75 0.63
N PRO E 60 30.80 -17.47 1.07
CA PRO E 60 31.10 -17.07 2.44
C PRO E 60 30.21 -15.94 2.93
N GLY E 61 29.55 -16.16 4.06
CA GLY E 61 28.66 -15.18 4.66
C GLY E 61 27.23 -15.23 4.16
N MET E 62 27.05 -15.86 3.02
CA MET E 62 25.74 -15.97 2.40
C MET E 62 25.04 -17.30 2.64
N SER E 63 23.72 -17.23 2.72
CA SER E 63 22.85 -18.38 2.91
C SER E 63 23.36 -19.37 3.95
N ARG E 64 23.53 -20.62 3.54
CA ARG E 64 23.98 -21.67 4.44
C ARG E 64 25.45 -21.60 4.81
N SER E 65 26.20 -20.77 4.10
CA SER E 65 27.61 -20.59 4.39
C SER E 65 27.82 -19.33 5.22
N SER E 66 26.77 -18.88 5.89
CA SER E 66 26.82 -17.67 6.69
C SER E 66 27.76 -17.68 7.89
N ASP E 67 28.09 -18.87 8.40
CA ASP E 67 29.00 -18.96 9.54
C ASP E 67 30.44 -18.82 9.07
N ALA E 68 30.85 -17.59 8.86
CA ALA E 68 32.20 -17.30 8.40
C ALA E 68 32.68 -15.98 8.97
N PRO E 69 34.01 -15.79 9.00
CA PRO E 69 34.51 -14.54 9.55
C PRO E 69 34.06 -13.38 8.68
N PRO E 70 33.73 -12.25 9.32
CA PRO E 70 33.26 -11.03 8.66
C PRO E 70 34.14 -10.63 7.48
N GLU E 71 35.43 -10.87 7.59
CA GLU E 71 36.38 -10.51 6.54
C GLU E 71 36.12 -11.25 5.23
N THR E 72 35.50 -12.41 5.32
CA THR E 72 35.25 -13.23 4.14
C THR E 72 34.09 -12.73 3.30
N TYR E 73 33.42 -11.69 3.78
CA TYR E 73 32.31 -11.11 3.04
C TYR E 73 32.28 -9.58 3.08
N GLN E 74 33.43 -8.97 3.35
CA GLN E 74 33.57 -7.53 3.42
C GLN E 74 34.74 -7.16 2.54
N ASP E 75 34.67 -6.00 1.88
CA ASP E 75 35.73 -5.55 0.98
C ASP E 75 36.10 -6.65 -0.01
N ILE E 76 35.08 -7.27 -0.57
CA ILE E 76 35.23 -8.38 -1.48
C ILE E 76 35.75 -8.06 -2.90
N THR E 77 36.65 -8.89 -3.37
CA THR E 77 37.20 -8.76 -4.71
C THR E 77 37.30 -10.15 -5.32
N GLY E 78 37.48 -10.21 -6.63
CA GLY E 78 37.59 -11.48 -7.31
C GLY E 78 38.75 -12.30 -6.77
N ARG E 79 39.87 -11.64 -6.54
CA ARG E 79 41.05 -12.31 -6.03
C ARG E 79 40.83 -12.84 -4.62
N LYS E 80 40.09 -12.09 -3.81
CA LYS E 80 39.81 -12.52 -2.45
C LYS E 80 38.97 -13.80 -2.46
N LEU E 81 37.90 -13.80 -3.27
CA LEU E 81 37.02 -14.97 -3.37
C LEU E 81 37.79 -16.15 -3.95
N ALA E 82 38.66 -15.87 -4.91
CA ALA E 82 39.45 -16.90 -5.53
C ALA E 82 40.28 -17.62 -4.47
N GLY E 83 40.88 -16.84 -3.57
CA GLY E 83 41.68 -17.39 -2.51
C GLY E 83 40.88 -18.37 -1.67
N TYR E 84 39.68 -17.98 -1.28
CA TYR E 84 38.82 -18.84 -0.48
C TYR E 84 38.46 -20.11 -1.23
N ILE E 85 38.10 -19.96 -2.49
CA ILE E 85 37.73 -21.10 -3.32
C ILE E 85 38.86 -22.11 -3.45
N ILE E 86 40.06 -21.61 -3.66
CA ILE E 86 41.23 -22.47 -3.81
C ILE E 86 41.41 -23.32 -2.56
N THR E 87 41.28 -22.69 -1.41
CA THR E 87 41.40 -23.39 -0.15
C THR E 87 40.37 -24.51 -0.09
N LEU E 88 39.14 -24.18 -0.47
CA LEU E 88 38.04 -25.13 -0.47
C LEU E 88 38.32 -26.28 -1.43
N LEU E 89 38.75 -25.94 -2.64
CA LEU E 89 39.07 -26.94 -3.65
C LEU E 89 40.17 -27.86 -3.14
N ASP E 90 41.14 -27.28 -2.45
CA ASP E 90 42.24 -28.04 -1.89
C ASP E 90 41.66 -29.05 -0.92
N THR E 91 40.77 -28.59 -0.06
CA THR E 91 40.12 -29.43 0.94
C THR E 91 39.32 -30.56 0.29
N LEU E 92 38.67 -30.25 -0.82
CA LEU E 92 37.84 -31.22 -1.53
C LEU E 92 38.63 -32.06 -2.52
N ASP E 93 39.94 -31.91 -2.52
CA ASP E 93 40.83 -32.65 -3.42
C ASP E 93 40.48 -32.51 -4.90
N ILE E 94 40.11 -31.30 -5.30
CA ILE E 94 39.81 -31.03 -6.69
C ILE E 94 41.03 -30.34 -7.24
N LYS E 95 41.78 -31.03 -8.08
CA LYS E 95 43.02 -30.48 -8.62
C LYS E 95 42.84 -29.50 -9.77
N ILE E 96 41.93 -29.80 -10.69
CA ILE E 96 41.68 -28.94 -11.83
C ILE E 96 40.20 -29.03 -12.20
N ALA E 97 39.63 -27.94 -12.69
CA ALA E 97 38.21 -27.94 -13.03
C ALA E 97 37.76 -26.89 -14.03
N SER E 98 36.60 -27.12 -14.61
CA SER E 98 35.99 -26.17 -15.52
C SER E 98 35.19 -25.30 -14.57
N VAL E 99 35.44 -24.01 -14.58
CA VAL E 99 34.78 -23.10 -13.64
C VAL E 99 33.82 -22.06 -14.24
N TRP E 100 32.59 -22.05 -13.74
CA TRP E 100 31.57 -21.11 -14.18
C TRP E 100 31.33 -20.07 -13.08
N GLY E 101 31.09 -18.82 -13.49
CA GLY E 101 30.82 -17.76 -12.55
C GLY E 101 30.18 -16.54 -13.17
N CYS E 102 29.16 -16.00 -12.53
CA CYS E 102 28.50 -14.81 -13.01
C CYS E 102 28.75 -13.71 -11.99
N ALA E 103 28.77 -12.47 -12.47
CA ALA E 103 28.97 -11.29 -11.64
C ALA E 103 30.24 -11.46 -10.85
N SER E 104 30.14 -11.41 -9.52
CA SER E 104 31.30 -11.56 -8.65
C SER E 104 31.91 -12.94 -8.81
N GLY E 105 31.09 -13.90 -9.23
CA GLY E 105 31.56 -15.24 -9.47
C GLY E 105 32.42 -15.23 -10.73
N ALA E 106 32.05 -14.35 -11.65
CA ALA E 106 32.77 -14.16 -12.90
C ALA E 106 34.11 -13.52 -12.61
N SER E 107 34.11 -12.58 -11.67
CA SER E 107 35.34 -11.90 -11.27
C SER E 107 36.26 -12.96 -10.68
N THR E 108 35.68 -13.85 -9.90
CA THR E 108 36.42 -14.93 -9.26
C THR E 108 37.00 -15.86 -10.30
N VAL E 109 36.21 -16.17 -11.33
CA VAL E 109 36.66 -17.03 -12.41
C VAL E 109 37.89 -16.43 -13.06
N LEU E 110 37.83 -15.14 -13.34
CA LEU E 110 38.94 -14.44 -13.97
C LEU E 110 40.16 -14.43 -13.08
N ALA E 111 39.94 -14.28 -11.77
CA ALA E 111 41.03 -14.28 -10.81
C ALA E 111 41.71 -15.65 -10.78
N LEU E 112 40.92 -16.70 -10.91
CA LEU E 112 41.45 -18.05 -10.89
C LEU E 112 42.22 -18.32 -12.18
N CYS E 113 41.74 -17.76 -13.27
CA CYS E 113 42.38 -17.92 -14.56
C CYS E 113 43.70 -17.19 -14.59
N SER E 114 43.74 -16.06 -13.91
CA SER E 114 44.92 -15.22 -13.89
C SER E 114 45.96 -15.61 -12.85
N ASP E 115 45.51 -15.99 -11.66
CA ASP E 115 46.42 -16.32 -10.58
C ASP E 115 46.62 -17.80 -10.27
N TYR E 116 45.68 -18.64 -10.70
CA TYR E 116 45.77 -20.07 -10.45
C TYR E 116 45.41 -20.86 -11.68
N PRO E 117 46.07 -20.54 -12.80
CA PRO E 117 45.87 -21.15 -14.12
C PRO E 117 46.02 -22.66 -14.08
N GLU E 118 46.86 -23.15 -13.18
CA GLU E 118 47.10 -24.57 -13.05
C GLU E 118 45.89 -25.32 -12.51
N ARG E 119 44.97 -24.57 -11.90
CA ARG E 119 43.76 -25.16 -11.34
C ARG E 119 42.55 -25.04 -12.26
N VAL E 120 42.71 -24.30 -13.35
CA VAL E 120 41.62 -24.07 -14.29
C VAL E 120 41.83 -24.73 -15.64
N ARG E 121 40.90 -25.58 -16.02
CA ARG E 121 40.95 -26.24 -17.32
C ARG E 121 40.41 -25.27 -18.35
N ASN E 122 39.34 -24.56 -17.97
CA ASN E 122 38.71 -23.56 -18.81
C ASN E 122 37.74 -22.75 -17.95
N GLY E 123 37.78 -21.43 -18.11
CA GLY E 123 36.93 -20.55 -17.36
C GLY E 123 35.73 -20.05 -18.15
N MET E 124 34.59 -19.96 -17.49
CA MET E 124 33.37 -19.50 -18.14
C MET E 124 32.75 -18.36 -17.35
N PRO E 125 33.28 -17.14 -17.53
CA PRO E 125 32.77 -15.97 -16.84
C PRO E 125 31.53 -15.46 -17.54
N HIS E 126 30.59 -14.95 -16.76
CA HIS E 126 29.35 -14.41 -17.30
C HIS E 126 29.06 -13.08 -16.63
N GLU E 127 28.88 -12.05 -17.44
CA GLU E 127 28.57 -10.71 -16.97
C GLU E 127 29.52 -10.24 -15.85
N VAL E 128 30.77 -10.04 -16.24
CA VAL E 128 31.78 -9.55 -15.31
C VAL E 128 31.51 -8.09 -14.98
N PRO E 129 31.40 -7.77 -13.69
CA PRO E 129 31.17 -6.39 -13.30
C PRO E 129 32.41 -5.52 -13.48
N THR E 130 32.29 -4.45 -14.27
CA THR E 130 33.39 -3.53 -14.49
C THR E 130 32.97 -2.14 -14.09
N GLU E 131 31.67 -1.90 -14.11
CA GLU E 131 31.11 -0.62 -13.71
C GLU E 131 30.10 -0.97 -12.64
N ASN E 132 28.98 -0.28 -12.67
CA ASN E 132 27.91 -0.52 -11.72
C ASN E 132 26.79 0.37 -12.19
N PRO E 133 25.63 -0.21 -12.47
CA PRO E 133 24.52 0.63 -12.91
C PRO E 133 24.19 1.63 -11.80
N ASP E 134 23.43 2.67 -12.13
CA ASP E 134 23.07 3.69 -11.17
C ASP E 134 22.42 3.15 -9.90
N ILE E 135 21.58 2.14 -10.04
CA ILE E 135 20.90 1.55 -8.90
C ILE E 135 21.82 1.10 -7.76
N LEU E 136 22.94 0.48 -8.11
CA LEU E 136 23.88 -0.02 -7.11
C LEU E 136 24.88 1.00 -6.60
N LEU E 137 24.94 2.14 -7.27
CA LEU E 137 25.88 3.19 -6.91
C LEU E 137 25.96 3.56 -5.43
N HIS E 138 24.82 3.71 -4.76
CA HIS E 138 24.81 4.09 -3.35
C HIS E 138 23.97 3.17 -2.47
N ILE E 139 23.86 1.91 -2.88
CA ILE E 139 23.06 0.93 -2.14
C ILE E 139 23.57 0.60 -0.75
N HIS E 140 24.84 0.86 -0.50
CA HIS E 140 25.46 0.58 0.79
C HIS E 140 25.16 1.61 1.87
N GLU E 141 24.45 2.67 1.52
CA GLU E 141 24.15 3.73 2.48
C GLU E 141 22.85 3.52 3.24
N VAL E 142 21.90 2.83 2.62
CA VAL E 142 20.59 2.63 3.23
C VAL E 142 20.55 1.52 4.26
N ASP E 143 19.42 1.45 4.97
CA ASP E 143 19.22 0.43 5.99
C ASP E 143 18.98 -0.93 5.35
N PRO E 144 19.20 -2.00 6.12
CA PRO E 144 19.04 -3.39 5.66
C PRO E 144 17.67 -3.67 5.05
N ALA E 145 16.62 -3.19 5.68
CA ALA E 145 15.27 -3.42 5.18
C ALA E 145 15.09 -2.86 3.78
N THR E 146 15.58 -1.66 3.57
CA THR E 146 15.46 -1.02 2.26
C THR E 146 16.33 -1.76 1.24
N ILE E 147 17.52 -2.15 1.65
CA ILE E 147 18.43 -2.88 0.78
C ILE E 147 17.79 -4.16 0.29
N SER E 148 17.23 -4.94 1.21
CA SER E 148 16.59 -6.19 0.87
C SER E 148 15.44 -5.99 -0.11
N GLN E 149 14.59 -5.01 0.17
CA GLN E 149 13.45 -4.72 -0.68
C GLN E 149 13.91 -4.29 -2.07
N GLU E 150 14.88 -3.39 -2.14
CA GLU E 150 15.37 -2.90 -3.41
C GLU E 150 16.14 -3.95 -4.20
N MET E 151 17.04 -4.66 -3.54
CA MET E 151 17.85 -5.68 -4.20
C MET E 151 17.01 -6.88 -4.65
N ALA E 152 15.95 -7.17 -3.90
CA ALA E 152 15.08 -8.28 -4.26
C ALA E 152 14.39 -7.94 -5.57
N ALA E 153 14.00 -6.68 -5.72
CA ALA E 153 13.34 -6.23 -6.94
C ALA E 153 14.33 -6.18 -8.09
N ASN E 154 15.53 -5.65 -7.82
CA ASN E 154 16.55 -5.54 -8.84
C ASN E 154 16.97 -6.91 -9.36
N SER E 155 17.18 -7.85 -8.44
CA SER E 155 17.58 -9.19 -8.81
C SER E 155 16.50 -9.85 -9.65
N ARG E 156 15.25 -9.68 -9.24
CA ARG E 156 14.10 -10.23 -9.95
C ARG E 156 14.03 -9.69 -11.37
N ALA E 157 14.28 -8.40 -11.52
CA ALA E 157 14.24 -7.75 -12.83
C ALA E 157 15.36 -8.24 -13.75
N ALA E 158 16.47 -8.67 -13.18
CA ALA E 158 17.59 -9.17 -13.95
C ALA E 158 17.59 -10.70 -14.00
N SER E 159 16.48 -11.30 -13.57
CA SER E 159 16.38 -12.75 -13.50
C SER E 159 16.33 -13.47 -14.84
N GLY E 160 15.82 -12.80 -15.86
CA GLY E 160 15.73 -13.41 -17.18
C GLY E 160 14.48 -14.24 -17.37
N ASN E 161 13.71 -14.36 -16.31
CA ASN E 161 12.47 -15.11 -16.26
C ASN E 161 11.91 -14.98 -14.85
N VAL E 162 11.06 -13.98 -14.64
CA VAL E 162 10.50 -13.73 -13.32
C VAL E 162 9.74 -14.89 -12.71
N GLU E 163 9.05 -15.66 -13.55
CA GLU E 163 8.30 -16.79 -13.08
C GLU E 163 9.25 -17.86 -12.53
N ALA E 164 10.31 -18.12 -13.27
CA ALA E 164 11.31 -19.08 -12.85
C ALA E 164 11.98 -18.60 -11.57
N TRP E 165 12.27 -17.31 -11.53
CA TRP E 165 12.90 -16.65 -10.38
C TRP E 165 12.06 -16.87 -9.14
N ASP E 166 10.79 -16.50 -9.24
CA ASP E 166 9.83 -16.64 -8.15
C ASP E 166 9.65 -18.10 -7.78
N ALA E 167 9.78 -18.95 -8.79
CA ALA E 167 9.62 -20.40 -8.67
C ALA E 167 10.77 -21.08 -7.93
N LEU E 168 11.75 -20.29 -7.51
CA LEU E 168 12.86 -20.82 -6.73
C LEU E 168 12.34 -21.21 -5.35
N GLY E 169 11.22 -20.63 -4.94
CA GLY E 169 10.61 -20.94 -3.67
C GLY E 169 10.81 -19.99 -2.51
N PRO E 170 9.89 -20.02 -1.54
CA PRO E 170 9.93 -19.17 -0.35
C PRO E 170 11.19 -19.37 0.46
N GLU E 171 11.63 -20.61 0.60
CA GLU E 171 12.83 -20.90 1.37
C GLU E 171 14.03 -20.18 0.79
N VAL E 172 14.23 -20.34 -0.51
CA VAL E 172 15.36 -19.72 -1.17
C VAL E 172 15.31 -18.21 -1.02
N HIS E 173 14.15 -17.62 -1.29
CA HIS E 173 13.99 -16.17 -1.19
C HIS E 173 14.13 -15.63 0.22
N ALA E 174 13.91 -16.48 1.23
CA ALA E 174 14.06 -16.05 2.61
C ALA E 174 15.55 -15.95 2.90
N ARG E 175 16.31 -16.87 2.34
CA ARG E 175 17.75 -16.86 2.51
C ARG E 175 18.31 -15.64 1.79
N LEU E 176 17.82 -15.41 0.58
CA LEU E 176 18.24 -14.28 -0.23
C LEU E 176 17.97 -12.98 0.51
N HIS E 177 16.82 -12.90 1.16
CA HIS E 177 16.44 -11.71 1.90
C HIS E 177 17.50 -11.31 2.92
N ASP E 178 18.09 -12.29 3.57
CA ASP E 178 19.13 -12.06 4.57
C ASP E 178 20.50 -11.82 3.93
N ASN E 179 20.64 -12.19 2.67
CA ASN E 179 21.92 -12.02 1.98
C ASN E 179 22.10 -10.61 1.40
N TYR E 180 21.01 -10.00 0.97
CA TYR E 180 21.07 -8.68 0.34
C TYR E 180 21.92 -7.62 1.08
N PRO E 181 21.63 -7.39 2.37
CA PRO E 181 22.40 -6.38 3.10
C PRO E 181 23.88 -6.72 3.15
N ARG E 182 24.21 -7.98 3.39
CA ARG E 182 25.60 -8.40 3.46
C ARG E 182 26.30 -8.20 2.12
N TRP E 183 25.60 -8.50 1.04
CA TRP E 183 26.15 -8.34 -0.29
C TRP E 183 26.39 -6.85 -0.58
N ALA E 184 25.40 -6.03 -0.28
CA ALA E 184 25.49 -4.61 -0.54
C ALA E 184 26.66 -3.95 0.18
N TYR E 185 26.93 -4.39 1.39
CA TYR E 185 28.00 -3.82 2.20
C TYR E 185 29.40 -4.25 1.80
N GLY E 186 29.55 -5.42 1.20
CA GLY E 186 30.87 -5.88 0.84
C GLY E 186 31.18 -6.22 -0.60
N TYR E 187 30.24 -6.02 -1.51
CA TYR E 187 30.48 -6.38 -2.90
C TYR E 187 30.53 -5.27 -3.96
N PRO E 188 29.42 -4.53 -4.15
CA PRO E 188 29.32 -3.52 -5.20
C PRO E 188 30.42 -2.46 -5.24
N ARG E 189 30.92 -2.04 -4.10
CA ARG E 189 31.95 -1.01 -4.08
C ARG E 189 33.33 -1.51 -4.53
N THR E 190 33.72 -2.67 -4.06
CA THR E 190 35.04 -3.21 -4.37
C THR E 190 35.15 -4.23 -5.49
N ILE E 191 34.03 -4.81 -5.91
CA ILE E 191 34.09 -5.84 -6.96
C ILE E 191 34.46 -5.30 -8.35
N PRO E 192 33.71 -4.34 -8.87
CA PRO E 192 33.94 -3.77 -10.20
C PRO E 192 35.37 -3.28 -10.45
N PRO E 193 35.92 -2.50 -9.50
CA PRO E 193 37.28 -1.98 -9.65
C PRO E 193 38.34 -3.07 -9.64
N SER E 194 38.02 -4.21 -9.03
CA SER E 194 38.95 -5.33 -8.91
C SER E 194 38.91 -6.32 -10.06
N ALA E 195 38.06 -6.05 -11.04
CA ALA E 195 37.90 -6.93 -12.17
C ALA E 195 39.24 -7.26 -12.78
N PRO E 196 39.58 -8.55 -12.84
CA PRO E 196 40.83 -9.00 -13.45
C PRO E 196 40.66 -9.08 -14.94
N VAL E 197 40.56 -7.94 -15.59
CA VAL E 197 40.35 -7.89 -17.03
C VAL E 197 41.53 -7.33 -17.81
N LYS E 198 42.71 -7.33 -17.22
CA LYS E 198 43.88 -6.85 -17.91
C LYS E 198 44.35 -7.95 -18.84
N THR E 199 45.11 -7.59 -19.87
CA THR E 199 45.63 -8.54 -20.83
C THR E 199 46.35 -9.68 -20.14
N GLU E 200 47.12 -9.36 -19.10
CA GLU E 200 47.88 -10.37 -18.39
C GLU E 200 47.02 -11.39 -17.65
N ASP E 201 45.78 -11.03 -17.36
CA ASP E 201 44.87 -11.95 -16.67
C ASP E 201 44.11 -12.88 -17.60
N LEU E 202 43.98 -12.49 -18.87
CA LEU E 202 43.16 -13.24 -19.80
C LEU E 202 43.73 -14.27 -20.76
N HIS E 203 45.02 -14.57 -20.74
CA HIS E 203 45.54 -15.52 -21.72
C HIS E 203 46.35 -16.72 -21.21
N LYS E 204 46.13 -17.11 -19.96
CA LYS E 204 46.86 -18.24 -19.41
C LYS E 204 46.11 -19.55 -19.62
N VAL E 205 44.78 -19.47 -19.64
CA VAL E 205 43.94 -20.64 -19.84
C VAL E 205 42.76 -20.31 -20.75
N PRO E 206 42.12 -21.33 -21.32
CA PRO E 206 40.98 -21.08 -22.20
C PRO E 206 39.84 -20.39 -21.49
N ILE E 207 39.24 -19.40 -22.16
CA ILE E 207 38.13 -18.65 -21.60
C ILE E 207 37.00 -18.49 -22.61
N ASP E 208 35.78 -18.73 -22.16
CA ASP E 208 34.60 -18.58 -22.98
C ASP E 208 33.65 -17.68 -22.20
N TRP E 209 33.68 -16.41 -22.56
CA TRP E 209 32.93 -15.34 -21.94
C TRP E 209 31.51 -15.17 -22.48
N THR E 210 30.54 -15.00 -21.58
CA THR E 210 29.15 -14.81 -22.00
C THR E 210 28.47 -13.60 -21.33
N VAL E 211 27.37 -13.19 -21.94
CA VAL E 211 26.55 -12.09 -21.47
C VAL E 211 25.12 -12.51 -21.81
N GLY E 212 24.19 -12.24 -20.91
CA GLY E 212 22.81 -12.60 -21.13
C GLY E 212 22.31 -12.09 -22.45
N ALA E 213 21.66 -12.96 -23.20
CA ALA E 213 21.11 -12.59 -24.50
C ALA E 213 20.03 -11.52 -24.39
N SER E 214 19.29 -11.53 -23.28
CA SER E 214 18.22 -10.57 -23.08
C SER E 214 18.60 -9.43 -22.14
N THR E 215 19.84 -9.47 -21.65
CA THR E 215 20.34 -8.44 -20.77
C THR E 215 20.37 -7.15 -21.59
N PRO E 216 19.91 -6.04 -21.00
CA PRO E 216 19.95 -4.77 -21.74
C PRO E 216 21.37 -4.54 -22.20
N THR E 217 21.52 -4.19 -23.47
CA THR E 217 22.82 -3.97 -24.07
C THR E 217 23.79 -3.12 -23.25
N LYS E 218 23.29 -2.04 -22.67
CA LYS E 218 24.12 -1.13 -21.89
C LYS E 218 24.77 -1.73 -20.64
N LEU E 219 24.06 -2.66 -20.01
CA LEU E 219 24.53 -3.26 -18.76
C LEU E 219 25.94 -3.82 -18.75
N PHE E 220 26.22 -4.77 -19.62
CA PHE E 220 27.54 -5.37 -19.65
C PHE E 220 28.23 -5.13 -20.98
N PHE E 221 27.92 -3.97 -21.53
CA PHE E 221 28.45 -3.47 -22.78
C PHE E 221 29.96 -3.58 -22.85
N GLU E 222 30.63 -3.20 -21.77
CA GLU E 222 32.08 -3.24 -21.71
C GLU E 222 32.67 -4.65 -21.69
N ASN E 223 31.85 -5.63 -21.30
CA ASN E 223 32.29 -7.02 -21.28
C ASN E 223 32.63 -7.40 -22.71
N ILE E 224 31.73 -7.05 -23.62
CA ILE E 224 31.89 -7.36 -25.04
C ILE E 224 33.10 -6.65 -25.63
N VAL E 225 33.27 -5.38 -25.28
CA VAL E 225 34.38 -4.59 -25.79
C VAL E 225 35.71 -5.19 -25.37
N ILE E 226 35.86 -5.44 -24.08
CA ILE E 226 37.08 -6.02 -23.55
C ILE E 226 37.40 -7.37 -24.19
N ALA E 227 36.40 -8.21 -24.34
CA ALA E 227 36.59 -9.51 -24.95
C ALA E 227 37.03 -9.41 -26.41
N ALA E 228 36.37 -8.54 -27.15
CA ALA E 228 36.68 -8.36 -28.57
C ALA E 228 38.11 -7.86 -28.76
N ARG E 229 38.47 -6.85 -27.98
CA ARG E 229 39.80 -6.27 -28.06
C ARG E 229 40.87 -7.28 -27.68
N GLU E 230 40.55 -8.13 -26.71
CA GLU E 230 41.49 -9.14 -26.23
C GLU E 230 41.51 -10.41 -27.05
N GLY E 231 40.55 -10.58 -27.96
CA GLY E 231 40.48 -11.77 -28.77
C GLY E 231 39.97 -12.96 -28.01
N ILE E 232 39.17 -12.71 -26.99
CA ILE E 232 38.61 -13.77 -26.16
C ILE E 232 37.23 -14.15 -26.68
N ASN E 233 36.94 -15.43 -26.73
CA ASN E 233 35.65 -15.91 -27.18
C ASN E 233 34.55 -15.25 -26.37
N ILE E 234 33.59 -14.65 -27.04
CA ILE E 234 32.49 -14.00 -26.37
C ILE E 234 31.21 -14.28 -27.12
N GLY E 235 30.15 -14.57 -26.36
CA GLY E 235 28.85 -14.85 -26.91
C GLY E 235 27.78 -14.64 -25.88
N THR E 236 26.55 -14.99 -26.22
CA THR E 236 25.44 -14.82 -25.30
C THR E 236 24.84 -16.16 -24.88
N LEU E 237 24.11 -16.11 -23.77
CA LEU E 237 23.41 -17.25 -23.24
C LEU E 237 21.99 -16.78 -23.05
N PRO E 238 21.02 -17.68 -23.29
CA PRO E 238 19.62 -17.28 -23.10
C PRO E 238 19.42 -16.75 -21.68
N GLY E 239 18.61 -15.72 -21.55
CA GLY E 239 18.36 -15.14 -20.26
C GLY E 239 19.10 -13.84 -19.99
N ASN E 240 19.18 -13.49 -18.72
CA ASN E 240 19.84 -12.26 -18.31
C ASN E 240 21.02 -12.53 -17.37
N HIS E 241 20.83 -12.24 -16.09
CA HIS E 241 21.87 -12.38 -15.08
C HIS E 241 21.96 -13.76 -14.43
N PHE E 242 20.89 -14.53 -14.52
CA PHE E 242 20.87 -15.85 -13.92
C PHE E 242 20.39 -16.87 -14.91
N PRO E 243 21.24 -17.20 -15.90
CA PRO E 243 20.91 -18.16 -16.96
C PRO E 243 20.67 -19.54 -16.39
N TYR E 244 21.29 -19.83 -15.25
CA TYR E 244 21.12 -21.11 -14.59
C TYR E 244 19.74 -21.27 -13.96
N VAL E 245 19.06 -20.16 -13.76
CA VAL E 245 17.73 -20.17 -13.19
C VAL E 245 16.68 -20.03 -14.31
N SER E 246 16.90 -19.07 -15.19
CA SER E 246 15.98 -18.81 -16.29
C SER E 246 15.96 -19.89 -17.36
N HIS E 247 17.14 -20.38 -17.74
CA HIS E 247 17.25 -21.39 -18.78
C HIS E 247 18.19 -22.51 -18.37
N PRO E 248 17.79 -23.31 -17.37
CA PRO E 248 18.63 -24.40 -16.87
C PRO E 248 19.07 -25.38 -17.96
N GLU E 249 18.17 -25.74 -18.86
CA GLU E 249 18.51 -26.67 -19.93
C GLU E 249 19.62 -26.11 -20.81
N GLU E 250 19.40 -24.90 -21.32
CA GLU E 250 20.38 -24.27 -22.18
C GLU E 250 21.69 -24.01 -21.45
N PHE E 251 21.59 -23.62 -20.18
CA PHE E 251 22.77 -23.35 -19.38
C PHE E 251 23.62 -24.60 -19.26
N ALA E 252 22.98 -25.68 -18.84
CA ALA E 252 23.65 -26.97 -18.68
C ALA E 252 24.31 -27.39 -19.98
N LYS E 253 23.57 -27.25 -21.08
CA LYS E 253 24.07 -27.61 -22.39
C LYS E 253 25.33 -26.83 -22.70
N TYR E 254 25.34 -25.54 -22.39
CA TYR E 254 26.49 -24.69 -22.63
C TYR E 254 27.71 -25.13 -21.82
N VAL E 255 27.51 -25.29 -20.52
CA VAL E 255 28.61 -25.70 -19.64
C VAL E 255 29.22 -27.01 -20.12
N VAL E 256 28.37 -27.96 -20.46
CA VAL E 256 28.84 -29.26 -20.92
C VAL E 256 29.62 -29.15 -22.23
N GLU E 257 28.99 -28.57 -23.24
CA GLU E 257 29.62 -28.42 -24.54
C GLU E 257 30.92 -27.63 -24.52
N THR E 258 30.93 -26.48 -23.86
CA THR E 258 32.17 -25.71 -23.84
C THR E 258 33.27 -26.39 -23.04
N SER E 259 32.89 -27.07 -21.96
CA SER E 259 33.87 -27.77 -21.14
C SER E 259 34.44 -29.00 -21.86
N ARG E 260 33.60 -29.64 -22.65
CA ARG E 260 33.94 -30.84 -23.41
C ARG E 260 34.99 -30.63 -24.48
N LYS E 261 35.09 -29.40 -24.97
CA LYS E 261 36.08 -29.12 -26.02
C LYS E 261 37.48 -28.95 -25.46
N TYR E 262 37.64 -29.09 -24.15
CA TYR E 262 38.95 -28.96 -23.54
C TYR E 262 39.35 -30.25 -22.84
N LEU E 263 38.62 -31.31 -23.11
CA LEU E 263 38.91 -32.60 -22.52
C LEU E 263 39.67 -33.47 -23.53
N THR F 2 22.94 3.61 17.71
CA THR F 2 22.26 4.77 18.24
C THR F 2 20.99 5.07 17.47
N ARG F 3 21.13 5.29 16.18
CA ARG F 3 20.01 5.61 15.33
C ARG F 3 19.34 4.38 14.73
N THR F 4 18.04 4.26 14.95
CA THR F 4 17.29 3.14 14.41
C THR F 4 16.65 3.61 13.12
N ARG F 5 16.55 2.69 12.16
CA ARG F 5 15.96 2.99 10.86
C ARG F 5 15.11 1.81 10.41
N GLY F 6 13.88 2.09 10.01
CA GLY F 6 13.00 1.03 9.57
C GLY F 6 11.67 1.50 9.05
N TYR F 7 10.77 0.56 8.85
CA TYR F 7 9.45 0.86 8.33
C TYR F 7 8.38 0.39 9.29
N VAL F 8 7.24 1.04 9.20
CA VAL F 8 6.09 0.68 10.01
C VAL F 8 4.86 1.09 9.22
N THR F 9 3.94 0.15 9.07
CA THR F 9 2.72 0.41 8.33
C THR F 9 1.63 0.81 9.30
N THR F 10 1.00 1.94 9.03
CA THR F 10 -0.05 2.43 9.90
C THR F 10 -1.38 1.92 9.43
N LYS F 11 -2.41 2.13 10.24
CA LYS F 11 -3.75 1.67 9.93
C LYS F 11 -4.40 2.40 8.78
N ASP F 12 -3.74 3.42 8.27
CA ASP F 12 -4.27 4.20 7.15
C ASP F 12 -3.67 3.74 5.82
N GLY F 13 -2.82 2.73 5.87
CA GLY F 13 -2.21 2.21 4.66
C GLY F 13 -0.86 2.76 4.30
N ILE F 14 -0.38 3.75 5.05
CA ILE F 14 0.92 4.32 4.75
C ILE F 14 2.05 3.45 5.27
N LYS F 15 2.98 3.11 4.40
CA LYS F 15 4.14 2.34 4.84
C LYS F 15 5.25 3.35 5.10
N TRP F 16 5.24 3.90 6.31
CA TRP F 16 6.19 4.91 6.73
C TRP F 16 7.63 4.46 6.86
N TYR F 17 8.56 5.33 6.45
CA TYR F 17 9.96 5.07 6.67
C TYR F 17 10.29 6.07 7.76
N TYR F 18 10.81 5.60 8.88
CA TYR F 18 11.11 6.50 9.99
C TYR F 18 12.44 6.20 10.68
N GLU F 19 13.01 7.23 11.29
CA GLU F 19 14.26 7.11 12.01
C GLU F 19 14.07 7.61 13.42
N GLN F 20 14.88 7.09 14.35
CA GLN F 20 14.81 7.48 15.75
C GLN F 20 16.17 7.39 16.41
N GLU F 21 16.46 8.34 17.29
CA GLU F 21 17.73 8.35 17.99
C GLU F 21 17.61 9.01 19.36
N GLY F 22 18.31 8.44 20.33
CA GLY F 22 18.35 8.98 21.68
C GLY F 22 17.25 8.55 22.64
N SER F 23 17.32 9.08 23.84
CA SER F 23 16.33 8.78 24.87
C SER F 23 16.06 10.01 25.73
N GLY F 24 14.81 10.16 26.12
CA GLY F 24 14.37 11.26 26.93
C GLY F 24 13.06 11.77 26.36
N PRO F 25 12.70 13.03 26.67
CA PRO F 25 11.46 13.59 26.14
C PRO F 25 11.49 13.57 24.62
N ASP F 26 10.33 13.46 24.00
CA ASP F 26 10.24 13.36 22.55
C ASP F 26 10.25 14.65 21.74
N VAL F 27 11.03 14.63 20.68
CA VAL F 27 11.11 15.72 19.74
C VAL F 27 10.79 15.11 18.38
N VAL F 28 9.87 15.72 17.66
CA VAL F 28 9.47 15.23 16.35
C VAL F 28 9.85 16.22 15.27
N LEU F 29 10.58 15.75 14.27
CA LEU F 29 11.02 16.59 13.18
C LEU F 29 10.24 16.32 11.90
N ILE F 30 9.22 17.12 11.68
CA ILE F 30 8.41 16.96 10.49
C ILE F 30 9.12 17.64 9.36
N PRO F 31 9.36 16.89 8.29
CA PRO F 31 10.06 17.46 7.14
C PRO F 31 9.21 18.49 6.44
N ASP F 32 9.82 19.20 5.50
CA ASP F 32 9.11 20.18 4.71
C ASP F 32 8.32 19.46 3.64
N GLY F 33 7.80 20.22 2.68
CA GLY F 33 7.00 19.70 1.59
C GLY F 33 7.58 18.54 0.82
N LEU F 34 8.91 18.51 0.71
CA LEU F 34 9.60 17.47 -0.03
C LEU F 34 9.66 16.13 0.71
N GLY F 35 9.28 16.14 1.98
CA GLY F 35 9.24 14.96 2.82
C GLY F 35 10.45 14.05 2.86
N GLU F 36 11.63 14.62 2.74
CA GLU F 36 12.88 13.87 2.75
C GLU F 36 13.56 14.04 4.11
N CYS F 37 13.42 13.03 4.96
CA CYS F 37 13.94 13.05 6.32
C CYS F 37 15.44 12.90 6.51
N GLN F 38 16.16 12.62 5.42
CA GLN F 38 17.62 12.51 5.50
C GLN F 38 18.22 13.90 5.68
N MET F 39 17.38 14.92 5.51
CA MET F 39 17.80 16.31 5.67
C MET F 39 18.03 16.61 7.15
N PHE F 40 17.47 15.77 8.01
CA PHE F 40 17.58 15.94 9.45
C PHE F 40 18.70 15.13 10.09
N ASP F 41 19.37 14.30 9.28
CA ASP F 41 20.44 13.43 9.78
C ASP F 41 21.43 14.07 10.73
N LYS F 42 22.10 15.14 10.29
CA LYS F 42 23.09 15.82 11.09
C LYS F 42 22.52 16.39 12.40
N PRO F 43 21.52 17.26 12.31
CA PRO F 43 20.92 17.87 13.50
C PRO F 43 20.29 16.85 14.44
N MET F 44 19.75 15.79 13.86
CA MET F 44 19.10 14.73 14.64
C MET F 44 20.04 14.14 15.69
N SER F 45 21.27 13.86 15.28
CA SER F 45 22.25 13.31 16.19
C SER F 45 22.59 14.34 17.25
N LEU F 46 22.68 15.60 16.83
CA LEU F 46 22.98 16.68 17.75
C LEU F 46 21.91 16.82 18.82
N ILE F 47 20.65 16.86 18.40
CA ILE F 47 19.56 17.01 19.33
C ILE F 47 19.49 15.82 20.28
N ALA F 48 19.51 14.61 19.69
CA ALA F 48 19.42 13.34 20.41
C ALA F 48 20.46 13.26 21.50
N SER F 49 21.65 13.77 21.20
CA SER F 49 22.75 13.74 22.17
C SER F 49 22.55 14.74 23.30
N ASN F 50 21.49 15.54 23.23
CA ASN F 50 21.21 16.52 24.26
C ASN F 50 20.09 16.07 25.20
N GLY F 51 19.91 14.75 25.30
CA GLY F 51 18.91 14.19 26.18
C GLY F 51 17.48 14.12 25.68
N PHE F 52 17.31 13.98 24.37
CA PHE F 52 15.98 13.89 23.77
C PHE F 52 15.88 12.65 22.90
N ARG F 53 14.67 12.14 22.73
CA ARG F 53 14.47 11.04 21.82
C ARG F 53 13.90 11.73 20.59
N VAL F 54 14.64 11.71 19.49
CA VAL F 54 14.20 12.36 18.28
C VAL F 54 13.64 11.37 17.27
N THR F 55 12.50 11.73 16.69
CA THR F 55 11.86 10.92 15.69
C THR F 55 11.61 11.73 14.44
N THR F 56 11.98 11.16 13.30
CA THR F 56 11.77 11.80 12.01
C THR F 56 11.30 10.74 11.02
N PHE F 57 10.81 11.17 9.87
CA PHE F 57 10.27 10.25 8.89
C PHE F 57 10.05 10.90 7.54
N ASP F 58 9.97 10.08 6.50
CA ASP F 58 9.68 10.56 5.17
C ASP F 58 8.18 10.74 5.14
N MET F 59 7.70 11.79 4.51
CA MET F 59 6.26 12.01 4.47
C MET F 59 5.58 11.06 3.50
N PRO F 60 4.28 10.82 3.71
CA PRO F 60 3.49 9.90 2.90
C PRO F 60 3.63 10.14 1.41
N GLY F 61 4.06 9.11 0.69
CA GLY F 61 4.24 9.18 -0.74
C GLY F 61 5.58 9.71 -1.17
N MET F 62 6.34 10.23 -0.22
CA MET F 62 7.65 10.79 -0.52
C MET F 62 8.80 9.89 -0.11
N SER F 63 9.86 9.92 -0.91
CA SER F 63 11.07 9.17 -0.69
C SER F 63 10.81 7.72 -0.30
N ARG F 64 11.34 7.32 0.86
CA ARG F 64 11.17 5.95 1.33
C ARG F 64 9.78 5.64 1.85
N SER F 65 8.95 6.67 1.97
CA SER F 65 7.57 6.49 2.42
C SER F 65 6.62 6.53 1.23
N SER F 66 7.15 6.25 0.04
CA SER F 66 6.37 6.29 -1.19
C SER F 66 5.27 5.23 -1.30
N ASP F 67 5.41 4.14 -0.58
CA ASP F 67 4.39 3.10 -0.62
C ASP F 67 3.25 3.49 0.30
N ALA F 68 2.35 4.32 -0.23
CA ALA F 68 1.21 4.79 0.52
C ALA F 68 0.08 5.11 -0.43
N PRO F 69 -1.16 5.04 0.06
CA PRO F 69 -2.32 5.34 -0.78
C PRO F 69 -2.19 6.74 -1.36
N PRO F 70 -2.65 6.93 -2.59
CA PRO F 70 -2.61 8.21 -3.32
C PRO F 70 -3.28 9.34 -2.57
N GLU F 71 -4.28 9.01 -1.76
CA GLU F 71 -5.01 10.01 -0.99
C GLU F 71 -4.14 10.68 0.07
N THR F 72 -3.06 10.01 0.45
CA THR F 72 -2.16 10.54 1.48
C THR F 72 -1.15 11.55 0.98
N TYR F 73 -1.25 11.90 -0.29
CA TYR F 73 -0.36 12.88 -0.87
C TYR F 73 -1.04 13.67 -1.96
N GLN F 74 -2.36 13.78 -1.86
CA GLN F 74 -3.17 14.50 -2.81
C GLN F 74 -4.13 15.36 -2.02
N ASP F 75 -4.35 16.59 -2.48
CA ASP F 75 -5.22 17.54 -1.79
C ASP F 75 -4.77 17.67 -0.34
N ILE F 76 -3.47 17.88 -0.16
CA ILE F 76 -2.86 17.98 1.16
C ILE F 76 -3.10 19.29 1.91
N THR F 77 -3.37 19.17 3.20
CA THR F 77 -3.56 20.30 4.10
C THR F 77 -2.87 19.94 5.42
N GLY F 78 -2.61 20.95 6.24
CA GLY F 78 -1.96 20.72 7.52
C GLY F 78 -2.73 19.75 8.39
N ARG F 79 -4.04 19.91 8.43
CA ARG F 79 -4.89 19.05 9.25
C ARG F 79 -4.84 17.62 8.76
N LYS F 80 -4.82 17.44 7.45
CA LYS F 80 -4.76 16.11 6.86
C LYS F 80 -3.48 15.43 7.31
N LEU F 81 -2.36 16.11 7.11
CA LEU F 81 -1.05 15.59 7.50
C LEU F 81 -1.00 15.33 8.99
N ALA F 82 -1.58 16.22 9.76
CA ALA F 82 -1.60 16.09 11.22
C ALA F 82 -2.23 14.77 11.62
N GLY F 83 -3.31 14.41 10.95
CA GLY F 83 -4.01 13.18 11.23
C GLY F 83 -3.09 11.99 11.05
N TYR F 84 -2.38 11.96 9.93
CA TYR F 84 -1.46 10.88 9.66
C TYR F 84 -0.39 10.81 10.73
N ILE F 85 0.17 11.97 11.04
CA ILE F 85 1.23 12.06 12.04
C ILE F 85 0.78 11.53 13.38
N ILE F 86 -0.42 11.89 13.79
CA ILE F 86 -0.97 11.44 15.05
C ILE F 86 -1.07 9.92 15.07
N THR F 87 -1.56 9.36 13.97
CA THR F 87 -1.70 7.93 13.85
C THR F 87 -0.34 7.28 14.05
N LEU F 88 0.67 7.85 13.40
CA LEU F 88 2.04 7.35 13.47
C LEU F 88 2.61 7.45 14.87
N LEU F 89 2.37 8.58 15.52
CA LEU F 89 2.88 8.81 16.87
C LEU F 89 2.26 7.79 17.81
N ASP F 90 0.99 7.47 17.56
CA ASP F 90 0.29 6.49 18.37
C ASP F 90 0.98 5.14 18.27
N THR F 91 1.31 4.74 17.05
CA THR F 91 1.97 3.46 16.80
C THR F 91 3.38 3.41 17.37
N LEU F 92 4.03 4.56 17.45
CA LEU F 92 5.38 4.63 18.00
C LEU F 92 5.35 4.93 19.49
N ASP F 93 4.15 4.99 20.05
CA ASP F 93 3.94 5.25 21.46
C ASP F 93 4.56 6.57 21.92
N ILE F 94 4.38 7.62 21.14
CA ILE F 94 4.88 8.94 21.50
C ILE F 94 3.67 9.73 22.01
N LYS F 95 3.59 9.91 23.31
CA LYS F 95 2.46 10.61 23.92
C LYS F 95 2.46 12.12 23.75
N ILE F 96 3.60 12.74 24.02
CA ILE F 96 3.72 14.19 23.93
C ILE F 96 5.10 14.53 23.36
N ALA F 97 5.18 15.55 22.53
CA ALA F 97 6.46 15.92 21.95
C ALA F 97 6.57 17.37 21.51
N SER F 98 7.81 17.82 21.36
CA SER F 98 8.11 19.15 20.88
C SER F 98 8.16 18.93 19.38
N VAL F 99 7.36 19.66 18.62
CA VAL F 99 7.30 19.44 17.19
C VAL F 99 7.80 20.56 16.28
N TRP F 100 8.76 20.21 15.41
CA TRP F 100 9.32 21.14 14.45
C TRP F 100 8.77 20.85 13.05
N GLY F 101 8.56 21.91 12.28
CA GLY F 101 8.09 21.75 10.92
C GLY F 101 8.25 23.00 10.06
N CYS F 102 8.69 22.80 8.83
CA CYS F 102 8.83 23.90 7.89
C CYS F 102 7.84 23.71 6.76
N ALA F 103 7.41 24.82 6.17
CA ALA F 103 6.49 24.84 5.04
C ALA F 103 5.22 24.07 5.38
N SER F 104 4.96 23.01 4.63
CA SER F 104 3.78 22.18 4.90
C SER F 104 3.96 21.51 6.25
N GLY F 105 5.20 21.30 6.64
CA GLY F 105 5.50 20.70 7.93
C GLY F 105 5.10 21.66 9.03
N ALA F 106 5.24 22.95 8.75
CA ALA F 106 4.89 24.01 9.69
C ALA F 106 3.38 24.08 9.79
N SER F 107 2.71 23.90 8.65
CA SER F 107 1.26 23.90 8.62
C SER F 107 0.78 22.76 9.48
N THR F 108 1.48 21.65 9.40
CA THR F 108 1.14 20.48 10.19
C THR F 108 1.35 20.77 11.68
N VAL F 109 2.43 21.47 11.99
CA VAL F 109 2.71 21.82 13.38
C VAL F 109 1.56 22.62 13.95
N LEU F 110 1.13 23.64 13.23
CA LEU F 110 0.03 24.48 13.67
C LEU F 110 -1.25 23.68 13.83
N ALA F 111 -1.49 22.76 12.91
CA ALA F 111 -2.67 21.90 12.99
C ALA F 111 -2.63 21.09 14.27
N LEU F 112 -1.45 20.55 14.59
CA LEU F 112 -1.28 19.74 15.79
C LEU F 112 -1.50 20.58 17.05
N CYS F 113 -1.02 21.82 17.02
CA CYS F 113 -1.18 22.72 18.15
C CYS F 113 -2.64 23.10 18.35
N SER F 114 -3.37 23.19 17.24
CA SER F 114 -4.77 23.57 17.27
C SER F 114 -5.73 22.42 17.57
N ASP F 115 -5.55 21.30 16.89
CA ASP F 115 -6.45 20.16 17.05
C ASP F 115 -6.00 19.04 17.98
N TYR F 116 -4.72 18.97 18.29
CA TYR F 116 -4.21 17.94 19.18
C TYR F 116 -3.24 18.51 20.19
N PRO F 117 -3.67 19.54 20.93
CA PRO F 117 -2.86 20.24 21.93
C PRO F 117 -2.32 19.32 23.02
N GLU F 118 -3.03 18.23 23.29
CA GLU F 118 -2.61 17.28 24.31
C GLU F 118 -1.37 16.50 23.91
N ARG F 119 -1.07 16.47 22.62
CA ARG F 119 0.08 15.75 22.12
C ARG F 119 1.29 16.66 21.91
N VAL F 120 1.07 17.96 22.01
CA VAL F 120 2.13 18.92 21.75
C VAL F 120 2.65 19.67 22.98
N ARG F 121 3.93 19.51 23.27
CA ARG F 121 4.53 20.21 24.38
C ARG F 121 4.77 21.65 23.97
N ASN F 122 5.26 21.83 22.76
CA ASN F 122 5.53 23.13 22.19
C ASN F 122 5.68 22.98 20.68
N GLY F 123 5.21 23.97 19.94
CA GLY F 123 5.29 23.93 18.48
C GLY F 123 6.34 24.88 17.93
N MET F 124 7.10 24.40 16.96
CA MET F 124 8.14 25.20 16.34
C MET F 124 7.94 25.24 14.83
N PRO F 125 6.97 26.03 14.37
CA PRO F 125 6.68 26.18 12.95
C PRO F 125 7.69 27.11 12.29
N HIS F 126 8.06 26.80 11.06
CA HIS F 126 9.01 27.60 10.32
C HIS F 126 8.48 27.84 8.90
N GLU F 127 8.30 29.10 8.56
CA GLU F 127 7.82 29.49 7.24
C GLU F 127 6.51 28.79 6.82
N VAL F 128 5.43 29.19 7.47
CA VAL F 128 4.11 28.67 7.19
C VAL F 128 3.59 29.27 5.89
N PRO F 129 3.33 28.43 4.90
CA PRO F 129 2.82 28.94 3.62
C PRO F 129 1.42 29.50 3.76
N THR F 130 1.24 30.76 3.40
CA THR F 130 -0.07 31.39 3.44
C THR F 130 -0.40 32.03 2.10
N GLU F 131 0.63 32.16 1.27
CA GLU F 131 0.51 32.77 -0.04
C GLU F 131 1.71 32.38 -0.89
N ASN F 132 1.46 31.51 -1.87
CA ASN F 132 2.50 31.01 -2.76
C ASN F 132 3.18 32.08 -3.59
N PRO F 133 4.49 31.90 -3.84
CA PRO F 133 5.20 32.85 -4.69
C PRO F 133 4.85 32.53 -6.14
N ASP F 134 5.16 33.47 -7.04
CA ASP F 134 4.84 33.30 -8.45
C ASP F 134 5.54 32.14 -9.14
N ILE F 135 6.55 31.55 -8.50
CA ILE F 135 7.25 30.44 -9.13
C ILE F 135 6.47 29.13 -9.08
N LEU F 136 5.46 29.08 -8.21
CA LEU F 136 4.65 27.87 -8.06
C LEU F 136 3.24 28.04 -8.59
N LEU F 137 2.99 29.13 -9.30
CA LEU F 137 1.66 29.38 -9.85
C LEU F 137 1.17 28.28 -10.79
N HIS F 138 2.04 27.81 -11.67
CA HIS F 138 1.66 26.79 -12.65
C HIS F 138 2.53 25.55 -12.60
N ILE F 139 3.20 25.33 -11.47
CA ILE F 139 4.09 24.20 -11.32
C ILE F 139 3.40 22.83 -11.40
N HIS F 140 2.10 22.81 -11.13
CA HIS F 140 1.35 21.58 -11.17
C HIS F 140 0.83 21.25 -12.56
N GLU F 141 1.08 22.13 -13.52
CA GLU F 141 0.59 21.93 -14.87
C GLU F 141 1.59 21.32 -15.87
N VAL F 142 2.87 21.54 -15.63
CA VAL F 142 3.88 21.04 -16.55
C VAL F 142 4.14 19.55 -16.40
N ASP F 143 4.93 19.01 -17.30
CA ASP F 143 5.26 17.60 -17.25
C ASP F 143 6.20 17.38 -16.08
N PRO F 144 6.18 16.15 -15.54
CA PRO F 144 7.01 15.71 -14.41
C PRO F 144 8.46 16.10 -14.54
N ALA F 145 9.02 15.99 -15.74
CA ALA F 145 10.41 16.32 -15.94
C ALA F 145 10.64 17.80 -15.76
N THR F 146 9.64 18.60 -16.11
CA THR F 146 9.75 20.03 -15.97
C THR F 146 9.70 20.45 -14.51
N ILE F 147 8.76 19.86 -13.77
CA ILE F 147 8.59 20.16 -12.36
C ILE F 147 9.87 19.84 -11.59
N SER F 148 10.40 18.65 -11.81
CA SER F 148 11.62 18.21 -11.14
C SER F 148 12.78 19.14 -11.47
N GLN F 149 12.84 19.57 -12.71
CA GLN F 149 13.91 20.46 -13.16
C GLN F 149 13.75 21.83 -12.51
N GLU F 150 12.53 22.34 -12.50
CA GLU F 150 12.25 23.65 -11.93
C GLU F 150 12.26 23.64 -10.40
N MET F 151 11.68 22.61 -9.81
CA MET F 151 11.61 22.50 -8.36
C MET F 151 12.97 22.25 -7.74
N ALA F 152 13.84 21.57 -8.47
CA ALA F 152 15.17 21.29 -7.99
C ALA F 152 15.97 22.58 -7.92
N ALA F 153 15.69 23.48 -8.86
CA ALA F 153 16.37 24.77 -8.91
C ALA F 153 15.83 25.71 -7.85
N ASN F 154 14.51 25.73 -7.70
CA ASN F 154 13.89 26.59 -6.71
C ASN F 154 14.32 26.19 -5.30
N SER F 155 14.27 24.90 -5.03
CA SER F 155 14.66 24.38 -3.73
C SER F 155 16.08 24.76 -3.37
N ARG F 156 17.00 24.51 -4.29
CA ARG F 156 18.41 24.81 -4.10
C ARG F 156 18.64 26.29 -3.86
N ALA F 157 17.86 27.12 -4.53
CA ALA F 157 17.98 28.56 -4.38
C ALA F 157 17.49 29.03 -3.01
N ALA F 158 16.65 28.22 -2.38
CA ALA F 158 16.13 28.55 -1.07
C ALA F 158 16.76 27.65 -0.01
N SER F 159 17.87 27.03 -0.36
CA SER F 159 18.54 26.12 0.55
C SER F 159 19.25 26.84 1.68
N GLY F 160 19.69 28.07 1.42
CA GLY F 160 20.39 28.86 2.42
C GLY F 160 21.88 28.53 2.49
N ASN F 161 22.30 27.58 1.68
CA ASN F 161 23.68 27.13 1.61
C ASN F 161 23.74 26.07 0.51
N VAL F 162 24.05 26.49 -0.71
CA VAL F 162 24.09 25.57 -1.85
C VAL F 162 25.09 24.43 -1.67
N GLU F 163 26.22 24.71 -1.03
CA GLU F 163 27.24 23.70 -0.79
C GLU F 163 26.63 22.55 0.01
N ALA F 164 25.99 22.88 1.12
CA ALA F 164 25.38 21.87 1.97
C ALA F 164 24.21 21.18 1.27
N TRP F 165 23.50 21.93 0.44
CA TRP F 165 22.36 21.38 -0.29
C TRP F 165 22.82 20.29 -1.24
N ASP F 166 23.85 20.62 -2.01
CA ASP F 166 24.43 19.70 -2.98
C ASP F 166 25.07 18.56 -2.24
N ALA F 167 25.63 18.89 -1.08
CA ALA F 167 26.32 17.96 -0.20
C ALA F 167 25.43 16.89 0.40
N LEU F 168 24.13 16.99 0.15
CA LEU F 168 23.18 15.99 0.64
C LEU F 168 23.42 14.64 -0.02
N GLY F 169 24.06 14.67 -1.19
CA GLY F 169 24.37 13.46 -1.91
C GLY F 169 23.44 13.10 -3.06
N PRO F 170 24.00 12.44 -4.09
CA PRO F 170 23.23 12.03 -5.27
C PRO F 170 22.04 11.16 -4.91
N GLU F 171 22.20 10.28 -3.94
CA GLU F 171 21.12 9.40 -3.52
C GLU F 171 19.92 10.19 -3.03
N VAL F 172 20.18 11.23 -2.24
CA VAL F 172 19.11 12.05 -1.70
C VAL F 172 18.43 12.83 -2.80
N HIS F 173 19.22 13.40 -3.69
CA HIS F 173 18.67 14.18 -4.79
C HIS F 173 17.92 13.31 -5.80
N ALA F 174 18.25 12.03 -5.82
CA ALA F 174 17.56 11.11 -6.70
C ALA F 174 16.15 10.96 -6.16
N ARG F 175 16.04 10.77 -4.85
CA ARG F 175 14.75 10.62 -4.20
C ARG F 175 13.94 11.90 -4.35
N LEU F 176 14.60 13.03 -4.15
CA LEU F 176 13.95 14.33 -4.27
C LEU F 176 13.40 14.53 -5.67
N HIS F 177 14.17 14.08 -6.66
CA HIS F 177 13.76 14.20 -8.05
C HIS F 177 12.36 13.65 -8.26
N ASP F 178 12.11 12.47 -7.72
CA ASP F 178 10.81 11.82 -7.86
C ASP F 178 9.72 12.46 -7.03
N ASN F 179 10.10 13.16 -5.96
CA ASN F 179 9.14 13.79 -5.07
C ASN F 179 8.53 15.07 -5.62
N TYR F 180 9.32 15.85 -6.34
CA TYR F 180 8.87 17.12 -6.89
C TYR F 180 7.50 17.07 -7.57
N PRO F 181 7.34 16.18 -8.56
CA PRO F 181 6.04 16.08 -9.25
C PRO F 181 4.92 15.77 -8.26
N ARG F 182 5.13 14.74 -7.44
CA ARG F 182 4.16 14.35 -6.44
C ARG F 182 3.81 15.52 -5.53
N TRP F 183 4.83 16.25 -5.11
CA TRP F 183 4.61 17.40 -4.23
C TRP F 183 3.78 18.47 -4.93
N ALA F 184 4.16 18.78 -6.17
CA ALA F 184 3.48 19.80 -6.95
C ALA F 184 2.00 19.53 -7.17
N TYR F 185 1.66 18.28 -7.46
CA TYR F 185 0.28 17.91 -7.72
C TYR F 185 -0.61 17.97 -6.48
N GLY F 186 -0.06 17.70 -5.31
CA GLY F 186 -0.90 17.70 -4.13
C GLY F 186 -0.60 18.63 -2.96
N TYR F 187 0.33 19.55 -3.10
CA TYR F 187 0.67 20.44 -2.00
C TYR F 187 0.42 21.95 -2.21
N PRO F 188 1.15 22.56 -3.15
CA PRO F 188 1.09 24.01 -3.41
C PRO F 188 -0.30 24.63 -3.55
N ARG F 189 -1.24 23.92 -4.15
CA ARG F 189 -2.58 24.44 -4.34
C ARG F 189 -3.43 24.46 -3.08
N THR F 190 -3.30 23.44 -2.25
CA THR F 190 -4.12 23.32 -1.06
C THR F 190 -3.48 23.60 0.29
N ILE F 191 -2.16 23.65 0.35
CA ILE F 191 -1.48 23.89 1.63
C ILE F 191 -1.72 25.28 2.22
N PRO F 192 -1.43 26.34 1.44
CA PRO F 192 -1.54 27.76 1.80
C PRO F 192 -2.90 28.16 2.36
N PRO F 193 -3.97 27.93 1.62
CA PRO F 193 -5.30 28.31 2.11
C PRO F 193 -5.74 27.57 3.35
N SER F 194 -5.07 26.47 3.68
CA SER F 194 -5.44 25.70 4.87
C SER F 194 -4.61 26.02 6.10
N ALA F 195 -3.78 27.05 6.00
CA ALA F 195 -2.94 27.44 7.11
C ALA F 195 -3.74 27.67 8.36
N PRO F 196 -3.45 26.92 9.42
CA PRO F 196 -4.14 27.05 10.71
C PRO F 196 -3.58 28.26 11.45
N VAL F 197 -3.85 29.44 10.94
CA VAL F 197 -3.32 30.65 11.55
C VAL F 197 -4.38 31.57 12.12
N LYS F 198 -5.51 31.01 12.52
CA LYS F 198 -6.58 31.79 13.14
C LYS F 198 -6.25 31.90 14.63
N THR F 199 -6.88 32.86 15.30
CA THR F 199 -6.61 33.08 16.72
C THR F 199 -6.79 31.83 17.57
N GLU F 200 -7.83 31.05 17.29
CA GLU F 200 -8.10 29.86 18.07
C GLU F 200 -7.07 28.76 17.88
N ASP F 201 -6.36 28.81 16.77
CA ASP F 201 -5.35 27.80 16.46
C ASP F 201 -4.04 28.01 17.22
N LEU F 202 -3.74 29.27 17.52
CA LEU F 202 -2.46 29.62 18.13
C LEU F 202 -2.28 29.79 19.62
N HIS F 203 -3.30 29.53 20.43
CA HIS F 203 -3.12 29.75 21.86
C HIS F 203 -3.41 28.59 22.80
N LYS F 204 -3.32 27.36 22.31
CA LYS F 204 -3.58 26.20 23.15
C LYS F 204 -2.29 25.67 23.76
N VAL F 205 -1.20 25.79 23.02
CA VAL F 205 0.10 25.34 23.51
C VAL F 205 1.15 26.36 23.12
N PRO F 206 2.31 26.34 23.81
CA PRO F 206 3.39 27.28 23.51
C PRO F 206 3.86 27.14 22.06
N ILE F 207 4.09 28.26 21.40
CA ILE F 207 4.53 28.25 20.01
C ILE F 207 5.68 29.23 19.80
N ASP F 208 6.74 28.74 19.16
CA ASP F 208 7.89 29.56 18.84
C ASP F 208 8.04 29.49 17.33
N TRP F 209 7.70 30.60 16.67
CA TRP F 209 7.67 30.74 15.23
C TRP F 209 8.97 31.31 14.65
N THR F 210 9.39 30.78 13.52
CA THR F 210 10.60 31.26 12.86
C THR F 210 10.48 31.41 11.34
N VAL F 211 11.32 32.26 10.79
CA VAL F 211 11.41 32.53 9.36
C VAL F 211 12.91 32.64 9.07
N GLY F 212 13.32 32.22 7.88
CA GLY F 212 14.72 32.29 7.54
C GLY F 212 15.22 33.72 7.59
N ALA F 213 16.39 33.92 8.18
CA ALA F 213 16.99 35.24 8.27
C ALA F 213 17.34 35.81 6.90
N SER F 214 17.75 34.93 5.99
CA SER F 214 18.13 35.33 4.64
C SER F 214 16.99 35.23 3.63
N THR F 215 15.87 34.68 4.06
CA THR F 215 14.70 34.54 3.21
C THR F 215 14.21 35.92 2.82
N PRO F 216 13.92 36.13 1.53
CA PRO F 216 13.40 37.43 1.10
C PRO F 216 12.18 37.79 1.94
N THR F 217 12.16 39.01 2.45
CA THR F 217 11.08 39.50 3.30
C THR F 217 9.66 39.17 2.83
N LYS F 218 9.38 39.39 1.56
CA LYS F 218 8.05 39.16 1.02
C LYS F 218 7.53 37.73 1.19
N LEU F 219 8.40 36.75 0.98
CA LEU F 219 8.02 35.35 1.05
C LEU F 219 7.15 34.93 2.24
N PHE F 220 7.59 35.23 3.45
CA PHE F 220 6.82 34.84 4.62
C PHE F 220 6.51 36.02 5.53
N PHE F 221 6.32 37.15 4.89
CA PHE F 221 6.01 38.42 5.52
C PHE F 221 4.79 38.30 6.42
N GLU F 222 3.75 37.62 5.93
CA GLU F 222 2.52 37.46 6.69
C GLU F 222 2.73 36.65 7.96
N ASN F 223 3.73 35.78 7.96
CA ASN F 223 4.04 34.97 9.13
C ASN F 223 4.35 35.89 10.28
N ILE F 224 5.20 36.87 10.01
CA ILE F 224 5.63 37.83 11.01
C ILE F 224 4.48 38.71 11.46
N VAL F 225 3.64 39.13 10.52
CA VAL F 225 2.49 39.96 10.85
C VAL F 225 1.54 39.22 11.78
N ILE F 226 1.20 37.99 11.40
CA ILE F 226 0.30 37.18 12.21
C ILE F 226 0.84 36.95 13.61
N ALA F 227 2.08 36.48 13.70
CA ALA F 227 2.70 36.21 14.98
C ALA F 227 2.74 37.46 15.87
N ALA F 228 3.14 38.58 15.30
CA ALA F 228 3.22 39.82 16.06
C ALA F 228 1.84 40.22 16.56
N ARG F 229 0.86 40.13 15.68
CA ARG F 229 -0.51 40.48 16.01
C ARG F 229 -1.09 39.61 17.12
N GLU F 230 -0.74 38.33 17.12
CA GLU F 230 -1.25 37.39 18.09
C GLU F 230 -0.39 37.24 19.35
N GLY F 231 0.70 37.99 19.42
CA GLY F 231 1.57 37.92 20.58
C GLY F 231 2.33 36.60 20.68
N ILE F 232 2.60 35.98 19.54
CA ILE F 232 3.33 34.74 19.49
C ILE F 232 4.82 35.02 19.25
N ASN F 233 5.68 34.33 19.99
CA ASN F 233 7.13 34.49 19.84
C ASN F 233 7.48 34.29 18.37
N ILE F 234 8.18 35.26 17.80
CA ILE F 234 8.57 35.17 16.41
C ILE F 234 9.97 35.70 16.22
N GLY F 235 10.80 34.94 15.52
CA GLY F 235 12.17 35.34 15.27
C GLY F 235 12.72 34.70 14.01
N THR F 236 14.01 34.85 13.80
CA THR F 236 14.64 34.27 12.62
C THR F 236 15.64 33.21 12.99
N LEU F 237 16.00 32.44 11.99
CA LEU F 237 16.99 31.40 12.09
C LEU F 237 17.93 31.62 10.92
N PRO F 238 19.21 31.25 11.08
CA PRO F 238 20.15 31.43 9.97
C PRO F 238 19.67 30.66 8.75
N GLY F 239 19.98 31.17 7.57
CA GLY F 239 19.59 30.50 6.35
C GLY F 239 18.25 30.91 5.77
N ASN F 240 17.66 30.01 5.00
CA ASN F 240 16.39 30.28 4.35
C ASN F 240 15.30 29.27 4.70
N HIS F 241 14.96 28.42 3.74
CA HIS F 241 13.91 27.42 3.89
C HIS F 241 14.32 26.13 4.58
N PHE F 242 15.61 25.84 4.55
CA PHE F 242 16.11 24.60 5.13
C PHE F 242 17.21 24.81 6.15
N PRO F 243 16.87 25.44 7.28
CA PRO F 243 17.83 25.71 8.36
C PRO F 243 18.48 24.44 8.87
N TYR F 244 17.77 23.31 8.78
CA TYR F 244 18.32 22.05 9.24
C TYR F 244 19.41 21.49 8.32
N VAL F 245 19.49 22.01 7.11
CA VAL F 245 20.50 21.58 6.16
C VAL F 245 21.64 22.59 6.09
N SER F 246 21.27 23.86 6.04
CA SER F 246 22.25 24.93 5.93
C SER F 246 23.03 25.17 7.21
N HIS F 247 22.33 25.20 8.34
CA HIS F 247 22.96 25.45 9.63
C HIS F 247 22.56 24.43 10.69
N PRO F 248 22.97 23.18 10.50
CA PRO F 248 22.65 22.07 11.39
C PRO F 248 22.93 22.37 12.86
N GLU F 249 24.08 22.93 13.17
CA GLU F 249 24.44 23.24 14.54
C GLU F 249 23.49 24.25 15.17
N GLU F 250 23.31 25.38 14.49
CA GLU F 250 22.41 26.42 14.98
C GLU F 250 20.99 25.91 15.08
N PHE F 251 20.57 25.12 14.10
CA PHE F 251 19.23 24.57 14.10
C PHE F 251 19.03 23.67 15.31
N ALA F 252 19.98 22.77 15.54
CA ALA F 252 19.90 21.86 16.67
C ALA F 252 19.84 22.61 17.99
N LYS F 253 20.65 23.66 18.11
CA LYS F 253 20.69 24.46 19.31
C LYS F 253 19.33 25.08 19.56
N TYR F 254 18.72 25.63 18.53
CA TYR F 254 17.41 26.25 18.63
C TYR F 254 16.37 25.25 19.11
N VAL F 255 16.36 24.07 18.49
CA VAL F 255 15.41 23.04 18.85
C VAL F 255 15.62 22.57 20.29
N VAL F 256 16.87 22.34 20.67
CA VAL F 256 17.18 21.88 22.02
C VAL F 256 16.77 22.90 23.07
N GLU F 257 17.24 24.12 22.93
CA GLU F 257 16.92 25.17 23.89
C GLU F 257 15.44 25.52 23.97
N THR F 258 14.78 25.60 22.83
CA THR F 258 13.37 25.92 22.81
C THR F 258 12.53 24.82 23.49
N SER F 259 12.82 23.58 23.16
CA SER F 259 12.09 22.46 23.74
C SER F 259 12.40 22.34 25.22
N ARG F 260 13.66 22.46 25.56
CA ARG F 260 14.10 22.35 26.94
C ARG F 260 13.36 23.30 27.86
N LYS F 261 13.13 24.52 27.40
CA LYS F 261 12.48 25.51 28.23
C LYS F 261 11.04 25.20 28.63
N TYR F 262 10.42 24.24 27.97
CA TYR F 262 9.04 23.87 28.29
C TYR F 262 8.93 22.55 29.04
N LEU F 263 10.06 21.91 29.29
CA LEU F 263 10.06 20.63 30.00
C LEU F 263 9.62 20.79 31.45
N LYS F 264 8.80 19.85 31.91
CA LYS F 264 8.28 19.84 33.27
C LYS F 264 8.54 18.50 33.93
N ALA G 1 5.96 70.08 -15.73
CA ALA G 1 6.67 69.61 -16.91
C ALA G 1 8.15 69.96 -16.84
N THR G 2 8.51 70.91 -15.99
CA THR G 2 9.90 71.32 -15.86
C THR G 2 10.45 71.07 -14.46
N ARG G 3 11.72 70.72 -14.40
CA ARG G 3 12.37 70.46 -13.12
C ARG G 3 13.13 71.68 -12.65
N THR G 4 12.74 72.22 -11.51
CA THR G 4 13.45 73.37 -10.99
C THR G 4 14.55 72.89 -10.04
N ARG G 5 15.75 73.36 -10.29
CA ARG G 5 16.89 72.99 -9.48
C ARG G 5 17.52 74.25 -8.90
N GLY G 6 17.85 74.19 -7.62
CA GLY G 6 18.46 75.34 -6.99
C GLY G 6 19.06 75.09 -5.63
N TYR G 7 19.53 76.16 -5.02
CA TYR G 7 20.12 76.13 -3.72
C TYR G 7 19.44 77.19 -2.88
N VAL G 8 19.45 77.00 -1.58
CA VAL G 8 18.89 77.95 -0.65
C VAL G 8 19.55 77.70 0.69
N THR G 9 20.00 78.78 1.32
CA THR G 9 20.64 78.68 2.62
C THR G 9 19.63 79.03 3.70
N THR G 10 19.36 78.07 4.58
CA THR G 10 18.41 78.27 5.65
C THR G 10 19.09 78.95 6.82
N LYS G 11 18.29 79.35 7.80
CA LYS G 11 18.81 80.06 8.98
C LYS G 11 19.73 79.22 9.87
N ASP G 12 19.74 77.91 9.68
CA ASP G 12 20.61 77.04 10.46
C ASP G 12 21.99 76.91 9.82
N GLY G 13 22.20 77.61 8.72
CA GLY G 13 23.47 77.59 8.04
C GLY G 13 23.67 76.57 6.95
N ILE G 14 22.64 75.77 6.69
CA ILE G 14 22.73 74.75 5.67
C ILE G 14 22.46 75.30 4.27
N LYS G 15 23.40 75.11 3.36
CA LYS G 15 23.20 75.51 1.97
C LYS G 15 22.64 74.31 1.25
N TRP G 16 21.32 74.19 1.26
CA TRP G 16 20.61 73.08 0.67
C TRP G 16 20.57 73.06 -0.85
N TYR G 17 20.66 71.86 -1.42
CA TYR G 17 20.48 71.71 -2.85
C TYR G 17 19.15 71.00 -2.93
N TYR G 18 18.22 71.54 -3.70
CA TYR G 18 16.91 70.94 -3.80
C TYR G 18 16.37 70.94 -5.22
N GLU G 19 15.37 70.09 -5.45
CA GLU G 19 14.73 69.99 -6.75
C GLU G 19 13.22 69.95 -6.52
N GLN G 20 12.47 70.46 -7.49
CA GLN G 20 11.02 70.50 -7.40
C GLN G 20 10.40 70.33 -8.78
N GLU G 21 9.23 69.71 -8.82
CA GLU G 21 8.52 69.51 -10.06
C GLU G 21 7.03 69.30 -9.82
N GLY G 22 6.20 69.80 -10.72
CA GLY G 22 4.77 69.63 -10.64
C GLY G 22 4.03 70.66 -9.81
N SER G 23 2.70 70.52 -9.80
CA SER G 23 1.84 71.41 -9.04
C SER G 23 0.72 70.61 -8.41
N GLY G 24 0.21 71.11 -7.30
CA GLY G 24 -0.85 70.45 -6.58
C GLY G 24 -0.40 70.16 -5.16
N PRO G 25 -0.97 69.12 -4.54
CA PRO G 25 -0.61 68.75 -3.18
C PRO G 25 0.87 68.39 -3.11
N ASP G 26 1.51 68.72 -2.00
CA ASP G 26 2.93 68.48 -1.84
C ASP G 26 3.35 67.07 -1.45
N VAL G 27 4.39 66.59 -2.09
CA VAL G 27 4.97 65.30 -1.79
C VAL G 27 6.44 65.57 -1.55
N VAL G 28 6.96 65.09 -0.44
CA VAL G 28 8.36 65.29 -0.10
C VAL G 28 9.10 63.97 -0.05
N LEU G 29 10.16 63.85 -0.85
CA LEU G 29 10.95 62.65 -0.91
C LEU G 29 12.26 62.83 -0.16
N ILE G 30 12.28 62.39 1.08
CA ILE G 30 13.48 62.50 1.88
C ILE G 30 14.36 61.34 1.50
N PRO G 31 15.60 61.65 1.13
CA PRO G 31 16.48 60.56 0.73
C PRO G 31 16.88 59.70 1.91
N ASP G 32 17.58 58.62 1.60
CA ASP G 32 18.10 57.71 2.62
C ASP G 32 19.35 58.35 3.23
N GLY G 33 20.07 57.55 4.02
CA GLY G 33 21.28 58.00 4.69
C GLY G 33 22.33 58.67 3.82
N LEU G 34 22.43 58.22 2.57
CA LEU G 34 23.41 58.77 1.63
C LEU G 34 23.08 60.18 1.15
N GLY G 35 21.86 60.63 1.45
CA GLY G 35 21.40 61.96 1.11
C GLY G 35 21.61 62.44 -0.31
N GLU G 36 21.45 61.55 -1.27
CA GLU G 36 21.64 61.87 -2.67
C GLU G 36 20.29 61.85 -3.40
N CYS G 37 19.76 63.05 -3.62
CA CYS G 37 18.43 63.21 -4.24
C CYS G 37 18.32 62.94 -5.73
N GLN G 38 19.45 62.69 -6.40
CA GLN G 38 19.41 62.37 -7.84
C GLN G 38 18.81 60.98 -8.04
N MET G 39 18.73 60.22 -6.96
CA MET G 39 18.15 58.89 -6.97
C MET G 39 16.65 58.96 -7.18
N PHE G 40 16.06 60.12 -6.94
CA PHE G 40 14.63 60.32 -7.10
C PHE G 40 14.25 60.95 -8.43
N ASP G 41 15.26 61.20 -9.26
CA ASP G 41 15.05 61.83 -10.57
C ASP G 41 13.88 61.26 -11.36
N LYS G 42 13.94 59.97 -11.65
CA LYS G 42 12.91 59.29 -12.43
C LYS G 42 11.52 59.32 -11.81
N PRO G 43 11.39 58.82 -10.58
CA PRO G 43 10.09 58.78 -9.90
C PRO G 43 9.51 60.15 -9.65
N MET G 44 10.37 61.14 -9.51
CA MET G 44 9.92 62.50 -9.28
C MET G 44 9.00 62.97 -10.40
N SER G 45 9.42 62.75 -11.63
CA SER G 45 8.65 63.13 -12.80
C SER G 45 7.36 62.32 -12.90
N LEU G 46 7.44 61.06 -12.54
CA LEU G 46 6.28 60.17 -12.58
C LEU G 46 5.22 60.63 -11.60
N ILE G 47 5.63 60.88 -10.37
CA ILE G 47 4.73 61.33 -9.33
C ILE G 47 4.13 62.70 -9.65
N ALA G 48 4.99 63.61 -10.10
CA ALA G 48 4.60 64.98 -10.42
C ALA G 48 3.59 65.02 -11.55
N SER G 49 3.65 64.04 -12.43
CA SER G 49 2.73 63.97 -13.57
C SER G 49 1.37 63.42 -13.16
N ASN G 50 1.21 63.10 -11.88
CA ASN G 50 -0.04 62.59 -11.37
C ASN G 50 -0.76 63.65 -10.55
N GLY G 51 -0.40 64.91 -10.79
CA GLY G 51 -1.01 66.03 -10.09
C GLY G 51 -0.44 66.41 -8.75
N PHE G 52 0.86 66.19 -8.56
CA PHE G 52 1.50 66.52 -7.29
C PHE G 52 2.71 67.41 -7.50
N ARG G 53 2.98 68.27 -6.53
CA ARG G 53 4.19 69.08 -6.59
C ARG G 53 5.15 68.28 -5.73
N VAL G 54 6.21 67.79 -6.35
CA VAL G 54 7.18 66.97 -5.63
C VAL G 54 8.46 67.70 -5.31
N THR G 55 8.91 67.57 -4.08
CA THR G 55 10.12 68.20 -3.62
C THR G 55 11.09 67.17 -3.04
N THR G 56 12.35 67.32 -3.40
CA THR G 56 13.42 66.46 -2.89
C THR G 56 14.67 67.32 -2.75
N PHE G 57 15.67 66.78 -2.07
CA PHE G 57 16.90 67.52 -1.79
C PHE G 57 18.00 66.64 -1.24
N ASP G 58 19.24 67.10 -1.39
CA ASP G 58 20.38 66.37 -0.84
C ASP G 58 20.38 66.72 0.64
N MET G 59 20.69 65.75 1.49
CA MET G 59 20.70 65.98 2.93
C MET G 59 21.93 66.75 3.39
N PRO G 60 21.81 67.45 4.52
CA PRO G 60 22.87 68.29 5.08
C PRO G 60 24.22 67.59 5.16
N GLY G 61 25.21 68.20 4.53
CA GLY G 61 26.55 67.67 4.49
C GLY G 61 26.77 66.66 3.37
N MET G 62 25.70 66.21 2.75
CA MET G 62 25.79 65.22 1.69
C MET G 62 25.65 65.82 0.29
N SER G 63 26.42 65.27 -0.63
CA SER G 63 26.42 65.66 -2.03
C SER G 63 26.43 67.16 -2.24
N ARG G 64 25.43 67.68 -2.96
CA ARG G 64 25.36 69.10 -3.27
C ARG G 64 24.95 69.99 -2.10
N SER G 65 24.56 69.37 -0.99
CA SER G 65 24.19 70.11 0.20
C SER G 65 25.33 70.01 1.22
N SER G 66 26.53 69.74 0.71
CA SER G 66 27.73 69.57 1.53
C SER G 66 28.19 70.80 2.31
N ASP G 67 27.82 71.99 1.84
CA ASP G 67 28.19 73.21 2.52
C ASP G 67 27.25 73.47 3.68
N ALA G 68 27.53 72.82 4.81
CA ALA G 68 26.70 72.95 5.99
C ALA G 68 27.52 72.79 7.25
N PRO G 69 27.02 73.33 8.37
CA PRO G 69 27.76 73.23 9.63
C PRO G 69 27.89 71.76 9.98
N PRO G 70 29.05 71.39 10.53
CA PRO G 70 29.40 70.02 10.93
C PRO G 70 28.35 69.36 11.79
N GLU G 71 27.69 70.13 12.65
CA GLU G 71 26.67 69.57 13.55
C GLU G 71 25.44 69.07 12.83
N THR G 72 25.24 69.53 11.60
CA THR G 72 24.07 69.10 10.82
C THR G 72 24.24 67.72 10.20
N TYR G 73 25.43 67.15 10.35
CA TYR G 73 25.70 65.80 9.85
C TYR G 73 26.50 64.96 10.85
N GLN G 74 26.43 65.32 12.11
CA GLN G 74 27.13 64.62 13.17
C GLN G 74 26.13 64.33 14.27
N ASP G 75 26.26 63.16 14.91
CA ASP G 75 25.35 62.74 15.97
C ASP G 75 23.92 62.87 15.49
N ILE G 76 23.69 62.36 14.29
CA ILE G 76 22.40 62.45 13.64
C ILE G 76 21.31 61.54 14.20
N THR G 77 20.12 62.11 14.33
CA THR G 77 18.95 61.38 14.78
C THR G 77 17.79 61.78 13.90
N GLY G 78 16.72 61.00 13.94
CA GLY G 78 15.54 61.30 13.16
C GLY G 78 14.98 62.66 13.52
N ARG G 79 14.94 62.96 14.80
CA ARG G 79 14.41 64.23 15.28
C ARG G 79 15.29 65.40 14.83
N LYS G 80 16.60 65.20 14.82
CA LYS G 80 17.53 66.24 14.41
C LYS G 80 17.31 66.59 12.94
N LEU G 81 17.14 65.56 12.11
CA LEU G 81 16.91 65.76 10.69
C LEU G 81 15.56 66.41 10.47
N ALA G 82 14.60 66.03 11.31
CA ALA G 82 13.25 66.58 11.21
C ALA G 82 13.29 68.09 11.36
N GLY G 83 14.05 68.57 12.33
CA GLY G 83 14.17 69.98 12.59
C GLY G 83 14.69 70.74 11.38
N TYR G 84 15.75 70.22 10.78
CA TYR G 84 16.33 70.84 9.60
C TYR G 84 15.33 70.84 8.45
N ILE G 85 14.67 69.72 8.24
CA ILE G 85 13.72 69.61 7.16
C ILE G 85 12.54 70.57 7.35
N ILE G 86 12.09 70.71 8.59
CA ILE G 86 10.98 71.61 8.88
C ILE G 86 11.38 73.04 8.49
N THR G 87 12.60 73.43 8.85
CA THR G 87 13.08 74.76 8.53
C THR G 87 13.09 74.95 7.01
N LEU G 88 13.59 73.94 6.30
CA LEU G 88 13.66 74.01 4.85
C LEU G 88 12.27 74.10 4.23
N LEU G 89 11.34 73.33 4.77
CA LEU G 89 9.97 73.36 4.28
C LEU G 89 9.35 74.73 4.50
N ASP G 90 9.70 75.36 5.61
CA ASP G 90 9.21 76.69 5.93
C ASP G 90 9.71 77.64 4.85
N THR G 91 11.00 77.54 4.57
CA THR G 91 11.65 78.38 3.58
C THR G 91 11.08 78.20 2.18
N LEU G 92 10.70 76.97 1.85
CA LEU G 92 10.14 76.67 0.53
C LEU G 92 8.62 76.82 0.51
N ASP G 93 8.07 77.37 1.60
CA ASP G 93 6.63 77.56 1.70
C ASP G 93 5.83 76.30 1.43
N ILE G 94 6.24 75.20 2.05
CA ILE G 94 5.53 73.94 1.93
C ILE G 94 4.87 73.76 3.29
N LYS G 95 3.55 73.87 3.32
CA LYS G 95 2.80 73.80 4.58
C LYS G 95 2.48 72.39 5.06
N ILE G 96 1.96 71.56 4.19
CA ILE G 96 1.60 70.19 4.53
C ILE G 96 1.96 69.28 3.36
N ALA G 97 2.42 68.08 3.64
CA ALA G 97 2.81 67.17 2.57
C ALA G 97 2.79 65.69 2.90
N SER G 98 2.86 64.89 1.85
CA SER G 98 2.93 63.46 1.97
C SER G 98 4.43 63.22 1.98
N VAL G 99 4.94 62.61 3.04
CA VAL G 99 6.39 62.42 3.16
C VAL G 99 6.91 60.99 3.10
N TRP G 100 7.85 60.76 2.18
CA TRP G 100 8.51 59.48 1.99
C TRP G 100 9.93 59.54 2.55
N GLY G 101 10.39 58.44 3.13
CA GLY G 101 11.73 58.36 3.65
C GLY G 101 12.20 56.94 3.93
N CYS G 102 13.43 56.64 3.51
CA CYS G 102 14.01 55.34 3.77
C CYS G 102 15.16 55.51 4.74
N ALA G 103 15.41 54.47 5.52
CA ALA G 103 16.49 54.44 6.50
C ALA G 103 16.39 55.62 7.44
N SER G 104 17.45 56.45 7.45
CA SER G 104 17.47 57.65 8.29
C SER G 104 16.37 58.59 7.82
N GLY G 105 16.03 58.50 6.55
CA GLY G 105 14.96 59.30 5.98
C GLY G 105 13.66 58.84 6.60
N ALA G 106 13.55 57.54 6.82
CA ALA G 106 12.37 56.94 7.42
C ALA G 106 12.27 57.36 8.88
N SER G 107 13.41 57.45 9.54
CA SER G 107 13.46 57.88 10.93
C SER G 107 12.95 59.30 11.03
N THR G 108 13.28 60.09 10.01
CA THR G 108 12.86 61.48 9.95
C THR G 108 11.36 61.57 9.74
N VAL G 109 10.83 60.73 8.85
CA VAL G 109 9.41 60.69 8.58
C VAL G 109 8.67 60.47 9.89
N LEU G 110 9.07 59.45 10.63
CA LEU G 110 8.45 59.12 11.90
C LEU G 110 8.56 60.28 12.88
N ALA G 111 9.71 60.94 12.88
CA ALA G 111 9.93 62.08 13.75
C ALA G 111 8.99 63.22 13.40
N LEU G 112 8.70 63.37 12.12
CA LEU G 112 7.81 64.42 11.65
C LEU G 112 6.37 64.08 12.01
N CYS G 113 6.05 62.79 11.95
CA CYS G 113 4.71 62.33 12.28
C CYS G 113 4.44 62.49 13.78
N SER G 114 5.49 62.42 14.58
CA SER G 114 5.35 62.51 16.01
C SER G 114 5.50 63.91 16.58
N ASP G 115 6.49 64.65 16.11
CA ASP G 115 6.75 65.99 16.62
C ASP G 115 6.11 67.12 15.81
N TYR G 116 5.88 66.89 14.52
CA TYR G 116 5.28 67.91 13.67
C TYR G 116 4.12 67.37 12.86
N PRO G 117 3.14 66.77 13.55
CA PRO G 117 1.96 66.16 12.92
C PRO G 117 1.18 67.09 12.01
N GLU G 118 1.22 68.38 12.28
CA GLU G 118 0.50 69.37 11.47
C GLU G 118 1.09 69.55 10.08
N ARG G 119 2.36 69.20 9.90
CA ARG G 119 3.01 69.35 8.62
C ARG G 119 2.90 68.09 7.77
N VAL G 120 2.41 67.02 8.38
CA VAL G 120 2.32 65.74 7.67
C VAL G 120 0.91 65.28 7.34
N ARG G 121 0.64 65.10 6.06
CA ARG G 121 -0.65 64.62 5.61
C ARG G 121 -0.67 63.12 5.84
N ASN G 122 0.44 62.48 5.50
CA ASN G 122 0.61 61.04 5.67
C ASN G 122 2.08 60.71 5.56
N GLY G 123 2.54 59.76 6.36
CA GLY G 123 3.92 59.34 6.37
C GLY G 123 4.12 58.01 5.68
N MET G 124 5.21 57.90 4.95
CA MET G 124 5.53 56.67 4.24
C MET G 124 6.97 56.28 4.53
N PRO G 125 7.21 55.72 5.72
CA PRO G 125 8.54 55.30 6.13
C PRO G 125 8.91 53.96 5.49
N HIS G 126 10.17 53.80 5.14
CA HIS G 126 10.64 52.57 4.52
C HIS G 126 11.92 52.11 5.17
N GLU G 127 11.90 50.89 5.69
CA GLU G 127 13.04 50.30 6.35
C GLU G 127 13.67 51.22 7.39
N VAL G 128 12.95 51.39 8.50
CA VAL G 128 13.41 52.22 9.60
C VAL G 128 14.45 51.45 10.39
N PRO G 129 15.64 52.03 10.56
CA PRO G 129 16.70 51.37 11.32
C PRO G 129 16.42 51.34 12.82
N THR G 130 16.40 50.15 13.41
CA THR G 130 16.13 50.02 14.83
C THR G 130 17.24 49.24 15.53
N GLU G 131 18.03 48.54 14.75
CA GLU G 131 19.10 47.74 15.30
C GLU G 131 20.42 48.14 14.68
N ASN G 132 21.45 48.11 15.50
CA ASN G 132 22.77 48.44 15.01
C ASN G 132 23.34 47.12 14.48
N PRO G 133 23.21 46.90 13.17
CA PRO G 133 23.65 45.69 12.46
C PRO G 133 25.14 45.39 12.59
N ASP G 134 25.52 44.19 12.14
CA ASP G 134 26.89 43.68 12.24
C ASP G 134 27.91 44.29 11.31
N ILE G 135 27.60 44.37 10.02
CA ILE G 135 28.53 44.93 9.06
C ILE G 135 28.81 46.42 9.25
N LEU G 136 28.01 47.09 10.07
CA LEU G 136 28.19 48.51 10.29
C LEU G 136 28.76 48.86 11.65
N LEU G 137 28.99 47.85 12.47
CA LEU G 137 29.49 48.05 13.83
C LEU G 137 30.75 48.89 13.96
N HIS G 138 31.70 48.73 13.04
CA HIS G 138 32.95 49.48 13.10
C HIS G 138 33.25 50.34 11.88
N ILE G 139 32.22 50.63 11.09
CA ILE G 139 32.39 51.43 9.88
C ILE G 139 32.91 52.84 10.13
N HIS G 140 32.60 53.40 11.29
CA HIS G 140 33.02 54.74 11.63
C HIS G 140 34.48 54.81 12.08
N GLU G 141 35.11 53.66 12.25
CA GLU G 141 36.49 53.57 12.76
C GLU G 141 37.60 53.41 11.72
N VAL G 142 37.28 52.91 10.55
CA VAL G 142 38.28 52.68 9.54
C VAL G 142 38.53 53.90 8.66
N ASP G 143 39.59 53.83 7.86
CA ASP G 143 39.98 54.90 6.95
C ASP G 143 38.90 55.21 5.92
N PRO G 144 38.81 56.49 5.52
CA PRO G 144 37.86 56.99 4.52
C PRO G 144 37.82 56.13 3.27
N ALA G 145 38.97 55.72 2.76
CA ALA G 145 39.02 54.88 1.57
C ALA G 145 38.31 53.56 1.82
N THR G 146 38.49 53.02 3.01
CA THR G 146 37.86 51.76 3.36
C THR G 146 36.36 51.94 3.51
N ILE G 147 35.98 53.01 4.19
CA ILE G 147 34.57 53.30 4.41
C ILE G 147 33.87 53.38 3.06
N SER G 148 34.40 54.21 2.18
CA SER G 148 33.84 54.39 0.85
C SER G 148 33.71 53.08 0.09
N GLN G 149 34.75 52.26 0.13
CA GLN G 149 34.72 50.99 -0.56
C GLN G 149 33.68 50.04 0.03
N GLU G 150 33.74 49.84 1.33
CA GLU G 150 32.81 48.96 2.01
C GLU G 150 31.36 49.41 1.85
N MET G 151 31.10 50.67 2.14
CA MET G 151 29.74 51.22 2.04
C MET G 151 29.22 51.24 0.61
N ALA G 152 30.10 51.46 -0.36
CA ALA G 152 29.66 51.46 -1.75
C ALA G 152 29.15 50.07 -2.07
N ALA G 153 29.89 49.06 -1.66
CA ALA G 153 29.53 47.66 -1.88
C ALA G 153 28.27 47.29 -1.11
N ASN G 154 28.17 47.74 0.13
CA ASN G 154 27.00 47.44 0.95
C ASN G 154 25.76 48.04 0.33
N SER G 155 25.87 49.30 -0.10
CA SER G 155 24.76 49.99 -0.71
C SER G 155 24.32 49.29 -1.99
N ARG G 156 25.28 48.95 -2.84
CA ARG G 156 25.01 48.28 -4.10
C ARG G 156 24.36 46.92 -3.86
N ALA G 157 24.78 46.25 -2.80
CA ALA G 157 24.23 44.95 -2.47
C ALA G 157 22.79 45.07 -1.96
N ALA G 158 22.43 46.25 -1.49
CA ALA G 158 21.09 46.52 -0.98
C ALA G 158 20.29 47.37 -1.96
N SER G 159 20.81 47.52 -3.16
CA SER G 159 20.18 48.34 -4.17
C SER G 159 18.85 47.80 -4.72
N GLY G 160 18.74 46.49 -4.80
CA GLY G 160 17.54 45.87 -5.32
C GLY G 160 17.60 45.67 -6.83
N ASN G 161 18.61 46.27 -7.45
CA ASN G 161 18.86 46.19 -8.88
C ASN G 161 20.21 46.83 -9.13
N VAL G 162 21.25 46.01 -9.18
CA VAL G 162 22.61 46.54 -9.38
C VAL G 162 22.82 47.27 -10.70
N GLU G 163 22.12 46.84 -11.75
CA GLU G 163 22.26 47.50 -13.04
C GLU G 163 21.72 48.92 -12.95
N ALA G 164 20.55 49.07 -12.37
CA ALA G 164 19.96 50.38 -12.20
C ALA G 164 20.81 51.23 -11.26
N TRP G 165 21.34 50.59 -10.22
CA TRP G 165 22.18 51.26 -9.25
C TRP G 165 23.40 51.83 -9.94
N ASP G 166 24.11 50.97 -10.66
CA ASP G 166 25.30 51.34 -11.42
C ASP G 166 24.96 52.44 -12.40
N ALA G 167 23.80 52.28 -13.03
CA ALA G 167 23.26 53.19 -14.05
C ALA G 167 22.84 54.55 -13.52
N LEU G 168 23.08 54.80 -12.24
CA LEU G 168 22.81 56.10 -11.66
C LEU G 168 23.82 57.09 -12.26
N GLY G 169 24.95 56.56 -12.72
CA GLY G 169 25.97 57.38 -13.35
C GLY G 169 27.21 57.69 -12.53
N PRO G 170 28.31 57.99 -13.21
CA PRO G 170 29.60 58.31 -12.57
C PRO G 170 29.53 59.56 -11.70
N GLU G 171 28.76 60.55 -12.11
CA GLU G 171 28.64 61.77 -11.32
C GLU G 171 28.04 61.47 -9.95
N VAL G 172 26.94 60.73 -9.95
CA VAL G 172 26.27 60.37 -8.71
C VAL G 172 27.18 59.56 -7.78
N HIS G 173 27.80 58.52 -8.34
CA HIS G 173 28.68 57.67 -7.56
C HIS G 173 29.91 58.40 -7.04
N ALA G 174 30.37 59.40 -7.77
CA ALA G 174 31.50 60.18 -7.32
C ALA G 174 31.05 60.95 -6.08
N ARG G 175 29.84 61.49 -6.12
CA ARG G 175 29.29 62.22 -4.99
C ARG G 175 29.10 61.28 -3.80
N LEU G 176 28.56 60.10 -4.07
CA LEU G 176 28.33 59.09 -3.04
C LEU G 176 29.65 58.71 -2.37
N HIS G 177 30.69 58.63 -3.17
CA HIS G 177 32.02 58.29 -2.69
C HIS G 177 32.39 59.20 -1.53
N ASP G 178 32.25 60.49 -1.73
CA ASP G 178 32.57 61.47 -0.70
C ASP G 178 31.62 61.48 0.49
N ASN G 179 30.39 61.04 0.27
CA ASN G 179 29.39 61.00 1.33
C ASN G 179 29.59 59.87 2.33
N TYR G 180 30.07 58.73 1.85
CA TYR G 180 30.23 57.54 2.70
C TYR G 180 30.89 57.77 4.05
N PRO G 181 32.09 58.37 4.06
CA PRO G 181 32.76 58.60 5.33
C PRO G 181 31.93 59.51 6.23
N ARG G 182 31.41 60.58 5.66
CA ARG G 182 30.59 61.51 6.41
C ARG G 182 29.38 60.81 7.01
N TRP G 183 28.75 59.94 6.23
CA TRP G 183 27.61 59.20 6.71
C TRP G 183 28.03 58.30 7.86
N ALA G 184 29.11 57.58 7.65
CA ALA G 184 29.63 56.66 8.64
C ALA G 184 29.89 57.32 9.99
N TYR G 185 30.48 58.50 9.98
CA TYR G 185 30.80 59.19 11.22
C TYR G 185 29.58 59.69 12.01
N GLY G 186 28.54 60.12 11.32
CA GLY G 186 27.39 60.65 12.02
C GLY G 186 26.05 59.96 11.97
N TYR G 187 25.94 58.83 11.28
CA TYR G 187 24.66 58.16 11.16
C TYR G 187 24.43 56.81 11.84
N PRO G 188 25.21 55.79 11.48
CA PRO G 188 25.01 54.43 12.01
C PRO G 188 24.95 54.32 13.53
N ARG G 189 25.80 55.03 14.24
CA ARG G 189 25.80 54.91 15.70
C ARG G 189 24.57 55.50 16.37
N THR G 190 24.14 56.66 15.93
CA THR G 190 23.03 57.37 16.56
C THR G 190 21.63 57.24 15.97
N ILE G 191 21.52 56.89 14.70
CA ILE G 191 20.21 56.78 14.07
C ILE G 191 19.28 55.72 14.68
N PRO G 192 19.74 54.46 14.77
CA PRO G 192 18.96 53.33 15.27
C PRO G 192 18.34 53.54 16.66
N PRO G 193 19.14 53.96 17.64
CA PRO G 193 18.63 54.19 18.99
C PRO G 193 17.63 55.33 19.05
N SER G 194 17.67 56.22 18.06
CA SER G 194 16.79 57.37 17.98
C SER G 194 15.44 57.11 17.32
N ALA G 195 15.28 55.91 16.78
CA ALA G 195 14.06 55.54 16.09
C ALA G 195 12.81 55.92 16.86
N PRO G 196 12.01 56.85 16.30
CA PRO G 196 10.76 57.25 16.94
C PRO G 196 9.69 56.21 16.70
N VAL G 197 9.82 55.06 17.33
CA VAL G 197 8.86 53.97 17.14
C VAL G 197 8.06 53.64 18.39
N LYS G 198 7.92 54.62 19.27
CA LYS G 198 7.14 54.43 20.48
C LYS G 198 5.67 54.58 20.10
N THR G 199 4.80 54.03 20.92
CA THR G 199 3.38 54.10 20.64
C THR G 199 2.92 55.53 20.45
N GLU G 200 3.48 56.43 21.26
CA GLU G 200 3.12 57.84 21.19
C GLU G 200 3.62 58.53 19.92
N ASP G 201 4.53 57.87 19.21
CA ASP G 201 5.09 58.43 17.99
C ASP G 201 4.31 58.08 16.74
N LEU G 202 3.56 56.99 16.78
CA LEU G 202 2.90 56.52 15.56
C LEU G 202 1.40 56.68 15.37
N HIS G 203 0.73 57.51 16.17
CA HIS G 203 -0.71 57.62 16.00
C HIS G 203 -1.29 59.01 15.86
N LYS G 204 -0.49 59.96 15.43
CA LYS G 204 -0.95 61.32 15.24
C LYS G 204 -1.44 61.55 13.82
N VAL G 205 -0.80 60.89 12.87
CA VAL G 205 -1.16 61.01 11.46
C VAL G 205 -1.11 59.65 10.79
N PRO G 206 -1.73 59.54 9.60
CA PRO G 206 -1.72 58.27 8.88
C PRO G 206 -0.30 57.82 8.51
N ILE G 207 -0.05 56.53 8.58
CA ILE G 207 1.26 55.99 8.26
C ILE G 207 1.15 54.68 7.48
N ASP G 208 1.87 54.62 6.37
CA ASP G 208 1.89 53.44 5.53
C ASP G 208 3.36 53.02 5.45
N TRP G 209 3.68 52.00 6.24
CA TRP G 209 5.03 51.47 6.39
C TRP G 209 5.39 50.40 5.37
N THR G 210 6.61 50.47 4.85
CA THR G 210 7.08 49.48 3.89
C THR G 210 8.47 48.94 4.19
N VAL G 211 8.75 47.78 3.63
CA VAL G 211 10.02 47.09 3.76
C VAL G 211 10.25 46.42 2.40
N GLY G 212 11.49 46.36 1.96
CA GLY G 212 11.80 45.76 0.68
C GLY G 212 11.40 44.30 0.58
N ALA G 213 10.75 43.95 -0.52
CA ALA G 213 10.32 42.58 -0.76
C ALA G 213 11.47 41.59 -0.86
N SER G 214 12.60 42.05 -1.39
CA SER G 214 13.76 41.20 -1.54
C SER G 214 14.79 41.34 -0.43
N THR G 215 14.55 42.29 0.47
CA THR G 215 15.43 42.50 1.60
C THR G 215 15.41 41.26 2.47
N PRO G 216 16.59 40.78 2.89
CA PRO G 216 16.63 39.62 3.77
C PRO G 216 15.75 39.89 4.98
N THR G 217 14.91 38.92 5.31
CA THR G 217 13.96 39.03 6.41
C THR G 217 14.51 39.62 7.70
N LYS G 218 15.67 39.15 8.12
CA LYS G 218 16.29 39.62 9.36
C LYS G 218 16.59 41.12 9.41
N LEU G 219 17.01 41.68 8.29
CA LEU G 219 17.41 43.08 8.22
C LEU G 219 16.45 44.06 8.88
N PHE G 220 15.20 44.07 8.45
CA PHE G 220 14.22 44.98 9.01
C PHE G 220 13.03 44.24 9.59
N PHE G 221 13.34 43.07 10.14
CA PHE G 221 12.37 42.20 10.78
C PHE G 221 11.59 42.94 11.85
N GLU G 222 12.29 43.75 12.64
CA GLU G 222 11.66 44.51 13.72
C GLU G 222 10.63 45.53 13.22
N ASN G 223 10.81 46.01 11.99
CA ASN G 223 9.88 46.96 11.41
C ASN G 223 8.48 46.35 11.31
N ILE G 224 8.42 45.14 10.78
CA ILE G 224 7.16 44.44 10.61
C ILE G 224 6.49 44.16 11.96
N VAL G 225 7.27 43.71 12.92
CA VAL G 225 6.75 43.41 14.25
C VAL G 225 6.15 44.64 14.89
N ILE G 226 6.90 45.74 14.90
CA ILE G 226 6.42 46.98 15.49
C ILE G 226 5.15 47.48 14.82
N ALA G 227 5.13 47.51 13.50
CA ALA G 227 3.96 47.97 12.79
C ALA G 227 2.77 47.07 13.09
N ALA G 228 2.99 45.77 13.02
CA ALA G 228 1.95 44.80 13.29
C ALA G 228 1.35 44.98 14.68
N ARG G 229 2.21 45.14 15.68
CA ARG G 229 1.76 45.32 17.05
C ARG G 229 1.00 46.62 17.24
N GLU G 230 1.41 47.64 16.49
CA GLU G 230 0.78 48.96 16.60
C GLU G 230 -0.43 49.15 15.70
N GLY G 231 -0.71 48.19 14.84
CA GLY G 231 -1.85 48.30 13.95
C GLY G 231 -1.61 49.30 12.84
N ILE G 232 -0.36 49.41 12.40
CA ILE G 232 -0.01 50.33 11.33
C ILE G 232 0.10 49.55 10.03
N ASN G 233 -0.44 50.12 8.95
CA ASN G 233 -0.38 49.48 7.65
C ASN G 233 1.07 49.17 7.33
N ILE G 234 1.34 47.92 6.99
CA ILE G 234 2.69 47.49 6.67
C ILE G 234 2.65 46.58 5.46
N GLY G 235 3.54 46.85 4.50
CA GLY G 235 3.61 46.05 3.30
C GLY G 235 5.00 46.07 2.70
N THR G 236 5.14 45.45 1.53
CA THR G 236 6.42 45.44 0.88
C THR G 236 6.38 46.18 -0.44
N LEU G 237 7.55 46.56 -0.89
CA LEU G 237 7.72 47.22 -2.16
C LEU G 237 8.81 46.41 -2.87
N PRO G 238 8.71 46.31 -4.20
CA PRO G 238 9.72 45.54 -4.92
C PRO G 238 11.11 46.08 -4.63
N GLY G 239 12.11 45.23 -4.66
CA GLY G 239 13.46 45.66 -4.41
C GLY G 239 13.90 45.51 -2.97
N ASN G 240 14.88 46.32 -2.60
CA ASN G 240 15.44 46.28 -1.25
C ASN G 240 15.39 47.62 -0.52
N HIS G 241 16.54 48.27 -0.40
CA HIS G 241 16.68 49.52 0.32
C HIS G 241 16.39 50.77 -0.52
N PHE G 242 16.45 50.62 -1.83
CA PHE G 242 16.25 51.74 -2.71
C PHE G 242 15.20 51.47 -3.78
N PRO G 243 13.93 51.35 -3.37
CA PRO G 243 12.84 51.08 -4.30
C PRO G 243 12.68 52.18 -5.34
N TYR G 244 13.12 53.39 -4.99
CA TYR G 244 13.06 54.51 -5.92
C TYR G 244 14.08 54.41 -7.05
N VAL G 245 15.10 53.57 -6.86
CA VAL G 245 16.12 53.38 -7.87
C VAL G 245 15.86 52.09 -8.63
N SER G 246 15.58 51.03 -7.90
CA SER G 246 15.36 49.73 -8.49
C SER G 246 14.05 49.61 -9.27
N HIS G 247 12.96 50.12 -8.71
CA HIS G 247 11.66 50.03 -9.36
C HIS G 247 10.94 51.37 -9.33
N PRO G 248 11.46 52.35 -10.09
CA PRO G 248 10.90 53.70 -10.14
C PRO G 248 9.41 53.74 -10.46
N GLU G 249 8.97 52.94 -11.42
CA GLU G 249 7.55 52.92 -11.79
C GLU G 249 6.69 52.49 -10.62
N GLU G 250 6.98 51.32 -10.06
CA GLU G 250 6.22 50.81 -8.92
C GLU G 250 6.32 51.73 -7.72
N PHE G 251 7.50 52.32 -7.50
CA PHE G 251 7.69 53.23 -6.39
C PHE G 251 6.75 54.43 -6.51
N ALA G 252 6.73 55.04 -7.69
CA ALA G 252 5.89 56.20 -7.97
C ALA G 252 4.43 55.86 -7.78
N LYS G 253 4.04 54.70 -8.27
CA LYS G 253 2.67 54.23 -8.18
C LYS G 253 2.26 54.11 -6.72
N TYR G 254 3.16 53.64 -5.89
CA TYR G 254 2.88 53.47 -4.47
C TYR G 254 2.69 54.83 -3.79
N VAL G 255 3.63 55.73 -4.02
CA VAL G 255 3.54 57.06 -3.42
C VAL G 255 2.27 57.77 -3.86
N VAL G 256 1.96 57.71 -5.14
CA VAL G 256 0.76 58.36 -5.67
C VAL G 256 -0.51 57.77 -5.08
N GLU G 257 -0.66 56.46 -5.17
CA GLU G 257 -1.86 55.80 -4.66
C GLU G 257 -1.99 55.96 -3.16
N THR G 258 -0.89 55.82 -2.43
CA THR G 258 -0.92 55.95 -0.99
C THR G 258 -1.34 57.34 -0.56
N SER G 259 -0.76 58.35 -1.20
CA SER G 259 -1.05 59.74 -0.87
C SER G 259 -2.43 60.17 -1.30
N ARG G 260 -2.91 59.57 -2.39
CA ARG G 260 -4.21 59.91 -2.95
C ARG G 260 -5.36 59.57 -2.03
N LYS G 261 -5.16 58.58 -1.15
CA LYS G 261 -6.21 58.17 -0.25
C LYS G 261 -6.38 59.08 0.97
N TYR G 262 -5.53 60.08 1.09
CA TYR G 262 -5.60 61.00 2.22
C TYR G 262 -5.90 62.43 1.77
N LEU G 263 -6.17 62.60 0.49
CA LEU G 263 -6.48 63.92 -0.04
C LEU G 263 -7.95 64.27 0.13
N THR H 2 10.43 26.46 -39.63
CA THR H 2 9.51 26.29 -40.74
C THR H 2 9.82 25.01 -41.52
N ARG H 3 8.97 24.01 -41.34
CA ARG H 3 9.16 22.73 -42.00
C ARG H 3 8.47 22.66 -43.36
N THR H 4 9.23 22.31 -44.38
CA THR H 4 8.68 22.17 -45.70
C THR H 4 8.47 20.69 -46.00
N ARG H 5 7.38 20.39 -46.68
CA ARG H 5 7.05 19.01 -47.04
C ARG H 5 6.60 18.99 -48.49
N GLY H 6 6.93 17.91 -49.20
CA GLY H 6 6.56 17.80 -50.58
C GLY H 6 7.20 16.61 -51.28
N TYR H 7 7.20 16.65 -52.60
CA TYR H 7 7.77 15.56 -53.39
C TYR H 7 8.84 16.01 -54.38
N VAL H 8 9.61 15.05 -54.85
CA VAL H 8 10.66 15.27 -55.83
C VAL H 8 10.93 13.96 -56.53
N THR H 9 10.93 13.99 -57.84
CA THR H 9 11.17 12.80 -58.64
C THR H 9 12.60 12.82 -59.13
N THR H 10 13.35 11.80 -58.79
CA THR H 10 14.75 11.75 -59.17
C THR H 10 14.87 11.10 -60.53
N LYS H 11 16.08 11.13 -61.09
CA LYS H 11 16.33 10.56 -62.40
C LYS H 11 16.19 9.05 -62.44
N ASP H 12 16.10 8.42 -61.27
CA ASP H 12 15.97 6.98 -61.21
C ASP H 12 14.49 6.58 -61.17
N GLY H 13 13.61 7.56 -61.28
CA GLY H 13 12.18 7.30 -61.29
C GLY H 13 11.51 7.24 -59.93
N ILE H 14 12.22 7.63 -58.88
CA ILE H 14 11.65 7.60 -57.55
C ILE H 14 10.94 8.90 -57.23
N LYS H 15 9.68 8.82 -56.86
CA LYS H 15 8.93 10.00 -56.47
C LYS H 15 9.04 10.10 -54.95
N TRP H 16 10.13 10.72 -54.50
CA TRP H 16 10.41 10.87 -53.09
C TRP H 16 9.51 11.81 -52.33
N TYR H 17 9.13 11.41 -51.12
CA TYR H 17 8.39 12.31 -50.26
C TYR H 17 9.44 12.70 -49.26
N TYR H 18 9.71 13.99 -49.14
CA TYR H 18 10.74 14.44 -48.21
C TYR H 18 10.33 15.68 -47.43
N GLU H 19 10.96 15.85 -46.28
CA GLU H 19 10.70 16.98 -45.41
C GLU H 19 12.01 17.65 -45.06
N GLN H 20 11.96 18.96 -44.88
CA GLN H 20 13.16 19.72 -44.54
C GLN H 20 12.83 20.81 -43.55
N GLU H 21 13.82 21.15 -42.72
CA GLU H 21 13.66 22.21 -41.74
C GLU H 21 15.02 22.73 -41.29
N GLY H 22 15.10 24.04 -41.08
CA GLY H 22 16.32 24.65 -40.61
C GLY H 22 17.29 25.11 -41.67
N SER H 23 18.37 25.72 -41.20
CA SER H 23 19.41 26.21 -42.08
C SER H 23 20.77 26.04 -41.40
N GLY H 24 21.79 25.82 -42.21
CA GLY H 24 23.13 25.62 -41.71
C GLY H 24 23.66 24.32 -42.28
N PRO H 25 24.64 23.71 -41.62
CA PRO H 25 25.21 22.45 -42.11
C PRO H 25 24.12 21.40 -42.22
N ASP H 26 24.25 20.52 -43.21
CA ASP H 26 23.25 19.49 -43.46
C ASP H 26 23.30 18.25 -42.57
N VAL H 27 22.13 17.86 -42.09
CA VAL H 27 21.99 16.65 -41.32
C VAL H 27 20.91 15.87 -42.03
N VAL H 28 21.18 14.60 -42.31
CA VAL H 28 20.23 13.75 -43.01
C VAL H 28 19.80 12.60 -42.12
N LEU H 29 18.50 12.48 -41.93
CA LEU H 29 17.94 11.43 -41.10
C LEU H 29 17.34 10.33 -41.95
N ILE H 30 18.10 9.26 -42.12
CA ILE H 30 17.65 8.15 -42.91
C ILE H 30 16.82 7.26 -42.02
N PRO H 31 15.58 7.02 -42.41
CA PRO H 31 14.73 6.16 -41.60
C PRO H 31 15.25 4.74 -41.57
N ASP H 32 14.62 3.93 -40.73
CA ASP H 32 14.96 2.53 -40.62
C ASP H 32 14.24 1.77 -41.73
N GLY H 33 14.25 0.45 -41.63
CA GLY H 33 13.65 -0.45 -42.60
C GLY H 33 12.22 -0.12 -42.99
N LEU H 34 11.44 0.38 -42.03
CA LEU H 34 10.04 0.72 -42.27
C LEU H 34 9.88 1.95 -43.17
N GLY H 35 10.96 2.70 -43.35
CA GLY H 35 10.99 3.87 -44.20
C GLY H 35 9.95 4.95 -43.95
N GLU H 36 9.55 5.11 -42.69
CA GLU H 36 8.55 6.10 -42.31
C GLU H 36 9.23 7.29 -41.63
N CYS H 37 9.32 8.39 -42.36
CA CYS H 37 9.98 9.59 -41.86
C CYS H 37 9.22 10.47 -40.86
N GLN H 38 7.95 10.16 -40.63
CA GLN H 38 7.16 10.92 -39.65
C GLN H 38 7.63 10.61 -38.24
N MET H 39 8.41 9.54 -38.12
CA MET H 39 8.98 9.13 -36.84
C MET H 39 10.05 10.13 -36.40
N PHE H 40 10.53 10.92 -37.34
CA PHE H 40 11.57 11.91 -37.08
C PHE H 40 11.01 13.31 -36.80
N ASP H 41 9.71 13.47 -36.97
CA ASP H 41 9.04 14.75 -36.78
C ASP H 41 9.51 15.55 -35.56
N LYS H 42 9.39 14.95 -34.38
CA LYS H 42 9.77 15.61 -33.14
C LYS H 42 11.24 16.00 -33.05
N PRO H 43 12.15 15.02 -33.17
CA PRO H 43 13.58 15.35 -33.08
C PRO H 43 14.04 16.27 -34.20
N MET H 44 13.40 16.17 -35.36
CA MET H 44 13.75 17.01 -36.50
C MET H 44 13.69 18.48 -36.14
N SER H 45 12.61 18.88 -35.49
CA SER H 45 12.44 20.27 -35.07
C SER H 45 13.53 20.66 -34.09
N LEU H 46 13.81 19.78 -33.14
CA LEU H 46 14.82 20.05 -32.13
C LEU H 46 16.20 20.22 -32.75
N ILE H 47 16.57 19.32 -33.65
CA ILE H 47 17.86 19.39 -34.32
C ILE H 47 17.96 20.66 -35.16
N ALA H 48 16.90 20.92 -35.92
CA ALA H 48 16.82 22.08 -36.81
C ALA H 48 16.99 23.37 -36.05
N SER H 49 16.49 23.42 -34.82
CA SER H 49 16.57 24.61 -34.01
C SER H 49 17.96 24.83 -33.41
N ASN H 50 18.86 23.89 -33.63
CA ASN H 50 20.22 23.99 -33.11
C ASN H 50 21.22 24.34 -34.20
N GLY H 51 20.76 25.03 -35.23
CA GLY H 51 21.63 25.47 -36.31
C GLY H 51 21.96 24.51 -37.43
N PHE H 52 21.06 23.59 -37.73
CA PHE H 52 21.30 22.63 -38.80
C PHE H 52 20.14 22.60 -39.76
N ARG H 53 20.41 22.24 -41.01
CA ARG H 53 19.36 22.09 -41.98
C ARG H 53 19.13 20.59 -42.00
N VAL H 54 17.95 20.17 -41.58
CA VAL H 54 17.66 18.75 -41.51
C VAL H 54 16.79 18.28 -42.66
N THR H 55 17.16 17.12 -43.19
CA THR H 55 16.42 16.53 -44.28
C THR H 55 16.11 15.08 -43.97
N THR H 56 14.85 14.71 -44.18
CA THR H 56 14.40 13.34 -43.99
C THR H 56 13.39 13.03 -45.09
N PHE H 57 13.08 11.75 -45.25
CA PHE H 57 12.20 11.32 -46.32
C PHE H 57 11.77 9.88 -46.14
N ASP H 58 10.64 9.51 -46.74
CA ASP H 58 10.18 8.14 -46.69
C ASP H 58 11.07 7.38 -47.65
N MET H 59 11.37 6.13 -47.34
CA MET H 59 12.23 5.34 -48.20
C MET H 59 11.50 4.82 -49.43
N PRO H 60 12.24 4.60 -50.52
CA PRO H 60 11.73 4.16 -51.82
C PRO H 60 10.77 3.00 -51.71
N GLY H 61 9.55 3.22 -52.19
CA GLY H 61 8.53 2.19 -52.14
C GLY H 61 7.76 2.17 -50.84
N MET H 62 8.23 2.94 -49.86
CA MET H 62 7.59 2.98 -48.56
C MET H 62 6.78 4.24 -48.32
N SER H 63 5.71 4.08 -47.56
CA SER H 63 4.82 5.18 -47.20
C SER H 63 4.51 6.11 -48.36
N ARG H 64 4.82 7.39 -48.18
CA ARG H 64 4.52 8.39 -49.19
C ARG H 64 5.48 8.40 -50.36
N SER H 65 6.55 7.62 -50.26
CA SER H 65 7.53 7.51 -51.33
C SER H 65 7.26 6.23 -52.12
N SER H 66 6.03 5.75 -52.05
CA SER H 66 5.62 4.50 -52.69
C SER H 66 5.67 4.47 -54.22
N ASP H 67 5.63 5.62 -54.87
CA ASP H 67 5.68 5.63 -56.33
C ASP H 67 7.12 5.55 -56.79
N ALA H 68 7.65 4.34 -56.86
CA ALA H 68 9.02 4.10 -57.27
C ALA H 68 9.18 2.76 -57.97
N PRO H 69 10.21 2.64 -58.81
CA PRO H 69 10.49 1.39 -59.53
C PRO H 69 10.72 0.29 -58.51
N PRO H 70 10.25 -0.92 -58.84
CA PRO H 70 10.33 -2.13 -58.01
C PRO H 70 11.74 -2.50 -57.60
N GLU H 71 12.72 -2.08 -58.40
CA GLU H 71 14.11 -2.39 -58.09
C GLU H 71 14.60 -1.57 -56.90
N THR H 72 13.90 -0.48 -56.60
CA THR H 72 14.28 0.38 -55.50
C THR H 72 13.85 -0.14 -54.12
N TYR H 73 13.03 -1.18 -54.10
CA TYR H 73 12.61 -1.75 -52.83
C TYR H 73 12.67 -3.28 -52.83
N GLN H 74 13.51 -3.81 -53.71
CA GLN H 74 13.69 -5.26 -53.83
C GLN H 74 15.19 -5.52 -53.90
N ASP H 75 15.63 -6.62 -53.28
CA ASP H 75 17.05 -6.97 -53.25
C ASP H 75 17.83 -5.81 -52.68
N ILE H 76 17.31 -5.25 -51.59
CA ILE H 76 17.88 -4.09 -50.94
C ILE H 76 19.19 -4.34 -50.18
N THR H 77 20.13 -3.43 -50.39
CA THR H 77 21.40 -3.47 -49.72
C THR H 77 21.74 -2.05 -49.31
N GLY H 78 22.69 -1.91 -48.39
CA GLY H 78 23.09 -0.58 -47.95
C GLY H 78 23.60 0.22 -49.12
N ARG H 79 24.39 -0.42 -49.97
CA ARG H 79 24.98 0.25 -51.13
C ARG H 79 23.93 0.69 -52.14
N LYS H 80 22.90 -0.13 -52.33
CA LYS H 80 21.84 0.23 -53.26
C LYS H 80 21.11 1.47 -52.76
N LEU H 81 20.78 1.46 -51.47
CA LEU H 81 20.09 2.58 -50.86
C LEU H 81 20.93 3.83 -50.95
N ALA H 82 22.23 3.69 -50.69
CA ALA H 82 23.14 4.83 -50.74
C ALA H 82 23.11 5.50 -52.11
N GLY H 83 23.08 4.69 -53.15
CA GLY H 83 23.05 5.20 -54.51
C GLY H 83 21.86 6.11 -54.68
N TYR H 84 20.68 5.63 -54.29
CA TYR H 84 19.46 6.40 -54.38
C TYR H 84 19.57 7.68 -53.57
N ILE H 85 20.04 7.57 -52.34
CA ILE H 85 20.18 8.73 -51.47
C ILE H 85 21.07 9.78 -52.10
N ILE H 86 22.20 9.34 -52.65
CA ILE H 86 23.14 10.27 -53.27
C ILE H 86 22.47 11.03 -54.40
N THR H 87 21.64 10.34 -55.18
CA THR H 87 20.93 10.96 -56.28
C THR H 87 20.02 12.02 -55.71
N LEU H 88 19.32 11.67 -54.62
CA LEU H 88 18.41 12.59 -53.97
C LEU H 88 19.15 13.80 -53.43
N LEU H 89 20.28 13.56 -52.78
CA LEU H 89 21.08 14.63 -52.22
C LEU H 89 21.55 15.58 -53.32
N ASP H 90 21.92 15.01 -54.46
CA ASP H 90 22.38 15.77 -55.61
C ASP H 90 21.27 16.70 -56.04
N THR H 91 20.08 16.12 -56.21
CA THR H 91 18.88 16.84 -56.60
C THR H 91 18.51 17.94 -55.63
N LEU H 92 18.73 17.69 -54.34
CA LEU H 92 18.40 18.63 -53.28
C LEU H 92 19.53 19.60 -52.96
N ASP H 93 20.59 19.54 -53.77
CA ASP H 93 21.72 20.42 -53.59
C ASP H 93 22.43 20.28 -52.25
N ILE H 94 22.49 19.07 -51.72
CA ILE H 94 23.17 18.83 -50.47
C ILE H 94 24.54 18.22 -50.79
N LYS H 95 25.59 18.99 -50.61
CA LYS H 95 26.93 18.55 -50.92
C LYS H 95 27.52 17.55 -49.92
N ILE H 96 27.50 17.91 -48.65
CA ILE H 96 28.03 17.05 -47.60
C ILE H 96 27.10 17.10 -46.39
N ALA H 97 27.00 16.01 -45.66
CA ALA H 97 26.11 15.98 -44.52
C ALA H 97 26.50 15.00 -43.42
N SER H 98 25.92 15.23 -42.25
CA SER H 98 26.09 14.35 -41.11
C SER H 98 24.90 13.42 -41.33
N VAL H 99 25.15 12.13 -41.42
CA VAL H 99 24.08 11.18 -41.70
C VAL H 99 23.77 10.15 -40.62
N TRP H 100 22.50 10.10 -40.23
CA TRP H 100 22.02 9.16 -39.22
C TRP H 100 21.20 8.04 -39.88
N GLY H 101 21.28 6.84 -39.34
CA GLY H 101 20.49 5.73 -39.85
C GLY H 101 20.46 4.52 -38.96
N CYS H 102 19.28 3.94 -38.80
CA CYS H 102 19.13 2.73 -37.99
C CYS H 102 18.78 1.59 -38.91
N ALA H 103 19.14 0.38 -38.49
CA ALA H 103 18.87 -0.85 -39.21
C ALA H 103 19.41 -0.76 -40.62
N SER H 104 18.51 -0.92 -41.60
CA SER H 104 18.89 -0.81 -43.01
C SER H 104 19.37 0.61 -43.27
N GLY H 105 18.90 1.54 -42.48
CA GLY H 105 19.31 2.92 -42.61
C GLY H 105 20.75 3.06 -42.18
N ALA H 106 21.14 2.22 -41.22
CA ALA H 106 22.51 2.22 -40.70
C ALA H 106 23.44 1.57 -41.71
N SER H 107 22.93 0.57 -42.43
CA SER H 107 23.71 -0.09 -43.46
C SER H 107 24.00 0.92 -44.55
N THR H 108 23.03 1.78 -44.82
CA THR H 108 23.14 2.82 -45.82
C THR H 108 24.19 3.85 -45.39
N VAL H 109 24.20 4.17 -44.11
CA VAL H 109 25.14 5.13 -43.58
C VAL H 109 26.56 4.62 -43.81
N LEU H 110 26.75 3.34 -43.57
CA LEU H 110 28.05 2.70 -43.73
C LEU H 110 28.46 2.66 -45.20
N ALA H 111 27.51 2.44 -46.08
CA ALA H 111 27.79 2.42 -47.51
C ALA H 111 28.24 3.79 -47.93
N LEU H 112 27.54 4.81 -47.46
CA LEU H 112 27.88 6.18 -47.78
C LEU H 112 29.26 6.54 -47.28
N CYS H 113 29.60 6.07 -46.09
CA CYS H 113 30.90 6.35 -45.49
C CYS H 113 32.01 5.70 -46.28
N SER H 114 31.74 4.52 -46.80
CA SER H 114 32.73 3.76 -47.54
C SER H 114 32.85 4.12 -49.01
N ASP H 115 31.71 4.30 -49.68
CA ASP H 115 31.69 4.60 -51.11
C ASP H 115 31.58 6.06 -51.50
N TYR H 116 31.10 6.90 -50.60
CA TYR H 116 30.94 8.30 -50.89
C TYR H 116 31.43 9.16 -49.75
N PRO H 117 32.66 8.91 -49.30
CA PRO H 117 33.29 9.61 -48.17
C PRO H 117 33.31 11.11 -48.32
N GLU H 118 33.35 11.58 -49.56
CA GLU H 118 33.37 13.01 -49.83
C GLU H 118 32.03 13.66 -49.55
N ARG H 119 30.98 12.86 -49.48
CA ARG H 119 29.64 13.37 -49.21
C ARG H 119 29.24 13.25 -47.74
N VAL H 120 30.08 12.64 -46.92
CA VAL H 120 29.75 12.44 -45.51
C VAL H 120 30.68 13.16 -44.54
N ARG H 121 30.10 14.00 -43.70
CA ARG H 121 30.88 14.70 -42.70
C ARG H 121 31.19 13.71 -41.58
N ASN H 122 30.19 12.92 -41.22
CA ASN H 122 30.31 11.91 -40.19
C ASN H 122 29.11 10.98 -40.26
N GLY H 123 29.33 9.71 -39.96
CA GLY H 123 28.27 8.72 -40.01
C GLY H 123 27.81 8.31 -38.62
N MET H 124 26.50 8.20 -38.47
CA MET H 124 25.91 7.81 -37.20
C MET H 124 25.02 6.59 -37.37
N PRO H 125 25.63 5.42 -37.52
CA PRO H 125 24.86 4.18 -37.69
C PRO H 125 24.35 3.68 -36.35
N HIS H 126 23.13 3.14 -36.36
CA HIS H 126 22.50 2.60 -35.18
C HIS H 126 21.94 1.22 -35.49
N GLU H 127 22.38 0.23 -34.72
CA GLU H 127 21.96 -1.16 -34.88
C GLU H 127 22.02 -1.65 -36.33
N VAL H 128 23.25 -1.88 -36.77
CA VAL H 128 23.50 -2.37 -38.12
C VAL H 128 23.20 -3.85 -38.16
N PRO H 129 22.27 -4.25 -39.03
CA PRO H 129 21.92 -5.67 -39.12
C PRO H 129 23.06 -6.46 -39.75
N THR H 130 23.52 -7.49 -39.07
CA THR H 130 24.61 -8.32 -39.60
C THR H 130 24.17 -9.78 -39.66
N GLU H 131 23.08 -10.09 -38.95
CA GLU H 131 22.51 -11.42 -38.91
C GLU H 131 21.14 -11.34 -38.24
N ASN H 132 20.08 -11.64 -39.00
CA ASN H 132 18.71 -11.57 -38.50
C ASN H 132 18.42 -12.45 -37.30
N PRO H 133 17.42 -12.05 -36.50
CA PRO H 133 16.96 -12.82 -35.35
C PRO H 133 16.03 -13.93 -35.83
N ASP H 134 15.50 -14.72 -34.92
CA ASP H 134 14.62 -15.83 -35.30
C ASP H 134 13.19 -15.40 -35.58
N ILE H 135 12.87 -14.12 -35.40
CA ILE H 135 11.52 -13.66 -35.66
C ILE H 135 11.28 -13.33 -37.12
N LEU H 136 12.36 -13.29 -37.90
CA LEU H 136 12.25 -12.96 -39.32
C LEU H 136 12.81 -14.02 -40.26
N LEU H 137 13.03 -15.23 -39.77
CA LEU H 137 13.58 -16.28 -40.63
C LEU H 137 12.64 -16.70 -41.75
N HIS H 138 11.35 -16.62 -41.51
CA HIS H 138 10.35 -17.01 -42.51
C HIS H 138 9.35 -15.89 -42.75
N ILE H 139 9.73 -14.66 -42.39
CA ILE H 139 8.83 -13.51 -42.55
C ILE H 139 8.49 -13.15 -44.00
N HIS H 140 9.38 -13.49 -44.93
CA HIS H 140 9.17 -13.22 -46.34
C HIS H 140 8.35 -14.32 -47.04
N GLU H 141 7.94 -15.35 -46.30
CA GLU H 141 7.19 -16.45 -46.94
C GLU H 141 5.70 -16.44 -46.63
N VAL H 142 5.33 -15.90 -45.48
CA VAL H 142 3.94 -15.87 -45.06
C VAL H 142 3.09 -14.88 -45.86
N ASP H 143 1.80 -14.87 -45.55
CA ASP H 143 0.85 -13.99 -46.22
C ASP H 143 1.10 -12.55 -45.79
N PRO H 144 0.69 -11.58 -46.62
CA PRO H 144 0.87 -10.16 -46.34
C PRO H 144 0.22 -9.77 -45.03
N ALA H 145 -0.98 -10.28 -44.79
CA ALA H 145 -1.69 -9.95 -43.57
C ALA H 145 -1.01 -10.49 -42.32
N THR H 146 -0.30 -11.59 -42.46
CA THR H 146 0.38 -12.16 -41.30
C THR H 146 1.66 -11.38 -41.06
N ILE H 147 2.32 -11.01 -42.14
CA ILE H 147 3.54 -10.22 -42.06
C ILE H 147 3.25 -8.95 -41.31
N SER H 148 2.22 -8.23 -41.74
CA SER H 148 1.83 -6.97 -41.11
C SER H 148 1.50 -7.16 -39.64
N GLN H 149 0.84 -8.27 -39.32
CA GLN H 149 0.47 -8.53 -37.92
C GLN H 149 1.70 -8.84 -37.09
N GLU H 150 2.57 -9.69 -37.62
CA GLU H 150 3.79 -10.08 -36.91
C GLU H 150 4.75 -8.91 -36.74
N MET H 151 5.06 -8.27 -37.86
CA MET H 151 5.98 -7.14 -37.86
C MET H 151 5.48 -5.97 -37.03
N ALA H 152 4.17 -5.79 -36.98
CA ALA H 152 3.60 -4.72 -36.19
C ALA H 152 3.94 -4.93 -34.72
N ALA H 153 3.78 -6.17 -34.27
CA ALA H 153 4.07 -6.53 -32.89
C ALA H 153 5.54 -6.48 -32.58
N ASN H 154 6.36 -6.96 -33.50
CA ASN H 154 7.80 -6.97 -33.31
C ASN H 154 8.34 -5.55 -33.23
N SER H 155 7.87 -4.70 -34.12
CA SER H 155 8.31 -3.32 -34.14
C SER H 155 7.94 -2.62 -32.84
N ARG H 156 6.72 -2.83 -32.38
CA ARG H 156 6.24 -2.23 -31.14
C ARG H 156 7.08 -2.71 -29.96
N ALA H 157 7.45 -3.98 -29.99
CA ALA H 157 8.26 -4.56 -28.93
C ALA H 157 9.64 -3.93 -28.84
N ALA H 158 10.17 -3.52 -29.98
CA ALA H 158 11.49 -2.91 -30.05
C ALA H 158 11.37 -1.39 -30.08
N SER H 159 10.20 -0.86 -29.76
CA SER H 159 9.99 0.57 -29.81
C SER H 159 10.79 1.38 -28.79
N GLY H 160 11.00 0.81 -27.61
CA GLY H 160 11.72 1.49 -26.55
C GLY H 160 10.80 2.30 -25.66
N ASN H 161 9.55 2.41 -26.09
CA ASN H 161 8.52 3.15 -25.38
C ASN H 161 7.21 2.92 -26.13
N VAL H 162 6.43 1.95 -25.69
CA VAL H 162 5.18 1.62 -26.35
C VAL H 162 4.19 2.78 -26.42
N GLU H 163 4.16 3.60 -25.38
CA GLU H 163 3.26 4.75 -25.34
C GLU H 163 3.55 5.68 -26.51
N ALA H 164 4.81 6.09 -26.63
CA ALA H 164 5.22 6.98 -27.71
C ALA H 164 5.05 6.31 -29.07
N TRP H 165 5.27 5.01 -29.11
CA TRP H 165 5.15 4.25 -30.34
C TRP H 165 3.71 4.35 -30.83
N ASP H 166 2.79 4.02 -29.93
CA ASP H 166 1.37 4.06 -30.21
C ASP H 166 0.95 5.47 -30.58
N ALA H 167 1.59 6.41 -29.87
CA ALA H 167 1.33 7.83 -30.01
C ALA H 167 1.72 8.41 -31.35
N LEU H 168 2.26 7.58 -32.23
CA LEU H 168 2.62 8.03 -33.57
C LEU H 168 1.33 8.31 -34.35
N GLY H 169 0.25 7.68 -33.91
CA GLY H 169 -1.05 7.87 -34.50
C GLY H 169 -1.50 6.83 -35.51
N PRO H 170 -2.82 6.65 -35.64
CA PRO H 170 -3.42 5.69 -36.56
C PRO H 170 -3.00 5.91 -38.01
N GLU H 171 -2.83 7.15 -38.41
CA GLU H 171 -2.43 7.43 -39.78
C GLU H 171 -1.06 6.83 -40.10
N VAL H 172 -0.11 7.08 -39.21
CA VAL H 172 1.24 6.58 -39.39
C VAL H 172 1.24 5.05 -39.36
N HIS H 173 0.49 4.49 -38.43
CA HIS H 173 0.45 3.04 -38.31
C HIS H 173 -0.23 2.37 -39.48
N ALA H 174 -1.11 3.09 -40.16
CA ALA H 174 -1.79 2.54 -41.32
C ALA H 174 -0.79 2.45 -42.46
N ARG H 175 0.08 3.46 -42.55
CA ARG H 175 1.10 3.50 -43.58
C ARG H 175 2.09 2.37 -43.32
N LEU H 176 2.39 2.17 -42.05
CA LEU H 176 3.32 1.13 -41.61
C LEU H 176 2.74 -0.23 -41.94
N HIS H 177 1.43 -0.35 -41.78
CA HIS H 177 0.73 -1.60 -42.05
C HIS H 177 1.00 -2.08 -43.46
N ASP H 178 0.98 -1.16 -44.42
CA ASP H 178 1.23 -1.52 -45.81
C ASP H 178 2.71 -1.66 -46.12
N ASN H 179 3.56 -1.10 -45.26
CA ASN H 179 5.00 -1.16 -45.48
C ASN H 179 5.60 -2.51 -45.12
N TYR H 180 5.09 -3.11 -44.05
CA TYR H 180 5.59 -4.38 -43.56
C TYR H 180 5.85 -5.44 -44.64
N PRO H 181 4.83 -5.80 -45.41
CA PRO H 181 4.99 -6.79 -46.47
C PRO H 181 6.10 -6.41 -47.46
N ARG H 182 6.08 -5.18 -47.92
CA ARG H 182 7.09 -4.72 -48.85
C ARG H 182 8.49 -4.80 -48.26
N TRP H 183 8.62 -4.44 -47.00
CA TRP H 183 9.91 -4.49 -46.33
C TRP H 183 10.37 -5.93 -46.23
N ALA H 184 9.48 -6.80 -45.78
CA ALA H 184 9.77 -8.21 -45.60
C ALA H 184 10.33 -8.88 -46.86
N TYR H 185 9.75 -8.55 -48.01
CA TYR H 185 10.17 -9.15 -49.27
C TYR H 185 11.51 -8.69 -49.82
N GLY H 186 11.88 -7.44 -49.59
CA GLY H 186 13.12 -6.94 -50.12
C GLY H 186 14.25 -6.51 -49.21
N TYR H 187 14.06 -6.62 -47.90
CA TYR H 187 15.11 -6.16 -46.97
C TYR H 187 15.90 -7.20 -46.19
N PRO H 188 15.22 -7.92 -45.28
CA PRO H 188 15.75 -8.91 -44.35
C PRO H 188 16.71 -9.96 -44.92
N ARG H 189 16.49 -10.39 -46.15
CA ARG H 189 17.36 -11.40 -46.74
C ARG H 189 18.67 -10.85 -47.29
N THR H 190 18.62 -9.66 -47.89
CA THR H 190 19.81 -9.09 -48.48
C THR H 190 20.50 -8.00 -47.68
N ILE H 191 19.81 -7.43 -46.69
CA ILE H 191 20.41 -6.37 -45.90
C ILE H 191 21.61 -6.81 -45.05
N PRO H 192 21.42 -7.81 -44.18
CA PRO H 192 22.44 -8.34 -43.28
C PRO H 192 23.76 -8.71 -43.93
N PRO H 193 23.75 -9.58 -44.94
CA PRO H 193 24.99 -10.02 -45.61
C PRO H 193 25.69 -8.93 -46.40
N SER H 194 25.03 -7.80 -46.64
CA SER H 194 25.63 -6.73 -47.41
C SER H 194 26.19 -5.60 -46.54
N ALA H 195 26.15 -5.80 -45.23
CA ALA H 195 26.63 -4.81 -44.30
C ALA H 195 28.06 -4.42 -44.61
N PRO H 196 28.30 -3.13 -44.86
CA PRO H 196 29.65 -2.65 -45.15
C PRO H 196 30.44 -2.50 -43.86
N VAL H 197 30.79 -3.63 -43.25
CA VAL H 197 31.51 -3.62 -41.99
C VAL H 197 32.95 -4.10 -42.09
N LYS H 198 33.52 -4.05 -43.30
CA LYS H 198 34.90 -4.45 -43.47
C LYS H 198 35.77 -3.30 -43.02
N THR H 199 37.03 -3.59 -42.74
CA THR H 199 37.98 -2.58 -42.29
C THR H 199 38.03 -1.40 -43.24
N GLU H 200 38.03 -1.71 -44.54
CA GLU H 200 38.13 -0.69 -45.57
C GLU H 200 36.92 0.25 -45.61
N ASP H 201 35.79 -0.21 -45.10
CA ASP H 201 34.56 0.57 -45.09
C ASP H 201 34.46 1.57 -43.95
N LEU H 202 35.10 1.24 -42.84
CA LEU H 202 34.98 2.05 -41.61
C LEU H 202 35.98 3.14 -41.29
N HIS H 203 37.00 3.35 -42.12
CA HIS H 203 37.99 4.36 -41.77
C HIS H 203 38.21 5.51 -42.75
N LYS H 204 37.21 5.81 -43.58
CA LYS H 204 37.34 6.91 -44.54
C LYS H 204 36.86 8.21 -43.93
N VAL H 205 35.80 8.13 -43.13
CA VAL H 205 35.22 9.29 -42.48
C VAL H 205 34.91 8.96 -41.03
N PRO H 206 34.70 9.99 -40.20
CA PRO H 206 34.39 9.73 -38.79
C PRO H 206 33.09 8.95 -38.64
N ILE H 207 33.06 8.00 -37.73
CA ILE H 207 31.89 7.19 -37.47
C ILE H 207 31.62 7.06 -35.98
N ASP H 208 30.39 7.34 -35.58
CA ASP H 208 29.96 7.21 -34.20
C ASP H 208 28.79 6.24 -34.19
N TRP H 209 29.09 5.01 -33.78
CA TRP H 209 28.15 3.89 -33.76
C TRP H 209 27.36 3.78 -32.45
N THR H 210 26.09 3.42 -32.56
CA THR H 210 25.24 3.24 -31.39
C THR H 210 24.35 2.00 -31.47
N VAL H 211 23.92 1.54 -30.31
CA VAL H 211 23.01 0.42 -30.14
C VAL H 211 22.11 0.81 -28.97
N GLY H 212 20.84 0.43 -29.04
CA GLY H 212 19.92 0.77 -28.00
C GLY H 212 20.40 0.31 -26.65
N ALA H 213 20.34 1.19 -25.67
CA ALA H 213 20.77 0.87 -24.31
C ALA H 213 19.92 -0.24 -23.71
N SER H 214 18.66 -0.34 -24.15
CA SER H 214 17.74 -1.35 -23.64
C SER H 214 17.53 -2.51 -24.62
N THR H 215 18.14 -2.42 -25.79
CA THR H 215 18.04 -3.48 -26.77
C THR H 215 18.66 -4.73 -26.17
N PRO H 216 17.99 -5.88 -26.30
CA PRO H 216 18.56 -7.13 -25.80
C PRO H 216 19.95 -7.30 -26.39
N THR H 217 20.93 -7.58 -25.53
CA THR H 217 22.31 -7.72 -25.96
C THR H 217 22.54 -8.56 -27.21
N LYS H 218 21.88 -9.70 -27.30
CA LYS H 218 22.07 -10.58 -28.45
C LYS H 218 21.75 -9.95 -29.80
N LEU H 219 20.74 -9.11 -29.86
CA LEU H 219 20.31 -8.48 -31.11
C LEU H 219 21.40 -7.86 -31.97
N PHE H 220 22.18 -6.95 -31.39
CA PHE H 220 23.24 -6.31 -32.14
C PHE H 220 24.62 -6.48 -31.52
N PHE H 221 24.79 -7.66 -30.94
CA PHE H 221 26.01 -8.09 -30.29
C PHE H 221 27.23 -7.89 -31.18
N GLU H 222 27.14 -8.32 -32.43
CA GLU H 222 28.25 -8.19 -33.36
C GLU H 222 28.63 -6.74 -33.68
N ASN H 223 27.69 -5.81 -33.54
CA ASN H 223 27.98 -4.41 -33.81
C ASN H 223 29.07 -3.94 -32.88
N ILE H 224 28.97 -4.34 -31.62
CA ILE H 224 29.96 -3.95 -30.62
C ILE H 224 31.28 -4.66 -30.83
N VAL H 225 31.22 -5.93 -31.24
CA VAL H 225 32.41 -6.69 -31.51
C VAL H 225 33.19 -6.06 -32.64
N ILE H 226 32.49 -5.74 -33.72
CA ILE H 226 33.11 -5.13 -34.88
C ILE H 226 33.73 -3.78 -34.57
N ALA H 227 32.95 -2.89 -33.96
CA ALA H 227 33.42 -1.56 -33.62
C ALA H 227 34.61 -1.60 -32.67
N ALA H 228 34.55 -2.47 -31.69
CA ALA H 228 35.63 -2.59 -30.71
C ALA H 228 36.92 -3.02 -31.37
N ARG H 229 36.82 -3.99 -32.28
CA ARG H 229 37.98 -4.49 -32.99
C ARG H 229 38.56 -3.47 -33.93
N GLU H 230 37.71 -2.64 -34.50
CA GLU H 230 38.14 -1.64 -35.47
C GLU H 230 38.47 -0.30 -34.84
N GLY H 231 38.31 -0.20 -33.53
CA GLY H 231 38.59 1.04 -32.83
C GLY H 231 37.64 2.16 -33.22
N ILE H 232 36.40 1.80 -33.54
CA ILE H 232 35.38 2.76 -33.90
C ILE H 232 34.57 3.12 -32.66
N ASN H 233 34.28 4.40 -32.49
CA ASN H 233 33.50 4.86 -31.35
C ASN H 233 32.18 4.10 -31.31
N ILE H 234 31.86 3.51 -30.17
CA ILE H 234 30.62 2.77 -30.01
C ILE H 234 30.07 2.97 -28.61
N GLY H 235 28.78 3.25 -28.54
CA GLY H 235 28.11 3.46 -27.28
C GLY H 235 26.64 3.16 -27.41
N THR H 236 25.86 3.57 -26.42
CA THR H 236 24.43 3.33 -26.47
C THR H 236 23.63 4.62 -26.41
N LEU H 237 22.37 4.49 -26.81
CA LEU H 237 21.42 5.57 -26.76
C LEU H 237 20.22 5.04 -26.01
N PRO H 238 19.53 5.91 -25.27
CA PRO H 238 18.36 5.43 -24.53
C PRO H 238 17.38 4.78 -25.48
N GLY H 239 16.68 3.76 -25.01
CA GLY H 239 15.71 3.08 -25.84
C GLY H 239 16.23 1.85 -26.53
N ASN H 240 15.50 1.45 -27.58
CA ASN H 240 15.86 0.26 -28.33
C ASN H 240 16.19 0.55 -29.79
N HIS H 241 15.30 0.13 -30.69
CA HIS H 241 15.49 0.27 -32.13
C HIS H 241 15.07 1.63 -32.70
N PHE H 242 14.21 2.33 -31.98
CA PHE H 242 13.69 3.60 -32.45
C PHE H 242 13.91 4.74 -31.47
N PRO H 243 15.17 5.08 -31.21
CA PRO H 243 15.55 6.15 -30.27
C PRO H 243 14.90 7.47 -30.60
N TYR H 244 14.69 7.72 -31.89
CA TYR H 244 14.07 8.96 -32.35
C TYR H 244 12.60 9.06 -31.99
N VAL H 245 12.00 7.92 -31.65
CA VAL H 245 10.60 7.89 -31.26
C VAL H 245 10.45 7.81 -29.75
N SER H 246 11.22 6.93 -29.13
CA SER H 246 11.16 6.72 -27.70
C SER H 246 11.76 7.86 -26.87
N HIS H 247 12.88 8.40 -27.33
CA HIS H 247 13.55 9.49 -26.62
C HIS H 247 13.97 10.61 -27.58
N PRO H 248 12.99 11.32 -28.14
CA PRO H 248 13.29 12.39 -29.10
C PRO H 248 14.29 13.43 -28.60
N GLU H 249 14.14 13.88 -27.36
CA GLU H 249 15.04 14.89 -26.82
C GLU H 249 16.47 14.38 -26.73
N GLU H 250 16.63 13.17 -26.21
CA GLU H 250 17.95 12.57 -26.07
C GLU H 250 18.56 12.26 -27.44
N PHE H 251 17.73 11.83 -28.38
CA PHE H 251 18.18 11.52 -29.72
C PHE H 251 18.66 12.80 -30.41
N ALA H 252 17.85 13.84 -30.33
CA ALA H 252 18.18 15.11 -30.93
C ALA H 252 19.50 15.62 -30.40
N LYS H 253 19.66 15.54 -29.08
CA LYS H 253 20.87 15.98 -28.43
C LYS H 253 22.07 15.24 -28.98
N TYR H 254 21.95 13.92 -29.13
CA TYR H 254 23.02 13.10 -29.65
C TYR H 254 23.43 13.51 -31.06
N VAL H 255 22.45 13.62 -31.95
CA VAL H 255 22.73 14.00 -33.31
C VAL H 255 23.39 15.39 -33.36
N VAL H 256 22.86 16.34 -32.62
CA VAL H 256 23.42 17.69 -32.61
C VAL H 256 24.86 17.69 -32.13
N GLU H 257 25.09 17.19 -30.93
CA GLU H 257 26.41 17.16 -30.33
C GLU H 257 27.42 16.39 -31.16
N THR H 258 27.00 15.25 -31.70
CA THR H 258 27.89 14.43 -32.50
C THR H 258 28.30 15.11 -33.81
N SER H 259 27.32 15.66 -34.52
CA SER H 259 27.58 16.35 -35.77
C SER H 259 28.40 17.61 -35.53
N ARG H 260 28.01 18.35 -34.50
CA ARG H 260 28.65 19.61 -34.13
C ARG H 260 30.15 19.51 -33.91
N LYS H 261 30.61 18.40 -33.35
CA LYS H 261 32.03 18.23 -33.09
C LYS H 261 32.88 18.00 -34.34
N TYR H 262 32.24 17.77 -35.48
CA TYR H 262 32.97 17.55 -36.72
C TYR H 262 32.90 18.75 -37.65
N LEU H 263 32.26 19.82 -37.19
CA LEU H 263 32.14 21.04 -37.96
C LEU H 263 33.46 21.80 -37.93
N LYS H 264 33.85 22.34 -39.07
CA LYS H 264 35.08 23.09 -39.20
C LYS H 264 34.82 24.47 -39.79
CAO 36J I . -6.57 -23.79 0.29
CAL 36J I . -7.34 -22.49 0.48
CAM 36J I . -8.24 -22.13 -0.70
CAV 36J I . -9.39 -21.18 -0.39
CAA 36J I . -9.11 -20.26 0.77
OAP 36J I . -10.53 -22.05 -0.05
CAQ 36J I . -11.73 -21.46 0.06
OAB 36J I . -12.04 -20.51 -0.60
CAU 36J I . -12.62 -22.08 1.07
CAS 36J I . -13.61 -21.23 1.64
OAD 36J I . -13.72 -19.94 1.25
CAH 36J I . -14.47 -21.70 2.60
CAR 36J I . -14.39 -23.03 3.01
OAC 36J I . -15.25 -23.50 3.96
CAI 36J I . -13.44 -23.88 2.48
CAT 36J I . -12.55 -23.43 1.51
CAG 36J I . -11.56 -24.38 0.98
CAF 36J I . -11.59 -25.69 1.16
CAJ 36J I . -10.68 -26.67 0.49
CAK 36J I . -9.23 -26.58 0.96
CAN 36J I . -8.45 -25.47 0.24
CAW 36J I . -7.19 -25.01 0.94
OAE 36J I . -6.24 -26.09 0.97
CAO 36J J . -15.61 1.95 40.09
CAL 36J J . -14.43 1.04 40.41
CAM 36J J . -14.60 -0.38 39.89
CAV 36J J . -13.32 -1.20 39.74
CAA 36J J . -12.25 -0.81 40.73
OAP 36J J . -12.85 -0.93 38.37
CAQ 36J J . -11.85 -1.69 37.90
OAB 36J J . -11.72 -2.85 38.20
CAU 36J J . -10.89 -0.98 37.03
CAS 36J J . -9.58 -1.51 36.95
OAD 36J J . -9.26 -2.62 37.63
CAH 36J J . -8.62 -0.90 36.16
CAR 36J J . -8.94 0.23 35.45
OAC 36J J . -7.99 0.83 34.67
CAI 36J J . -10.21 0.79 35.51
CAT 36J J . -11.20 0.20 36.29
CAG 36J J . -12.53 0.84 36.32
CAF 36J J . -13.06 1.62 35.40
CAJ 36J J . -14.46 2.15 35.41
CAK 36J J . -14.75 3.12 36.54
CAN 36J J . -15.65 2.55 37.62
CAW 36J J . -15.33 3.01 39.04
OAE 36J J . -16.09 4.19 39.34
C1 PEG K . 3.29 -6.74 32.52
O1 PEG K . 3.20 -6.42 33.92
C2 PEG K . 2.82 -8.16 32.26
O2 PEG K . 1.66 -8.17 31.44
C3 PEG K . 1.94 -8.12 30.05
C4 PEG K . 1.17 -6.98 29.39
O4 PEG K . 0.53 -7.41 28.20
C1 PEG L . -22.47 1.98 53.44
O1 PEG L . -23.13 1.09 54.33
C2 PEG L . -21.55 1.19 52.53
O2 PEG L . -22.01 1.30 51.19
C3 PEG L . -21.69 2.57 50.64
C4 PEG L . -20.29 2.96 51.04
O4 PEG L . -19.95 4.17 50.37
CAO 36J M . -0.76 -49.37 -8.64
CAL 36J M . -1.15 -50.79 -9.03
CAM 36J M . -2.46 -51.25 -8.41
CAV 36J M . -3.13 -52.44 -9.07
CAA 36J M . -2.18 -53.29 -9.89
OAP 36J M . -4.16 -51.87 -9.94
CAQ 36J M . -4.93 -52.72 -10.62
OAB 36J M . -5.26 -53.80 -10.18
CAU 36J M . -5.31 -52.26 -11.98
CAS 36J M . -5.71 -53.26 -12.90
OAD 36J M . -5.77 -54.56 -12.52
CAH 36J M . -6.08 -52.94 -14.19
CAR 36J M . -6.05 -51.62 -14.60
OAC 36J M . -6.39 -51.29 -15.88
CAI 36J M . -5.65 -50.61 -13.73
CAT 36J M . -5.28 -50.91 -12.42
CAG 36J M . -4.87 -49.80 -11.55
CAF 36J M . -5.29 -48.55 -11.69
CAJ 36J M . -4.79 -47.35 -10.95
CAK 36J M . -3.27 -47.31 -10.82
CAN 36J M . -2.74 -48.23 -9.72
CAW 36J M . -1.23 -48.28 -9.59
OAE 36J M . -0.74 -47.00 -9.15
CAO 36J N . -35.52 14.04 25.60
CAL 36J N . -36.36 14.64 24.47
CAM 36J N . -35.56 15.04 23.24
CAV 36J N . -36.29 15.00 21.92
CAA 36J N . -37.77 15.30 22.04
OAP 36J N . -36.12 13.62 21.43
CAQ 36J N . -36.43 13.38 20.15
OAB 36J N . -36.34 14.20 19.29
CAU 36J N . -36.95 12.02 19.91
CAS 36J N . -37.81 11.85 18.79
OAD 36J N . -38.11 12.89 18.00
CAH 36J N . -38.35 10.61 18.50
CAR 36J N . -38.06 9.52 19.29
OAC 36J N . -38.60 8.30 19.00
CAI 36J N . -37.23 9.65 20.39
CAT 36J N . -36.67 10.88 20.72
CAG 36J N . -35.79 10.94 21.90
CAF 36J N . -35.19 9.93 22.48
CAJ 36J N . -34.16 10.01 23.56
CAK 36J N . -34.75 10.32 24.93
CAN 36J N . -34.47 11.74 25.40
CAW 36J N . -35.69 12.54 25.80
OAE 36J N . -36.01 12.27 27.18
CAO 36J O . 21.25 -7.96 -10.05
CAL 36J O . 21.83 -8.33 -8.68
CAM 36J O . 22.50 -9.69 -8.65
CAV 36J O . 23.83 -9.76 -7.92
CAA 36J O . 23.82 -9.02 -6.60
OAP 36J O . 24.80 -9.12 -8.83
CAQ 36J O . 26.11 -9.32 -8.58
OAB 36J O . 26.56 -10.39 -8.28
CAU 36J O . 26.94 -8.10 -8.68
CAS 36J O . 28.06 -8.01 -7.83
OAD 36J O . 28.37 -9.02 -6.98
CAH 36J O . 28.89 -6.91 -7.83
CAR 36J O . 28.61 -5.85 -8.69
OAC 36J O . 29.43 -4.76 -8.70
CAI 36J O . 27.51 -5.89 -9.54
CAT 36J O . 26.66 -7.00 -9.55
CAG 36J O . 25.52 -6.97 -10.47
CAF 36J O . 25.34 -6.12 -11.46
CAJ 36J O . 24.21 -6.13 -12.44
CAK 36J O . 22.95 -5.44 -11.92
CAN 36J O . 22.57 -5.84 -10.50
CAW 36J O . 21.21 -6.47 -10.36
OAE 36J O . 20.46 -6.26 -11.56
CAO 36J P . 11.18 25.89 -2.49
CAL 36J P . 10.36 24.60 -2.39
CAM 36J P . 10.54 23.88 -1.07
CAV 36J P . 9.36 23.05 -0.61
CAA 36J P . 8.74 22.22 -1.71
OAP 36J P . 8.37 24.02 -0.14
CAQ 36J P . 7.28 23.55 0.50
OAB 36J P . 7.32 22.59 1.23
CAU 36J P . 6.05 24.30 0.21
CAS 36J P . 4.82 23.61 0.37
OAD 36J P . 4.79 22.32 0.78
CAH 36J P . 3.61 24.23 0.11
CAR 36J P . 3.59 25.55 -0.31
OAC 36J P . 2.40 26.16 -0.56
CAI 36J P . 4.77 26.26 -0.47
CAT 36J P . 6.01 25.66 -0.21
CAG 36J P . 7.22 26.47 -0.40
CAF 36J P . 7.31 27.78 -0.48
CAJ 36J P . 8.57 28.59 -0.36
CAK 36J P . 9.37 28.71 -1.65
CAN 36J P . 9.23 27.51 -2.57
CAW 36J P . 10.52 27.03 -3.23
OAE 36J P . 11.45 28.13 -3.35
CAO 36J Q . 22.56 49.88 3.04
CAL 36J Q . 23.13 51.18 2.47
CAM 36J Q . 23.43 52.24 3.53
CAV 36J Q . 22.37 53.31 3.73
CAA 36J Q . 22.95 54.67 4.01
OAP 36J Q . 21.59 52.87 4.89
CAQ 36J Q . 21.07 53.83 5.69
OAB 36J Q . 20.54 54.82 5.27
CAU 36J Q . 21.25 53.55 7.14
CAS 36J Q . 21.29 54.67 7.99
OAD 36J Q . 21.15 55.93 7.53
CAH 36J Q . 21.45 54.51 9.36
CAR 36J Q . 21.58 53.25 9.90
OAC 36J Q . 21.74 53.08 11.24
CAI 36J Q . 21.54 52.12 9.08
CAT 36J Q . 21.37 52.25 7.70
CAG 36J Q . 21.35 51.02 6.89
CAF 36J Q . 20.63 49.95 7.18
CAJ 36J Q . 20.78 48.57 6.60
CAK 36J Q . 21.36 48.55 5.20
CAN 36J Q . 22.88 48.53 5.17
CAW 36J Q . 23.52 49.07 3.90
OAE 36J Q . 24.08 47.99 3.13
CAO 36J R . 11.43 -4.75 -35.76
CAL 36J R . 11.63 -4.27 -37.20
CAM 36J R . 12.27 -2.90 -37.30
CAV 36J R . 12.91 -2.55 -38.63
CAA 36J R . 12.00 -2.76 -39.81
OAP 36J R . 14.06 -3.45 -38.75
CAQ 36J R . 14.91 -3.23 -39.78
OAB 36J R . 14.99 -2.15 -40.32
CAU 36J R . 15.68 -4.42 -40.21
CAS 36J R . 16.09 -4.45 -41.56
OAD 36J R . 15.80 -3.43 -42.40
CAH 36J R . 16.81 -5.52 -42.06
CAR 36J R . 17.13 -6.58 -41.23
OAC 36J R . 17.84 -7.64 -41.73
CAI 36J R . 16.74 -6.58 -39.90
CAT 36J R . 16.01 -5.52 -39.36
CAG 36J R . 15.65 -5.58 -37.94
CAF 36J R . 16.46 -5.98 -36.98
CAJ 36J R . 16.18 -6.11 -35.53
CAK 36J R . 14.79 -6.61 -35.19
CAN 36J R . 13.76 -5.49 -35.08
CAW 36J R . 12.32 -5.90 -35.33
OAE 36J R . 11.79 -6.51 -34.15
#